data_2LT5
#
_entry.id   2LT5
#
_entity_poly.entity_id   1
_entity_poly.type   'polypeptide(L)'
_entity_poly.pdbx_seq_one_letter_code
;RPCKYKLKKSTNKFCVTCENQAPVHFVGVGSCGSGGSGIFLETSLSAGSDWLTFQKKHITNTRDVDCDNIMSTNLFHCKD
KNTFIYSRPEPVKAICKGIIASKNVLTTSEFYLSDCNVTS
;
_entity_poly.pdbx_strand_id   A
#
# COMPACT_ATOMS: atom_id res chain seq x y z
N ARG A 1 12.52 18.43 -6.12
CA ARG A 1 13.32 17.32 -5.54
C ARG A 1 13.30 17.38 -4.00
N PRO A 2 12.39 16.67 -3.30
CA PRO A 2 12.30 16.75 -1.83
C PRO A 2 13.46 16.05 -1.12
N CYS A 3 13.72 14.79 -1.45
CA CYS A 3 14.72 13.90 -0.85
C CYS A 3 15.35 13.00 -1.92
N LYS A 4 16.33 12.16 -1.53
CA LYS A 4 17.05 11.24 -2.42
C LYS A 4 16.57 9.80 -2.22
N TYR A 5 16.17 9.14 -3.30
CA TYR A 5 15.65 7.76 -3.29
C TYR A 5 16.30 6.90 -4.41
N LYS A 6 16.32 5.58 -4.23
CA LYS A 6 16.81 4.59 -5.19
C LYS A 6 15.67 3.90 -5.97
N LEU A 7 15.98 3.43 -7.17
CA LEU A 7 15.04 2.89 -8.15
C LEU A 7 14.69 1.42 -7.86
N LYS A 8 13.44 1.15 -7.47
CA LYS A 8 12.86 -0.18 -7.27
C LYS A 8 11.50 -0.29 -7.95
N LYS A 9 11.37 -1.23 -8.89
CA LYS A 9 10.10 -1.63 -9.56
C LYS A 9 9.96 -3.16 -9.57
N SER A 10 8.72 -3.64 -9.55
CA SER A 10 8.36 -5.06 -9.64
C SER A 10 6.99 -5.26 -10.31
N THR A 11 6.60 -6.51 -10.54
CA THR A 11 5.26 -6.88 -11.01
C THR A 11 4.77 -8.15 -10.34
N ASN A 12 3.85 -8.02 -9.37
CA ASN A 12 3.40 -9.11 -8.49
C ASN A 12 2.12 -8.75 -7.71
N LYS A 13 1.55 -9.74 -7.00
CA LYS A 13 0.47 -9.61 -6.01
C LYS A 13 0.88 -8.82 -4.76
N PHE A 14 -0.09 -8.55 -3.90
CA PHE A 14 0.05 -7.84 -2.62
C PHE A 14 -0.88 -8.45 -1.56
N CYS A 15 -0.52 -8.26 -0.29
CA CYS A 15 -1.31 -8.67 0.87
C CYS A 15 -1.83 -7.47 1.68
N VAL A 16 -3.02 -7.62 2.24
CA VAL A 16 -3.78 -6.59 2.99
C VAL A 16 -4.64 -7.21 4.11
N THR A 17 -5.40 -6.39 4.87
CA THR A 17 -6.37 -6.85 5.90
C THR A 17 -7.78 -6.28 5.65
N CYS A 18 -8.77 -7.14 5.45
CA CYS A 18 -10.18 -6.76 5.28
C CYS A 18 -10.88 -6.61 6.63
N GLU A 19 -11.59 -5.51 6.82
CA GLU A 19 -12.39 -5.24 8.01
C GLU A 19 -13.71 -4.56 7.58
N ASN A 20 -14.82 -5.29 7.77
CA ASN A 20 -16.16 -4.92 7.26
C ASN A 20 -16.19 -4.78 5.71
N GLN A 21 -15.81 -5.87 5.02
CA GLN A 21 -15.93 -6.09 3.56
C GLN A 21 -15.10 -5.15 2.69
N ALA A 22 -14.01 -4.61 3.23
CA ALA A 22 -13.14 -3.63 2.57
C ALA A 22 -11.76 -3.63 3.25
N PRO A 23 -10.66 -3.63 2.49
CA PRO A 23 -9.29 -3.62 3.03
C PRO A 23 -8.85 -2.24 3.55
N VAL A 24 -8.69 -2.14 4.87
CA VAL A 24 -8.29 -0.93 5.61
C VAL A 24 -6.88 -1.03 6.20
N HIS A 25 -6.04 -1.98 5.76
CA HIS A 25 -4.65 -2.11 6.22
C HIS A 25 -3.78 -2.76 5.14
N PHE A 26 -2.58 -2.26 4.92
CA PHE A 26 -1.58 -2.94 4.10
C PHE A 26 -0.89 -4.05 4.94
N VAL A 27 -0.39 -5.10 4.29
CA VAL A 27 0.39 -6.18 4.95
C VAL A 27 1.74 -6.43 4.27
N GLY A 28 1.80 -6.56 2.94
CA GLY A 28 3.04 -6.92 2.25
C GLY A 28 2.91 -7.06 0.73
N VAL A 29 4.01 -7.49 0.10
CA VAL A 29 4.18 -7.60 -1.36
C VAL A 29 4.61 -9.02 -1.73
N GLY A 30 3.83 -9.71 -2.56
CA GLY A 30 4.06 -11.12 -2.94
C GLY A 30 3.97 -12.15 -1.79
N SER A 31 3.60 -11.70 -0.58
CA SER A 31 3.50 -12.49 0.67
C SER A 31 2.77 -11.68 1.75
N CYS A 32 2.32 -12.34 2.82
CA CYS A 32 1.72 -11.74 4.01
C CYS A 32 2.70 -11.79 5.21
N GLY A 33 3.16 -10.62 5.67
CA GLY A 33 4.08 -10.47 6.80
C GLY A 33 3.36 -10.39 8.14
N SER A 34 3.62 -11.32 9.06
CA SER A 34 3.03 -11.44 10.39
C SER A 34 3.21 -10.18 11.25
N GLY A 35 2.13 -9.75 11.93
CA GLY A 35 2.04 -8.50 12.70
C GLY A 35 2.12 -8.65 14.24
N GLY A 36 2.56 -9.82 14.73
CA GLY A 36 2.56 -10.21 16.15
C GLY A 36 3.63 -9.55 17.05
N SER A 37 4.00 -8.29 16.77
CA SER A 37 4.99 -7.48 17.52
C SER A 37 4.48 -6.06 17.78
N GLY A 38 5.16 -5.31 18.65
CA GLY A 38 4.82 -3.94 19.07
C GLY A 38 5.15 -2.82 18.06
N ILE A 39 5.44 -3.17 16.80
CA ILE A 39 5.85 -2.25 15.73
C ILE A 39 4.72 -1.26 15.39
N PHE A 40 5.10 0.00 15.15
CA PHE A 40 4.20 1.12 14.84
C PHE A 40 4.75 2.05 13.73
N LEU A 41 5.73 1.58 12.95
CA LEU A 41 6.37 2.34 11.86
C LEU A 41 5.46 2.44 10.61
N GLU A 42 4.46 1.56 10.51
CA GLU A 42 3.43 1.55 9.47
C GLU A 42 2.38 2.67 9.63
N THR A 43 1.53 2.85 8.62
CA THR A 43 0.46 3.88 8.63
C THR A 43 -0.72 3.50 9.55
N SER A 44 -0.94 2.19 9.78
CA SER A 44 -2.04 1.61 10.58
C SER A 44 -3.42 2.26 10.35
N LEU A 45 -3.93 2.16 9.11
CA LEU A 45 -5.24 2.69 8.69
C LEU A 45 -6.46 2.01 9.36
N SER A 46 -6.26 0.96 10.17
CA SER A 46 -7.31 0.29 10.96
C SER A 46 -8.02 1.21 11.97
N ALA A 47 -7.27 2.10 12.64
CA ALA A 47 -7.77 3.00 13.67
C ALA A 47 -7.56 4.47 13.26
N GLY A 48 -8.67 5.16 12.95
CA GLY A 48 -8.70 6.55 12.50
C GLY A 48 -8.73 6.75 10.98
N SER A 49 -8.76 5.68 10.18
CA SER A 49 -8.90 5.72 8.71
C SER A 49 -9.85 4.62 8.22
N ASP A 50 -9.90 4.41 6.90
CA ASP A 50 -10.81 3.50 6.21
C ASP A 50 -10.18 3.05 4.88
N TRP A 51 -10.82 2.09 4.21
CA TRP A 51 -10.56 1.70 2.82
C TRP A 51 -10.68 2.89 1.86
N LEU A 52 -11.63 3.79 2.13
CA LEU A 52 -11.92 5.01 1.37
C LEU A 52 -10.73 5.97 1.26
N THR A 53 -9.80 5.93 2.23
CA THR A 53 -8.54 6.69 2.23
C THR A 53 -7.29 5.83 1.99
N PHE A 54 -7.33 4.52 2.29
CA PHE A 54 -6.29 3.52 1.96
C PHE A 54 -5.87 3.57 0.49
N GLN A 55 -6.84 3.71 -0.41
CA GLN A 55 -6.63 3.91 -1.84
C GLN A 55 -5.75 5.13 -2.10
N LYS A 56 -6.19 6.33 -1.72
CA LYS A 56 -5.40 7.56 -1.93
C LYS A 56 -4.03 7.54 -1.24
N LYS A 57 -3.88 6.77 -0.15
CA LYS A 57 -2.64 6.69 0.63
C LYS A 57 -1.45 6.13 -0.16
N HIS A 58 -1.58 4.95 -0.78
CA HIS A 58 -0.48 4.28 -1.51
C HIS A 58 -0.93 3.45 -2.72
N ILE A 59 -2.09 3.73 -3.31
CA ILE A 59 -2.60 3.09 -4.54
C ILE A 59 -2.92 4.17 -5.58
N THR A 60 -2.79 3.83 -6.86
CA THR A 60 -3.16 4.72 -7.98
C THR A 60 -3.73 3.96 -9.18
N ASN A 61 -4.62 4.61 -9.93
CA ASN A 61 -5.10 4.19 -11.25
C ASN A 61 -4.16 4.62 -12.40
N THR A 62 -3.05 5.33 -12.09
CA THR A 62 -2.02 5.77 -13.04
C THR A 62 -0.72 6.16 -12.31
N ARG A 63 0.34 5.35 -12.43
CA ARG A 63 1.67 5.71 -11.90
C ARG A 63 2.27 6.88 -12.69
N ASP A 64 2.33 8.05 -12.05
CA ASP A 64 3.02 9.26 -12.54
C ASP A 64 4.22 9.65 -11.64
N VAL A 65 4.56 8.82 -10.66
CA VAL A 65 5.61 9.06 -9.66
C VAL A 65 7.01 8.88 -10.26
N ASP A 66 7.92 9.81 -9.94
CA ASP A 66 9.33 9.82 -10.33
C ASP A 66 10.30 9.94 -9.13
N CYS A 67 9.77 9.95 -7.90
CA CYS A 67 10.49 10.05 -6.62
C CYS A 67 11.39 11.30 -6.47
N ASP A 68 10.98 12.40 -7.12
CA ASP A 68 11.62 13.72 -7.17
C ASP A 68 10.59 14.88 -7.24
N ASN A 69 9.33 14.62 -7.64
CA ASN A 69 8.24 15.60 -7.76
C ASN A 69 7.14 15.42 -6.69
N ILE A 70 7.23 14.39 -5.83
CA ILE A 70 6.26 14.09 -4.75
C ILE A 70 6.20 15.16 -3.64
N MET A 71 7.07 16.17 -3.73
CA MET A 71 6.91 17.47 -3.05
C MET A 71 5.56 18.17 -3.37
N SER A 72 4.98 17.91 -4.54
CA SER A 72 3.71 18.47 -5.00
C SER A 72 2.47 17.66 -4.57
N THR A 73 2.62 16.34 -4.34
CA THR A 73 1.54 15.43 -3.92
C THR A 73 1.40 15.39 -2.39
N ASN A 74 0.47 14.58 -1.87
CA ASN A 74 0.28 14.37 -0.42
C ASN A 74 1.47 13.69 0.28
N LEU A 75 2.38 13.07 -0.47
CA LEU A 75 3.52 12.26 0.00
C LEU A 75 4.81 13.07 0.23
N PHE A 76 4.72 14.39 0.36
CA PHE A 76 5.82 15.35 0.54
C PHE A 76 6.57 15.23 1.87
N HIS A 77 6.05 14.40 2.79
CA HIS A 77 6.48 14.18 4.18
C HIS A 77 7.91 13.65 4.36
N CYS A 78 8.64 13.39 3.28
CA CYS A 78 9.99 12.81 3.26
C CYS A 78 10.12 11.52 4.12
N LYS A 79 9.21 10.57 3.89
CA LYS A 79 9.25 9.21 4.44
C LYS A 79 10.51 8.44 4.03
N ASP A 80 10.78 7.31 4.69
CA ASP A 80 11.90 6.41 4.41
C ASP A 80 11.67 5.54 3.15
N LYS A 81 10.41 5.22 2.86
CA LYS A 81 9.92 4.61 1.61
C LYS A 81 8.40 4.75 1.48
N ASN A 82 7.85 4.43 0.31
CA ASN A 82 6.44 4.08 0.12
C ASN A 82 6.29 2.99 -0.95
N THR A 83 5.14 2.32 -0.97
CA THR A 83 4.84 1.19 -1.89
C THR A 83 3.56 1.50 -2.67
N PHE A 84 3.72 2.10 -3.85
CA PHE A 84 2.61 2.42 -4.76
C PHE A 84 2.15 1.19 -5.54
N ILE A 85 0.87 0.83 -5.41
CA ILE A 85 0.20 -0.21 -6.19
C ILE A 85 -0.49 0.47 -7.38
N TYR A 86 -0.07 0.17 -8.61
CA TYR A 86 -0.81 0.53 -9.82
C TYR A 86 -1.86 -0.56 -10.14
N SER A 87 -3.08 -0.38 -9.60
CA SER A 87 -4.25 -1.23 -9.88
C SER A 87 -5.56 -0.42 -9.87
N ARG A 88 -6.67 -1.06 -10.30
CA ARG A 88 -8.04 -0.59 -10.07
C ARG A 88 -8.48 -0.93 -8.63
N PRO A 89 -9.54 -0.31 -8.08
CA PRO A 89 -10.02 -0.64 -6.74
C PRO A 89 -10.73 -2.01 -6.64
N GLU A 90 -11.29 -2.53 -7.75
CA GLU A 90 -12.03 -3.80 -7.78
C GLU A 90 -11.19 -5.01 -7.33
N PRO A 91 -10.01 -5.31 -7.93
CA PRO A 91 -9.16 -6.44 -7.53
C PRO A 91 -8.49 -6.29 -6.15
N VAL A 92 -8.69 -5.16 -5.47
CA VAL A 92 -8.23 -4.88 -4.10
C VAL A 92 -9.38 -5.12 -3.12
N LYS A 93 -10.53 -4.46 -3.33
CA LYS A 93 -11.70 -4.57 -2.43
C LYS A 93 -12.33 -5.96 -2.44
N ALA A 94 -12.50 -6.55 -3.63
CA ALA A 94 -13.24 -7.80 -3.85
C ALA A 94 -12.48 -9.07 -3.44
N ILE A 95 -11.20 -8.95 -3.01
CA ILE A 95 -10.44 -10.06 -2.42
C ILE A 95 -11.20 -10.68 -1.24
N CYS A 96 -11.93 -9.85 -0.47
CA CYS A 96 -12.85 -10.28 0.58
C CYS A 96 -14.34 -10.05 0.21
N LYS A 97 -15.22 -10.80 0.89
CA LYS A 97 -16.68 -10.71 0.76
C LYS A 97 -17.38 -11.23 2.03
N GLY A 98 -17.96 -10.34 2.82
CA GLY A 98 -18.64 -10.66 4.09
C GLY A 98 -17.72 -10.71 5.33
N ILE A 99 -16.42 -10.44 5.16
CA ILE A 99 -15.42 -10.51 6.23
C ILE A 99 -15.52 -9.30 7.18
N ILE A 100 -15.77 -9.60 8.47
CA ILE A 100 -15.79 -8.66 9.59
C ILE A 100 -14.59 -8.91 10.55
N ALA A 101 -13.92 -10.06 10.40
CA ALA A 101 -12.92 -10.63 11.31
C ALA A 101 -11.53 -9.93 11.34
N SER A 102 -11.34 -8.82 10.63
CA SER A 102 -10.06 -8.12 10.45
C SER A 102 -8.94 -9.06 9.92
N LYS A 103 -9.13 -9.57 8.69
CA LYS A 103 -8.21 -10.50 7.97
C LYS A 103 -8.45 -10.44 6.47
N ASN A 104 -7.45 -10.71 5.63
CA ASN A 104 -7.63 -11.02 4.21
C ASN A 104 -6.74 -12.21 3.80
N VAL A 105 -6.64 -12.46 2.49
CA VAL A 105 -5.67 -13.36 1.87
C VAL A 105 -4.84 -12.59 0.84
N LEU A 106 -3.60 -13.00 0.62
CA LEU A 106 -2.77 -12.54 -0.51
C LEU A 106 -3.53 -12.70 -1.85
N THR A 107 -3.41 -11.69 -2.73
CA THR A 107 -3.94 -11.73 -4.10
C THR A 107 -3.30 -12.85 -4.94
N THR A 108 -3.74 -13.05 -6.19
CA THR A 108 -3.20 -14.08 -7.11
C THR A 108 -2.57 -13.49 -8.39
N SER A 109 -3.01 -12.30 -8.82
CA SER A 109 -2.61 -11.66 -10.08
C SER A 109 -1.37 -10.78 -9.91
N GLU A 110 -0.76 -10.31 -11.01
CA GLU A 110 0.49 -9.56 -11.00
C GLU A 110 0.30 -8.11 -11.46
N PHE A 111 0.30 -7.18 -10.49
CA PHE A 111 0.05 -5.74 -10.67
C PHE A 111 1.39 -4.98 -10.71
N TYR A 112 1.40 -3.78 -11.28
CA TYR A 112 2.60 -2.94 -11.31
C TYR A 112 2.91 -2.39 -9.91
N LEU A 113 3.96 -2.93 -9.28
CA LEU A 113 4.43 -2.51 -7.97
C LEU A 113 5.59 -1.49 -8.09
N SER A 114 5.39 -0.32 -7.48
CA SER A 114 6.28 0.83 -7.54
C SER A 114 6.71 1.25 -6.13
N ASP A 115 7.81 0.67 -5.66
CA ASP A 115 8.51 1.12 -4.45
C ASP A 115 9.44 2.31 -4.75
N CYS A 116 9.84 3.03 -3.71
CA CYS A 116 10.98 3.95 -3.71
C CYS A 116 11.53 4.03 -2.28
N ASN A 117 12.84 3.81 -2.11
CA ASN A 117 13.51 3.71 -0.81
C ASN A 117 14.58 4.80 -0.68
N VAL A 118 14.68 5.45 0.47
CA VAL A 118 15.64 6.56 0.70
C VAL A 118 17.10 6.10 0.54
N THR A 119 17.97 7.00 0.07
CA THR A 119 19.42 6.83 -0.01
C THR A 119 20.16 8.10 0.44
N SER A 120 20.52 8.12 1.73
CA SER A 120 21.27 9.21 2.41
C SER A 120 22.70 9.37 1.87
N ARG A 1 12.36 18.26 -6.02
CA ARG A 1 13.29 17.17 -5.61
C ARG A 1 13.39 17.11 -4.08
N PRO A 2 12.41 16.48 -3.38
CA PRO A 2 12.29 16.64 -1.92
C PRO A 2 13.36 15.86 -1.14
N CYS A 3 13.58 14.60 -1.52
CA CYS A 3 14.50 13.65 -0.89
C CYS A 3 15.11 12.74 -1.98
N LYS A 4 16.11 11.92 -1.62
CA LYS A 4 16.79 11.00 -2.55
C LYS A 4 16.28 9.56 -2.35
N TYR A 5 15.90 8.89 -3.44
CA TYR A 5 15.37 7.53 -3.45
C TYR A 5 16.03 6.66 -4.53
N LYS A 6 16.03 5.33 -4.36
CA LYS A 6 16.53 4.34 -5.33
C LYS A 6 15.39 3.69 -6.14
N LEU A 7 15.72 3.27 -7.37
CA LEU A 7 14.81 2.61 -8.31
C LEU A 7 14.52 1.15 -7.90
N LYS A 8 13.24 0.85 -7.68
CA LYS A 8 12.71 -0.50 -7.41
C LYS A 8 11.35 -0.68 -8.09
N LYS A 9 11.28 -1.61 -9.05
CA LYS A 9 10.06 -1.99 -9.81
C LYS A 9 9.90 -3.51 -9.85
N SER A 10 8.65 -3.99 -9.87
CA SER A 10 8.27 -5.42 -9.94
C SER A 10 6.88 -5.60 -10.56
N THR A 11 6.46 -6.86 -10.75
CA THR A 11 5.10 -7.22 -11.18
C THR A 11 4.62 -8.47 -10.43
N ASN A 12 3.79 -8.28 -9.39
CA ASN A 12 3.24 -9.36 -8.56
C ASN A 12 2.00 -8.94 -7.74
N LYS A 13 1.45 -9.90 -6.97
CA LYS A 13 0.33 -9.77 -6.00
C LYS A 13 0.70 -8.96 -4.74
N PHE A 14 -0.29 -8.64 -3.91
CA PHE A 14 -0.18 -7.82 -2.69
C PHE A 14 -1.08 -8.34 -1.56
N CYS A 15 -0.57 -8.28 -0.33
CA CYS A 15 -1.34 -8.64 0.88
C CYS A 15 -1.81 -7.39 1.63
N VAL A 16 -3.02 -7.48 2.18
CA VAL A 16 -3.77 -6.41 2.86
C VAL A 16 -4.65 -6.98 4.01
N THR A 17 -5.41 -6.14 4.72
CA THR A 17 -6.37 -6.58 5.75
C THR A 17 -7.78 -6.03 5.49
N CYS A 18 -8.77 -6.89 5.25
CA CYS A 18 -10.18 -6.50 5.10
C CYS A 18 -10.88 -6.41 6.46
N GLU A 19 -11.59 -5.30 6.67
CA GLU A 19 -12.35 -5.02 7.89
C GLU A 19 -13.66 -4.34 7.49
N ASN A 20 -14.78 -5.04 7.68
CA ASN A 20 -16.12 -4.69 7.17
C ASN A 20 -16.15 -4.59 5.62
N GLN A 21 -15.76 -5.70 4.97
CA GLN A 21 -15.90 -5.99 3.52
C GLN A 21 -15.08 -5.07 2.60
N ALA A 22 -14.00 -4.48 3.11
CA ALA A 22 -13.18 -3.50 2.42
C ALA A 22 -11.78 -3.47 3.06
N PRO A 23 -10.70 -3.50 2.26
CA PRO A 23 -9.33 -3.48 2.76
C PRO A 23 -8.89 -2.08 3.21
N VAL A 24 -8.81 -1.89 4.53
CA VAL A 24 -8.41 -0.63 5.19
C VAL A 24 -6.96 -0.67 5.69
N HIS A 25 -6.12 -1.62 5.24
CA HIS A 25 -4.74 -1.77 5.75
C HIS A 25 -3.83 -2.48 4.75
N PHE A 26 -2.53 -2.12 4.72
CA PHE A 26 -1.51 -2.76 3.90
C PHE A 26 -0.65 -3.73 4.74
N VAL A 27 -0.38 -4.93 4.22
CA VAL A 27 0.45 -5.95 4.89
C VAL A 27 1.81 -6.15 4.20
N GLY A 28 1.83 -6.43 2.88
CA GLY A 28 3.06 -6.74 2.16
C GLY A 28 2.88 -7.01 0.67
N VAL A 29 3.95 -7.42 0.00
CA VAL A 29 4.02 -7.65 -1.45
C VAL A 29 4.48 -9.09 -1.72
N GLY A 30 3.73 -9.84 -2.54
CA GLY A 30 3.99 -11.26 -2.83
C GLY A 30 3.90 -12.23 -1.63
N SER A 31 3.50 -11.75 -0.45
CA SER A 31 3.45 -12.47 0.84
C SER A 31 2.67 -11.67 1.90
N CYS A 32 2.20 -12.34 2.95
CA CYS A 32 1.56 -11.75 4.14
C CYS A 32 2.49 -11.83 5.37
N GLY A 33 3.05 -10.70 5.79
CA GLY A 33 4.01 -10.60 6.91
C GLY A 33 3.36 -10.60 8.30
N SER A 34 2.75 -11.73 8.69
CA SER A 34 2.17 -11.93 10.02
C SER A 34 3.24 -12.03 11.13
N GLY A 35 2.84 -11.75 12.39
CA GLY A 35 3.70 -11.83 13.58
C GLY A 35 4.86 -10.82 13.61
N GLY A 36 5.78 -11.01 14.56
CA GLY A 36 7.04 -10.25 14.71
C GLY A 36 7.21 -9.64 16.10
N SER A 37 6.92 -8.34 16.22
CA SER A 37 7.13 -7.52 17.44
C SER A 37 6.06 -6.42 17.59
N GLY A 38 5.97 -5.82 18.78
CA GLY A 38 4.93 -4.87 19.21
C GLY A 38 5.10 -3.44 18.71
N ILE A 39 5.35 -3.27 17.40
CA ILE A 39 5.54 -1.97 16.73
C ILE A 39 4.20 -1.26 16.54
N PHE A 40 4.25 0.07 16.63
CA PHE A 40 3.11 1.00 16.53
C PHE A 40 3.41 2.26 15.70
N LEU A 41 4.58 2.32 15.05
CA LEU A 41 5.07 3.44 14.24
C LEU A 41 4.35 3.57 12.88
N GLU A 42 3.58 2.55 12.48
CA GLU A 42 2.80 2.49 11.25
C GLU A 42 1.63 3.49 11.21
N THR A 43 1.08 3.70 10.02
CA THR A 43 -0.12 4.55 9.81
C THR A 43 -1.37 3.91 10.41
N SER A 44 -1.47 2.57 10.38
CA SER A 44 -2.57 1.76 10.93
C SER A 44 -3.97 2.27 10.55
N LEU A 45 -4.24 2.34 9.24
CA LEU A 45 -5.49 2.85 8.64
C LEU A 45 -6.79 2.17 9.15
N SER A 46 -6.69 1.01 9.80
CA SER A 46 -7.75 0.34 10.58
C SER A 46 -8.37 1.25 11.67
N ALA A 47 -7.57 2.18 12.24
CA ALA A 47 -7.99 3.13 13.27
C ALA A 47 -7.71 4.58 12.84
N GLY A 48 -8.77 5.35 12.57
CA GLY A 48 -8.70 6.75 12.14
C GLY A 48 -8.63 6.97 10.62
N SER A 49 -8.75 5.90 9.81
CA SER A 49 -8.86 5.96 8.34
C SER A 49 -9.90 4.95 7.83
N ASP A 50 -9.91 4.71 6.52
CA ASP A 50 -10.84 3.82 5.82
C ASP A 50 -10.18 3.28 4.53
N TRP A 51 -10.86 2.35 3.88
CA TRP A 51 -10.61 1.88 2.52
C TRP A 51 -10.64 3.03 1.49
N LEU A 52 -11.56 4.00 1.68
CA LEU A 52 -11.75 5.16 0.81
C LEU A 52 -10.46 6.00 0.70
N THR A 53 -9.77 6.23 1.82
CA THR A 53 -8.46 6.91 1.90
C THR A 53 -7.28 5.98 1.62
N PHE A 54 -7.36 4.68 1.93
CA PHE A 54 -6.33 3.66 1.66
C PHE A 54 -5.90 3.62 0.18
N GLN A 55 -6.85 3.78 -0.73
CA GLN A 55 -6.58 3.95 -2.17
C GLN A 55 -5.70 5.18 -2.41
N LYS A 56 -6.19 6.37 -2.07
CA LYS A 56 -5.44 7.64 -2.27
C LYS A 56 -4.08 7.68 -1.54
N LYS A 57 -3.91 6.89 -0.47
CA LYS A 57 -2.67 6.75 0.32
C LYS A 57 -1.50 6.15 -0.48
N HIS A 58 -1.69 5.04 -1.22
CA HIS A 58 -0.59 4.36 -1.96
C HIS A 58 -1.03 3.52 -3.19
N ILE A 59 -2.16 3.83 -3.81
CA ILE A 59 -2.71 3.12 -4.99
C ILE A 59 -3.05 4.14 -6.09
N THR A 60 -2.91 3.73 -7.35
CA THR A 60 -3.25 4.57 -8.51
C THR A 60 -3.79 3.78 -9.70
N ASN A 61 -4.50 4.47 -10.60
CA ASN A 61 -4.93 4.02 -11.92
C ASN A 61 -3.96 4.49 -13.05
N THR A 62 -2.86 5.15 -12.70
CA THR A 62 -1.76 5.55 -13.61
C THR A 62 -0.48 5.89 -12.81
N ARG A 63 0.61 5.12 -12.99
CA ARG A 63 1.90 5.41 -12.37
C ARG A 63 2.50 6.70 -12.95
N ASP A 64 2.47 7.79 -12.19
CA ASP A 64 3.02 9.11 -12.55
C ASP A 64 4.20 9.56 -11.66
N VAL A 65 4.63 8.70 -10.74
CA VAL A 65 5.77 8.94 -9.84
C VAL A 65 7.12 8.87 -10.58
N ASP A 66 8.07 9.72 -10.18
CA ASP A 66 9.48 9.72 -10.59
C ASP A 66 10.46 9.81 -9.39
N CYS A 67 9.93 9.74 -8.16
CA CYS A 67 10.64 9.83 -6.86
C CYS A 67 11.55 11.08 -6.74
N ASP A 68 11.07 12.21 -7.28
CA ASP A 68 11.72 13.54 -7.33
C ASP A 68 10.70 14.70 -7.44
N ASN A 69 9.51 14.46 -8.02
CA ASN A 69 8.42 15.43 -8.18
C ASN A 69 7.22 15.16 -7.24
N ILE A 70 7.31 14.13 -6.39
CA ILE A 70 6.30 13.77 -5.38
C ILE A 70 6.03 14.88 -4.35
N MET A 71 6.89 15.90 -4.30
CA MET A 71 6.68 17.15 -3.55
C MET A 71 5.36 17.87 -3.86
N SER A 72 4.81 17.67 -5.07
CA SER A 72 3.53 18.25 -5.52
C SER A 72 2.31 17.35 -5.25
N THR A 73 2.53 16.08 -4.89
CA THR A 73 1.51 15.06 -4.61
C THR A 73 1.16 14.98 -3.12
N ASN A 74 0.30 14.04 -2.72
CA ASN A 74 0.04 13.70 -1.32
C ASN A 74 1.27 13.11 -0.58
N LEU A 75 2.27 12.62 -1.33
CA LEU A 75 3.39 11.81 -0.83
C LEU A 75 4.64 12.62 -0.45
N PHE A 76 4.53 13.95 -0.37
CA PHE A 76 5.57 14.95 -0.09
C PHE A 76 6.19 14.86 1.32
N HIS A 77 5.65 14.00 2.18
CA HIS A 77 6.00 13.85 3.61
C HIS A 77 7.46 13.43 3.89
N CYS A 78 8.25 13.18 2.83
CA CYS A 78 9.64 12.67 2.89
C CYS A 78 9.79 11.36 3.70
N LYS A 79 8.76 10.51 3.63
CA LYS A 79 8.72 9.16 4.22
C LYS A 79 9.83 8.26 3.66
N ASP A 80 10.21 7.23 4.42
CA ASP A 80 11.38 6.36 4.16
C ASP A 80 11.21 5.40 2.97
N LYS A 81 9.96 5.02 2.63
CA LYS A 81 9.57 4.32 1.39
C LYS A 81 8.06 4.37 1.16
N ASN A 82 7.62 4.04 -0.07
CA ASN A 82 6.22 3.75 -0.38
C ASN A 82 6.09 2.53 -1.31
N THR A 83 4.87 1.98 -1.40
CA THR A 83 4.52 0.87 -2.29
C THR A 83 3.29 1.24 -3.11
N PHE A 84 3.50 1.81 -4.30
CA PHE A 84 2.44 2.13 -5.25
C PHE A 84 1.94 0.87 -5.97
N ILE A 85 0.64 0.62 -5.85
CA ILE A 85 -0.08 -0.45 -6.55
C ILE A 85 -0.78 0.16 -7.77
N TYR A 86 -0.40 -0.22 -8.99
CA TYR A 86 -1.15 0.12 -10.19
C TYR A 86 -2.23 -0.95 -10.49
N SER A 87 -3.41 -0.78 -9.89
CA SER A 87 -4.62 -1.57 -10.17
C SER A 87 -5.92 -0.75 -9.98
N ARG A 88 -7.04 -1.28 -10.47
CA ARG A 88 -8.40 -0.76 -10.20
C ARG A 88 -8.86 -1.12 -8.77
N PRO A 89 -9.88 -0.43 -8.23
CA PRO A 89 -10.41 -0.75 -6.90
C PRO A 89 -11.13 -2.10 -6.80
N GLU A 90 -11.63 -2.67 -7.90
CA GLU A 90 -12.36 -3.94 -7.91
C GLU A 90 -11.50 -5.13 -7.46
N PRO A 91 -10.35 -5.45 -8.12
CA PRO A 91 -9.48 -6.56 -7.71
C PRO A 91 -8.76 -6.36 -6.36
N VAL A 92 -8.98 -5.23 -5.69
CA VAL A 92 -8.49 -4.90 -4.35
C VAL A 92 -9.60 -5.10 -3.33
N LYS A 93 -10.75 -4.44 -3.50
CA LYS A 93 -11.90 -4.54 -2.58
C LYS A 93 -12.53 -5.94 -2.56
N ALA A 94 -12.75 -6.54 -3.73
CA ALA A 94 -13.46 -7.81 -3.90
C ALA A 94 -12.67 -9.06 -3.50
N ILE A 95 -11.40 -8.90 -3.09
CA ILE A 95 -10.60 -9.97 -2.47
C ILE A 95 -11.36 -10.59 -1.27
N CYS A 96 -12.10 -9.76 -0.52
CA CYS A 96 -12.97 -10.19 0.58
C CYS A 96 -14.47 -10.01 0.26
N LYS A 97 -15.31 -10.76 0.99
CA LYS A 97 -16.78 -10.77 0.88
C LYS A 97 -17.41 -11.25 2.20
N GLY A 98 -17.93 -10.32 2.99
CA GLY A 98 -18.56 -10.59 4.29
C GLY A 98 -17.59 -10.60 5.49
N ILE A 99 -16.30 -10.30 5.27
CA ILE A 99 -15.25 -10.30 6.31
C ILE A 99 -15.37 -9.08 7.21
N ILE A 100 -15.63 -9.33 8.50
CA ILE A 100 -15.65 -8.33 9.61
C ILE A 100 -14.46 -8.55 10.58
N ALA A 101 -13.79 -9.71 10.47
CA ALA A 101 -12.77 -10.22 11.40
C ALA A 101 -11.40 -9.49 11.38
N SER A 102 -11.24 -8.42 10.60
CA SER A 102 -9.96 -7.75 10.32
C SER A 102 -8.86 -8.73 9.83
N LYS A 103 -9.06 -9.29 8.62
CA LYS A 103 -8.14 -10.21 7.91
C LYS A 103 -8.38 -10.15 6.40
N ASN A 104 -7.39 -10.51 5.57
CA ASN A 104 -7.59 -10.84 4.16
C ASN A 104 -6.71 -12.03 3.72
N VAL A 105 -6.69 -12.31 2.42
CA VAL A 105 -5.80 -13.29 1.77
C VAL A 105 -5.01 -12.57 0.68
N LEU A 106 -3.73 -12.89 0.53
CA LEU A 106 -2.88 -12.47 -0.59
C LEU A 106 -3.57 -12.70 -1.95
N THR A 107 -3.41 -11.77 -2.89
CA THR A 107 -3.90 -11.90 -4.27
C THR A 107 -3.25 -13.08 -5.04
N THR A 108 -3.73 -13.35 -6.25
CA THR A 108 -3.22 -14.43 -7.15
C THR A 108 -2.73 -13.93 -8.51
N SER A 109 -3.19 -12.76 -8.96
CA SER A 109 -2.75 -12.10 -10.21
C SER A 109 -1.50 -11.25 -10.01
N GLU A 110 -0.91 -10.74 -11.08
CA GLU A 110 0.34 -9.97 -11.06
C GLU A 110 0.13 -8.54 -11.60
N PHE A 111 0.19 -7.55 -10.71
CA PHE A 111 -0.10 -6.14 -10.96
C PHE A 111 1.21 -5.33 -11.03
N TYR A 112 1.18 -4.15 -11.64
CA TYR A 112 2.35 -3.28 -11.72
C TYR A 112 2.71 -2.73 -10.33
N LEU A 113 3.81 -3.21 -9.77
CA LEU A 113 4.32 -2.85 -8.45
C LEU A 113 5.46 -1.83 -8.55
N SER A 114 5.25 -0.69 -7.90
CA SER A 114 6.14 0.48 -7.95
C SER A 114 6.53 0.90 -6.54
N ASP A 115 7.64 0.35 -6.06
CA ASP A 115 8.28 0.77 -4.82
C ASP A 115 9.15 2.03 -5.04
N CYS A 116 9.48 2.75 -3.98
CA CYS A 116 10.65 3.64 -3.92
C CYS A 116 11.13 3.70 -2.48
N ASN A 117 12.44 3.59 -2.26
CA ASN A 117 13.08 3.52 -0.93
C ASN A 117 14.15 4.60 -0.83
N VAL A 118 14.29 5.26 0.33
CA VAL A 118 15.27 6.35 0.51
C VAL A 118 16.72 5.87 0.36
N THR A 119 17.59 6.75 -0.13
CA THR A 119 19.04 6.51 -0.28
C THR A 119 19.87 7.74 0.11
N SER A 120 20.17 7.84 1.41
CA SER A 120 20.97 8.89 2.06
C SER A 120 22.39 9.01 1.51
N ARG A 1 13.51 17.09 -6.91
CA ARG A 1 13.48 15.97 -5.92
C ARG A 1 13.45 16.49 -4.49
N PRO A 2 12.46 16.09 -3.66
CA PRO A 2 12.42 16.48 -2.25
C PRO A 2 13.56 15.83 -1.43
N CYS A 3 13.74 14.51 -1.61
CA CYS A 3 14.73 13.68 -0.92
C CYS A 3 15.38 12.69 -1.90
N LYS A 4 16.36 11.90 -1.43
CA LYS A 4 17.10 10.94 -2.25
C LYS A 4 16.49 9.54 -2.11
N TYR A 5 16.17 8.90 -3.23
CA TYR A 5 15.61 7.53 -3.28
C TYR A 5 16.29 6.66 -4.36
N LYS A 6 16.18 5.33 -4.23
CA LYS A 6 16.72 4.33 -5.15
C LYS A 6 15.63 3.61 -5.97
N LEU A 7 16.00 3.16 -7.17
CA LEU A 7 15.12 2.59 -8.19
C LEU A 7 14.73 1.14 -7.87
N LYS A 8 13.45 0.93 -7.52
CA LYS A 8 12.85 -0.39 -7.22
C LYS A 8 11.49 -0.55 -7.93
N LYS A 9 11.39 -1.53 -8.82
CA LYS A 9 10.15 -1.94 -9.52
C LYS A 9 9.96 -3.46 -9.48
N SER A 10 8.71 -3.92 -9.52
CA SER A 10 8.33 -5.34 -9.58
C SER A 10 6.97 -5.56 -10.25
N THR A 11 6.56 -6.81 -10.42
CA THR A 11 5.23 -7.17 -10.93
C THR A 11 4.69 -8.43 -10.25
N ASN A 12 3.75 -8.27 -9.32
CA ASN A 12 3.21 -9.34 -8.45
C ASN A 12 1.95 -8.89 -7.66
N LYS A 13 1.31 -9.86 -6.97
CA LYS A 13 0.25 -9.68 -5.96
C LYS A 13 0.66 -8.86 -4.73
N PHE A 14 -0.31 -8.54 -3.88
CA PHE A 14 -0.18 -7.76 -2.65
C PHE A 14 -1.10 -8.29 -1.54
N CYS A 15 -0.65 -8.21 -0.29
CA CYS A 15 -1.41 -8.62 0.89
C CYS A 15 -1.92 -7.41 1.68
N VAL A 16 -3.14 -7.54 2.22
CA VAL A 16 -3.90 -6.48 2.93
C VAL A 16 -4.78 -7.07 4.05
N THR A 17 -5.54 -6.25 4.77
CA THR A 17 -6.52 -6.72 5.80
C THR A 17 -7.92 -6.15 5.56
N CYS A 18 -8.92 -7.01 5.33
CA CYS A 18 -10.32 -6.62 5.14
C CYS A 18 -11.03 -6.47 6.49
N GLU A 19 -11.70 -5.33 6.66
CA GLU A 19 -12.50 -5.01 7.83
C GLU A 19 -13.82 -4.36 7.38
N ASN A 20 -14.94 -5.05 7.60
CA ASN A 20 -16.27 -4.68 7.10
C ASN A 20 -16.31 -4.56 5.55
N GLN A 21 -15.95 -5.67 4.87
CA GLN A 21 -16.08 -5.91 3.42
C GLN A 21 -15.23 -4.97 2.53
N ALA A 22 -14.13 -4.45 3.08
CA ALA A 22 -13.26 -3.50 2.40
C ALA A 22 -11.86 -3.54 3.07
N PRO A 23 -10.77 -3.58 2.29
CA PRO A 23 -9.40 -3.56 2.80
C PRO A 23 -8.99 -2.16 3.28
N VAL A 24 -8.92 -1.97 4.60
CA VAL A 24 -8.56 -0.71 5.25
C VAL A 24 -7.10 -0.71 5.72
N HIS A 25 -6.26 -1.67 5.31
CA HIS A 25 -4.91 -1.87 5.87
C HIS A 25 -3.97 -2.58 4.89
N PHE A 26 -2.69 -2.18 4.85
CA PHE A 26 -1.65 -2.82 4.05
C PHE A 26 -0.82 -3.82 4.88
N VAL A 27 -0.51 -4.99 4.32
CA VAL A 27 0.33 -6.02 4.96
C VAL A 27 1.68 -6.18 4.25
N GLY A 28 1.70 -6.45 2.95
CA GLY A 28 2.94 -6.81 2.24
C GLY A 28 2.79 -7.02 0.74
N VAL A 29 3.88 -7.47 0.10
CA VAL A 29 4.02 -7.60 -1.36
C VAL A 29 4.48 -9.02 -1.71
N GLY A 30 3.72 -9.72 -2.57
CA GLY A 30 4.00 -11.12 -2.94
C GLY A 30 3.89 -12.14 -1.79
N SER A 31 3.48 -11.69 -0.59
CA SER A 31 3.41 -12.44 0.67
C SER A 31 2.63 -11.64 1.73
N CYS A 32 2.20 -12.31 2.81
CA CYS A 32 1.60 -11.71 4.00
C CYS A 32 2.60 -11.71 5.17
N GLY A 33 3.14 -10.54 5.51
CA GLY A 33 4.15 -10.33 6.56
C GLY A 33 3.51 -9.85 7.87
N SER A 34 3.13 -10.79 8.75
CA SER A 34 2.50 -10.53 10.05
C SER A 34 3.26 -11.18 11.21
N GLY A 35 2.92 -10.80 12.45
CA GLY A 35 3.62 -11.19 13.69
C GLY A 35 4.97 -10.48 13.89
N GLY A 36 5.68 -10.86 14.96
CA GLY A 36 7.02 -10.38 15.30
C GLY A 36 7.07 -9.60 16.62
N SER A 37 6.78 -8.28 16.56
CA SER A 37 6.87 -7.34 17.69
C SER A 37 5.71 -6.32 17.70
N GLY A 38 5.53 -5.61 18.81
CA GLY A 38 4.47 -4.61 19.03
C GLY A 38 4.72 -3.24 18.37
N ILE A 39 5.14 -3.25 17.10
CA ILE A 39 5.45 -2.07 16.30
C ILE A 39 4.17 -1.30 15.95
N PHE A 40 4.26 0.03 15.94
CA PHE A 40 3.16 0.96 15.65
C PHE A 40 3.56 2.12 14.71
N LEU A 41 4.78 2.08 14.15
CA LEU A 41 5.33 3.07 13.19
C LEU A 41 4.67 2.95 11.79
N GLU A 42 3.87 1.92 11.58
CA GLU A 42 2.98 1.74 10.43
C GLU A 42 1.94 2.87 10.31
N THR A 43 1.25 2.91 9.16
CA THR A 43 0.19 3.91 8.88
C THR A 43 -1.07 3.68 9.73
N SER A 44 -1.35 2.43 10.14
CA SER A 44 -2.46 2.00 11.01
C SER A 44 -3.85 2.50 10.58
N LEU A 45 -4.12 2.51 9.26
CA LEU A 45 -5.41 2.93 8.66
C LEU A 45 -6.65 2.22 9.24
N SER A 46 -6.46 1.02 9.80
CA SER A 46 -7.45 0.26 10.58
C SER A 46 -8.11 1.03 11.73
N ALA A 47 -7.38 1.96 12.35
CA ALA A 47 -7.84 2.85 13.42
C ALA A 47 -7.61 4.34 13.07
N GLY A 48 -8.68 5.02 12.70
CA GLY A 48 -8.72 6.45 12.36
C GLY A 48 -8.77 6.77 10.85
N SER A 49 -8.71 5.75 9.98
CA SER A 49 -8.91 5.87 8.53
C SER A 49 -9.90 4.81 8.01
N ASP A 50 -9.93 4.56 6.69
CA ASP A 50 -10.85 3.66 6.00
C ASP A 50 -10.22 3.19 4.68
N TRP A 51 -10.89 2.26 4.01
CA TRP A 51 -10.64 1.83 2.62
C TRP A 51 -10.69 3.02 1.64
N LEU A 52 -11.61 3.96 1.86
CA LEU A 52 -11.82 5.13 1.01
C LEU A 52 -10.54 5.97 0.88
N THR A 53 -9.81 6.17 1.99
CA THR A 53 -8.51 6.85 2.06
C THR A 53 -7.30 5.95 1.81
N PHE A 54 -7.39 4.64 2.10
CA PHE A 54 -6.35 3.62 1.81
C PHE A 54 -5.89 3.66 0.35
N GLN A 55 -6.84 3.80 -0.58
CA GLN A 55 -6.58 3.99 -2.01
C GLN A 55 -5.68 5.21 -2.24
N LYS A 56 -6.16 6.41 -1.87
CA LYS A 56 -5.40 7.67 -2.07
C LYS A 56 -4.05 7.69 -1.34
N LYS A 57 -3.88 6.88 -0.28
CA LYS A 57 -2.64 6.75 0.50
C LYS A 57 -1.47 6.18 -0.31
N HIS A 58 -1.63 5.02 -0.98
CA HIS A 58 -0.53 4.34 -1.70
C HIS A 58 -0.96 3.52 -2.93
N ILE A 59 -2.11 3.82 -3.53
CA ILE A 59 -2.64 3.15 -4.75
C ILE A 59 -2.94 4.21 -5.81
N THR A 60 -2.83 3.84 -7.09
CA THR A 60 -3.15 4.74 -8.20
C THR A 60 -3.76 4.02 -9.42
N ASN A 61 -4.58 4.75 -10.18
CA ASN A 61 -5.08 4.38 -11.50
C ASN A 61 -4.10 4.71 -12.65
N THR A 62 -2.95 5.32 -12.34
CA THR A 62 -1.86 5.66 -13.28
C THR A 62 -0.55 5.97 -12.52
N ARG A 63 0.49 5.16 -12.69
CA ARG A 63 1.83 5.44 -12.12
C ARG A 63 2.45 6.68 -12.78
N ASP A 64 2.46 7.79 -12.06
CA ASP A 64 3.03 9.09 -12.48
C ASP A 64 4.26 9.53 -11.65
N VAL A 65 4.68 8.71 -10.68
CA VAL A 65 5.84 8.96 -9.81
C VAL A 65 7.17 8.77 -10.57
N ASP A 66 8.15 9.62 -10.24
CA ASP A 66 9.56 9.53 -10.67
C ASP A 66 10.55 9.66 -9.49
N CYS A 67 10.02 9.58 -8.25
CA CYS A 67 10.70 9.80 -6.96
C CYS A 67 11.45 11.15 -6.92
N ASP A 68 10.84 12.17 -7.51
CA ASP A 68 11.38 13.50 -7.83
C ASP A 68 10.31 14.60 -7.75
N ASN A 69 9.11 14.35 -8.29
CA ASN A 69 7.98 15.29 -8.36
C ASN A 69 7.01 15.16 -7.17
N ILE A 70 7.20 14.15 -6.30
CA ILE A 70 6.35 13.89 -5.14
C ILE A 70 6.36 15.01 -4.09
N MET A 71 7.27 15.98 -4.23
CA MET A 71 7.24 17.29 -3.56
C MET A 71 5.95 18.09 -3.81
N SER A 72 5.21 17.77 -4.88
CA SER A 72 3.95 18.42 -5.31
C SER A 72 2.72 17.51 -5.22
N THR A 73 2.87 16.25 -4.84
CA THR A 73 1.77 15.30 -4.57
C THR A 73 1.48 15.21 -3.06
N ASN A 74 0.58 14.30 -2.63
CA ASN A 74 0.32 14.02 -1.21
C ASN A 74 1.53 13.44 -0.46
N LEU A 75 2.52 12.90 -1.19
CA LEU A 75 3.60 12.03 -0.68
C LEU A 75 4.90 12.79 -0.32
N PHE A 76 4.84 14.12 -0.22
CA PHE A 76 5.94 15.07 0.03
C PHE A 76 6.58 14.96 1.43
N HIS A 77 6.03 14.10 2.30
CA HIS A 77 6.40 13.92 3.71
C HIS A 77 7.85 13.44 3.95
N CYS A 78 8.62 13.16 2.90
CA CYS A 78 10.00 12.63 2.94
C CYS A 78 10.12 11.28 3.70
N LYS A 79 9.05 10.46 3.63
CA LYS A 79 8.95 9.14 4.27
C LYS A 79 10.01 8.15 3.73
N ASP A 80 10.36 7.15 4.53
CA ASP A 80 11.48 6.22 4.27
C ASP A 80 11.30 5.34 3.03
N LYS A 81 10.05 4.99 2.69
CA LYS A 81 9.63 4.42 1.40
C LYS A 81 8.11 4.52 1.22
N ASN A 82 7.64 4.33 -0.02
CA ASN A 82 6.23 4.01 -0.29
C ASN A 82 6.14 2.77 -1.21
N THR A 83 4.98 2.11 -1.21
CA THR A 83 4.67 0.99 -2.11
C THR A 83 3.41 1.33 -2.91
N PHE A 84 3.60 1.89 -4.11
CA PHE A 84 2.52 2.20 -5.04
C PHE A 84 2.04 0.95 -5.76
N ILE A 85 0.73 0.72 -5.72
CA ILE A 85 0.01 -0.33 -6.45
C ILE A 85 -0.68 0.35 -7.64
N TYR A 86 -0.25 0.06 -8.87
CA TYR A 86 -0.99 0.44 -10.07
C TYR A 86 -2.12 -0.57 -10.33
N SER A 87 -3.29 -0.32 -9.75
CA SER A 87 -4.51 -1.14 -9.93
C SER A 87 -5.80 -0.31 -9.82
N ARG A 88 -6.90 -0.85 -10.38
CA ARG A 88 -8.27 -0.37 -10.14
C ARG A 88 -8.74 -0.78 -8.73
N PRO A 89 -9.81 -0.16 -8.18
CA PRO A 89 -10.33 -0.54 -6.86
C PRO A 89 -11.02 -1.91 -6.82
N GLU A 90 -11.51 -2.43 -7.95
CA GLU A 90 -12.25 -3.70 -8.03
C GLU A 90 -11.42 -4.93 -7.58
N PRO A 91 -10.24 -5.22 -8.17
CA PRO A 91 -9.41 -6.36 -7.76
C PRO A 91 -8.74 -6.22 -6.38
N VAL A 92 -8.94 -5.09 -5.70
CA VAL A 92 -8.46 -4.80 -4.34
C VAL A 92 -9.58 -5.00 -3.34
N LYS A 93 -10.74 -4.34 -3.54
CA LYS A 93 -11.89 -4.45 -2.64
C LYS A 93 -12.54 -5.84 -2.65
N ALA A 94 -12.72 -6.42 -3.83
CA ALA A 94 -13.47 -7.67 -4.04
C ALA A 94 -12.71 -8.94 -3.61
N ILE A 95 -11.44 -8.82 -3.19
CA ILE A 95 -10.67 -9.91 -2.57
C ILE A 95 -11.45 -10.53 -1.39
N CYS A 96 -12.19 -9.70 -0.64
CA CYS A 96 -13.09 -10.12 0.43
C CYS A 96 -14.58 -9.87 0.11
N LYS A 97 -15.46 -10.61 0.80
CA LYS A 97 -16.93 -10.56 0.69
C LYS A 97 -17.57 -11.04 2.00
N GLY A 98 -18.15 -10.12 2.78
CA GLY A 98 -18.81 -10.42 4.06
C GLY A 98 -17.88 -10.48 5.27
N ILE A 99 -16.58 -10.20 5.09
CA ILE A 99 -15.54 -10.27 6.14
C ILE A 99 -15.62 -9.07 7.08
N ILE A 100 -15.89 -9.34 8.36
CA ILE A 100 -15.90 -8.37 9.48
C ILE A 100 -14.73 -8.66 10.46
N ALA A 101 -14.08 -9.83 10.32
CA ALA A 101 -13.10 -10.41 11.25
C ALA A 101 -11.70 -9.75 11.26
N SER A 102 -11.50 -8.66 10.51
CA SER A 102 -10.19 -8.02 10.28
C SER A 102 -9.11 -9.00 9.77
N LYS A 103 -9.29 -9.50 8.54
CA LYS A 103 -8.36 -10.41 7.83
C LYS A 103 -8.60 -10.36 6.31
N ASN A 104 -7.59 -10.64 5.48
CA ASN A 104 -7.77 -10.91 4.05
C ASN A 104 -6.89 -12.09 3.59
N VAL A 105 -6.82 -12.32 2.29
CA VAL A 105 -5.94 -13.29 1.64
C VAL A 105 -5.11 -12.56 0.57
N LEU A 106 -3.83 -12.90 0.44
CA LEU A 106 -2.96 -12.46 -0.65
C LEU A 106 -3.61 -12.67 -2.03
N THR A 107 -3.43 -11.71 -2.94
CA THR A 107 -3.90 -11.83 -4.34
C THR A 107 -3.22 -12.97 -5.12
N THR A 108 -3.70 -13.25 -6.33
CA THR A 108 -3.19 -14.31 -7.23
C THR A 108 -2.66 -13.79 -8.58
N SER A 109 -3.13 -12.63 -9.04
CA SER A 109 -2.66 -11.95 -10.26
C SER A 109 -1.38 -11.13 -10.01
N GLU A 110 -0.78 -10.60 -11.08
CA GLU A 110 0.48 -9.85 -11.04
C GLU A 110 0.28 -8.40 -11.54
N PHE A 111 0.27 -7.45 -10.61
CA PHE A 111 0.00 -6.02 -10.83
C PHE A 111 1.30 -5.21 -10.88
N TYR A 112 1.26 -4.00 -11.43
CA TYR A 112 2.45 -3.13 -11.51
C TYR A 112 2.81 -2.57 -10.14
N LEU A 113 3.87 -3.12 -9.54
CA LEU A 113 4.38 -2.73 -8.22
C LEU A 113 5.53 -1.71 -8.34
N SER A 114 5.34 -0.56 -7.70
CA SER A 114 6.25 0.59 -7.76
C SER A 114 6.65 1.04 -6.35
N ASP A 115 7.75 0.49 -5.85
CA ASP A 115 8.39 0.97 -4.63
C ASP A 115 9.33 2.16 -4.90
N CYS A 116 9.72 2.88 -3.86
CA CYS A 116 10.89 3.77 -3.86
C CYS A 116 11.42 3.92 -2.44
N ASN A 117 12.68 3.53 -2.20
CA ASN A 117 13.29 3.48 -0.87
C ASN A 117 14.31 4.61 -0.73
N VAL A 118 14.36 5.27 0.43
CA VAL A 118 15.33 6.37 0.69
C VAL A 118 16.78 5.89 0.62
N THR A 119 17.70 6.79 0.22
CA THR A 119 19.16 6.53 0.18
C THR A 119 19.99 7.75 0.60
N SER A 120 20.35 7.78 1.88
CA SER A 120 21.17 8.82 2.55
C SER A 120 22.51 9.09 1.87
N ARG A 1 12.78 17.84 -6.20
CA ARG A 1 13.56 17.01 -5.24
C ARG A 1 13.25 17.38 -3.79
N PRO A 2 12.31 16.68 -3.10
CA PRO A 2 12.15 16.85 -1.64
C PRO A 2 13.28 16.17 -0.84
N CYS A 3 13.60 14.92 -1.19
CA CYS A 3 14.56 14.04 -0.52
C CYS A 3 15.30 13.15 -1.54
N LYS A 4 16.19 12.26 -1.08
CA LYS A 4 16.95 11.29 -1.89
C LYS A 4 16.37 9.89 -1.72
N TYR A 5 16.05 9.22 -2.82
CA TYR A 5 15.49 7.85 -2.84
C TYR A 5 16.19 6.96 -3.90
N LYS A 6 16.00 5.64 -3.80
CA LYS A 6 16.56 4.60 -4.67
C LYS A 6 15.47 3.83 -5.43
N LEU A 7 15.84 3.29 -6.60
CA LEU A 7 14.96 2.72 -7.63
C LEU A 7 14.63 1.24 -7.33
N LYS A 8 13.35 0.93 -7.04
CA LYS A 8 12.84 -0.43 -6.77
C LYS A 8 11.49 -0.69 -7.45
N LYS A 9 11.49 -1.44 -8.56
CA LYS A 9 10.28 -1.84 -9.32
C LYS A 9 10.11 -3.36 -9.33
N SER A 10 8.85 -3.81 -9.22
CA SER A 10 8.46 -5.22 -9.09
C SER A 10 7.10 -5.49 -9.75
N THR A 11 6.76 -6.76 -9.98
CA THR A 11 5.45 -7.14 -10.56
C THR A 11 4.90 -8.40 -9.87
N ASN A 12 3.91 -8.22 -9.00
CA ASN A 12 3.41 -9.26 -8.08
C ASN A 12 2.13 -8.84 -7.32
N LYS A 13 1.51 -9.80 -6.62
CA LYS A 13 0.43 -9.63 -5.64
C LYS A 13 0.81 -8.79 -4.42
N PHE A 14 -0.18 -8.46 -3.60
CA PHE A 14 -0.07 -7.68 -2.36
C PHE A 14 -0.99 -8.23 -1.26
N CYS A 15 -0.57 -8.12 -0.01
CA CYS A 15 -1.34 -8.53 1.16
C CYS A 15 -1.90 -7.31 1.91
N VAL A 16 -3.11 -7.46 2.44
CA VAL A 16 -3.91 -6.42 3.13
C VAL A 16 -4.79 -7.01 4.24
N THR A 17 -5.60 -6.19 4.93
CA THR A 17 -6.55 -6.62 5.98
C THR A 17 -7.97 -6.07 5.71
N CYS A 18 -8.96 -6.95 5.49
CA CYS A 18 -10.37 -6.59 5.28
C CYS A 18 -11.11 -6.41 6.61
N GLU A 19 -11.80 -5.30 6.76
CA GLU A 19 -12.64 -4.98 7.92
C GLU A 19 -13.96 -4.39 7.41
N ASN A 20 -15.07 -5.10 7.63
CA ASN A 20 -16.40 -4.78 7.09
C ASN A 20 -16.41 -4.69 5.54
N GLN A 21 -15.99 -5.79 4.90
CA GLN A 21 -16.08 -6.06 3.45
C GLN A 21 -15.25 -5.11 2.57
N ALA A 22 -14.18 -4.54 3.11
CA ALA A 22 -13.31 -3.58 2.45
C ALA A 22 -11.94 -3.54 3.15
N PRO A 23 -10.83 -3.55 2.41
CA PRO A 23 -9.48 -3.50 2.96
C PRO A 23 -9.08 -2.09 3.45
N VAL A 24 -8.97 -1.93 4.77
CA VAL A 24 -8.59 -0.69 5.47
C VAL A 24 -7.18 -0.77 6.07
N HIS A 25 -6.33 -1.72 5.65
CA HIS A 25 -4.95 -1.85 6.16
C HIS A 25 -4.05 -2.52 5.12
N PHE A 26 -2.80 -2.07 5.01
CA PHE A 26 -1.78 -2.76 4.22
C PHE A 26 -1.10 -3.86 5.07
N VAL A 27 -0.55 -4.89 4.44
CA VAL A 27 0.24 -5.94 5.14
C VAL A 27 1.59 -6.23 4.49
N GLY A 28 1.67 -6.36 3.16
CA GLY A 28 2.93 -6.75 2.49
C GLY A 28 2.83 -6.90 0.97
N VAL A 29 3.93 -7.34 0.36
CA VAL A 29 4.14 -7.44 -1.09
C VAL A 29 4.66 -8.84 -1.45
N GLY A 30 3.90 -9.60 -2.24
CA GLY A 30 4.21 -11.01 -2.57
C GLY A 30 4.13 -11.99 -1.40
N SER A 31 3.72 -11.53 -0.22
CA SER A 31 3.59 -12.25 1.06
C SER A 31 2.81 -11.43 2.08
N CYS A 32 2.40 -12.05 3.18
CA CYS A 32 1.80 -11.40 4.34
C CYS A 32 2.80 -11.37 5.52
N GLY A 33 3.16 -10.17 6.00
CA GLY A 33 4.01 -9.96 7.17
C GLY A 33 3.34 -10.43 8.46
N SER A 34 3.90 -11.47 9.11
CA SER A 34 3.41 -12.05 10.36
C SER A 34 3.43 -11.06 11.54
N GLY A 35 2.37 -11.08 12.35
CA GLY A 35 2.10 -10.13 13.44
C GLY A 35 2.86 -10.41 14.76
N GLY A 36 4.10 -10.89 14.68
CA GLY A 36 4.92 -11.27 15.84
C GLY A 36 5.56 -10.08 16.55
N SER A 37 6.44 -9.35 15.86
CA SER A 37 7.19 -8.20 16.38
C SER A 37 6.30 -6.99 16.70
N GLY A 38 6.80 -6.07 17.54
CA GLY A 38 6.09 -4.87 18.04
C GLY A 38 6.10 -3.65 17.10
N ILE A 39 6.37 -3.84 15.81
CA ILE A 39 6.50 -2.78 14.80
C ILE A 39 5.17 -2.02 14.62
N PHE A 40 5.25 -0.70 14.60
CA PHE A 40 4.11 0.23 14.47
C PHE A 40 4.44 1.50 13.65
N LEU A 41 5.50 1.47 12.83
CA LEU A 41 5.97 2.63 12.04
C LEU A 41 5.07 2.91 10.82
N GLU A 42 4.19 1.99 10.47
CA GLU A 42 3.22 2.08 9.38
C GLU A 42 2.12 3.14 9.63
N THR A 43 1.36 3.47 8.57
CA THR A 43 0.21 4.39 8.63
C THR A 43 -0.93 3.86 9.51
N SER A 44 -1.12 2.54 9.53
CA SER A 44 -2.18 1.80 10.24
C SER A 44 -3.58 2.43 10.13
N LEU A 45 -4.17 2.33 8.93
CA LEU A 45 -5.49 2.88 8.56
C LEU A 45 -6.70 2.21 9.27
N SER A 46 -6.47 1.24 10.17
CA SER A 46 -7.50 0.56 10.96
C SER A 46 -8.32 1.50 11.85
N ALA A 47 -7.66 2.49 12.47
CA ALA A 47 -8.24 3.44 13.42
C ALA A 47 -8.00 4.88 12.97
N GLY A 48 -9.09 5.59 12.62
CA GLY A 48 -9.07 6.98 12.13
C GLY A 48 -9.05 7.12 10.60
N SER A 49 -9.08 6.01 9.85
CA SER A 49 -9.16 5.98 8.38
C SER A 49 -10.13 4.88 7.90
N ASP A 50 -10.18 4.64 6.59
CA ASP A 50 -11.08 3.71 5.92
C ASP A 50 -10.45 3.22 4.60
N TRP A 51 -11.10 2.27 3.95
CA TRP A 51 -10.82 1.80 2.59
C TRP A 51 -10.89 2.96 1.58
N LEU A 52 -11.83 3.88 1.78
CA LEU A 52 -12.05 5.04 0.92
C LEU A 52 -10.79 5.93 0.84
N THR A 53 -10.05 6.08 1.94
CA THR A 53 -8.76 6.81 1.99
C THR A 53 -7.54 5.92 1.74
N PHE A 54 -7.59 4.61 2.04
CA PHE A 54 -6.55 3.61 1.75
C PHE A 54 -6.09 3.63 0.29
N GLN A 55 -7.05 3.74 -0.64
CA GLN A 55 -6.80 3.92 -2.08
C GLN A 55 -5.92 5.15 -2.34
N LYS A 56 -6.41 6.35 -1.97
CA LYS A 56 -5.66 7.61 -2.17
C LYS A 56 -4.29 7.61 -1.49
N LYS A 57 -4.12 6.85 -0.39
CA LYS A 57 -2.89 6.79 0.40
C LYS A 57 -1.68 6.21 -0.35
N HIS A 58 -1.80 5.03 -0.99
CA HIS A 58 -0.68 4.36 -1.67
C HIS A 58 -1.08 3.51 -2.90
N ILE A 59 -2.22 3.81 -3.52
CA ILE A 59 -2.73 3.14 -4.73
C ILE A 59 -3.07 4.19 -5.80
N THR A 60 -2.90 3.83 -7.07
CA THR A 60 -3.31 4.69 -8.20
C THR A 60 -3.77 3.91 -9.43
N ASN A 61 -4.62 4.54 -10.25
CA ASN A 61 -5.00 4.10 -11.59
C ASN A 61 -4.01 4.59 -12.69
N THR A 62 -2.94 5.29 -12.31
CA THR A 62 -1.85 5.79 -13.17
C THR A 62 -0.61 6.17 -12.34
N ARG A 63 0.43 5.33 -12.35
CA ARG A 63 1.72 5.66 -11.71
C ARG A 63 2.41 6.81 -12.45
N ASP A 64 2.45 7.98 -11.82
CA ASP A 64 3.11 9.21 -12.33
C ASP A 64 4.33 9.61 -11.49
N VAL A 65 4.72 8.80 -10.51
CA VAL A 65 5.79 9.08 -9.54
C VAL A 65 7.19 8.90 -10.16
N ASP A 66 8.11 9.81 -9.82
CA ASP A 66 9.53 9.78 -10.20
C ASP A 66 10.48 9.93 -8.99
N CYS A 67 9.92 9.90 -7.76
CA CYS A 67 10.60 10.04 -6.46
C CYS A 67 11.47 11.32 -6.35
N ASP A 68 10.98 12.41 -6.95
CA ASP A 68 11.60 13.74 -7.04
C ASP A 68 10.54 14.87 -7.13
N ASN A 69 9.39 14.60 -7.77
CA ASN A 69 8.27 15.53 -7.93
C ASN A 69 7.15 15.34 -6.88
N ILE A 70 7.26 14.31 -6.03
CA ILE A 70 6.24 13.95 -5.01
C ILE A 70 6.01 15.04 -3.96
N MET A 71 6.88 16.05 -3.91
CA MET A 71 6.66 17.29 -3.13
C MET A 71 5.35 17.99 -3.51
N SER A 72 4.93 17.91 -4.78
CA SER A 72 3.67 18.45 -5.31
C SER A 72 2.42 17.59 -4.98
N THR A 73 2.62 16.35 -4.50
CA THR A 73 1.54 15.37 -4.22
C THR A 73 1.19 15.30 -2.72
N ASN A 74 0.30 14.38 -2.33
CA ASN A 74 0.03 14.05 -0.93
C ASN A 74 1.24 13.46 -0.18
N LEU A 75 2.23 12.93 -0.89
CA LEU A 75 3.31 12.08 -0.38
C LEU A 75 4.60 12.84 0.00
N PHE A 76 4.54 14.17 0.07
CA PHE A 76 5.61 15.14 0.34
C PHE A 76 6.26 15.04 1.73
N HIS A 77 5.72 14.18 2.60
CA HIS A 77 6.09 14.02 4.03
C HIS A 77 7.55 13.57 4.26
N CYS A 78 8.33 13.31 3.21
CA CYS A 78 9.73 12.82 3.25
C CYS A 78 9.90 11.49 4.04
N LYS A 79 8.85 10.65 4.00
CA LYS A 79 8.80 9.34 4.66
C LYS A 79 9.83 8.35 4.11
N ASP A 80 10.19 7.34 4.91
CA ASP A 80 11.30 6.40 4.62
C ASP A 80 11.08 5.54 3.36
N LYS A 81 9.82 5.18 3.07
CA LYS A 81 9.37 4.57 1.81
C LYS A 81 7.86 4.65 1.63
N ASN A 82 7.39 4.51 0.39
CA ASN A 82 6.00 4.17 0.06
C ASN A 82 5.97 3.00 -0.93
N THR A 83 4.84 2.30 -0.98
CA THR A 83 4.59 1.16 -1.87
C THR A 83 3.35 1.44 -2.73
N PHE A 84 3.56 2.00 -3.92
CA PHE A 84 2.50 2.32 -4.88
C PHE A 84 2.05 1.07 -5.64
N ILE A 85 0.76 0.75 -5.54
CA ILE A 85 0.09 -0.31 -6.29
C ILE A 85 -0.59 0.33 -7.51
N TYR A 86 -0.20 -0.04 -8.73
CA TYR A 86 -0.94 0.29 -9.94
C TYR A 86 -1.98 -0.79 -10.25
N SER A 87 -3.20 -0.63 -9.71
CA SER A 87 -4.38 -1.46 -10.00
C SER A 87 -5.68 -0.64 -10.02
N ARG A 88 -6.79 -1.27 -10.43
CA ARG A 88 -8.17 -0.78 -10.20
C ARG A 88 -8.60 -1.11 -8.76
N PRO A 89 -9.67 -0.50 -8.22
CA PRO A 89 -10.17 -0.83 -6.88
C PRO A 89 -10.87 -2.20 -6.79
N GLU A 90 -11.38 -2.74 -7.89
CA GLU A 90 -12.13 -4.01 -7.91
C GLU A 90 -11.30 -5.22 -7.42
N PRO A 91 -10.10 -5.52 -7.98
CA PRO A 91 -9.25 -6.64 -7.52
C PRO A 91 -8.61 -6.42 -6.13
N VAL A 92 -8.84 -5.27 -5.49
CA VAL A 92 -8.38 -4.94 -4.13
C VAL A 92 -9.53 -5.14 -3.14
N LYS A 93 -10.70 -4.53 -3.39
CA LYS A 93 -11.87 -4.63 -2.51
C LYS A 93 -12.48 -6.05 -2.47
N ALA A 94 -12.63 -6.67 -3.64
CA ALA A 94 -13.34 -7.94 -3.82
C ALA A 94 -12.54 -9.18 -3.38
N ILE A 95 -11.29 -9.02 -2.94
CA ILE A 95 -10.49 -10.09 -2.30
C ILE A 95 -11.27 -10.70 -1.12
N CYS A 96 -12.01 -9.86 -0.37
CA CYS A 96 -12.94 -10.28 0.68
C CYS A 96 -14.42 -10.09 0.28
N LYS A 97 -15.31 -10.84 0.96
CA LYS A 97 -16.76 -10.81 0.78
C LYS A 97 -17.48 -11.31 2.05
N GLY A 98 -18.05 -10.38 2.83
CA GLY A 98 -18.74 -10.69 4.10
C GLY A 98 -17.83 -10.68 5.34
N ILE A 99 -16.53 -10.39 5.19
CA ILE A 99 -15.54 -10.40 6.27
C ILE A 99 -15.70 -9.16 7.17
N ILE A 100 -15.95 -9.41 8.46
CA ILE A 100 -16.00 -8.42 9.55
C ILE A 100 -14.83 -8.63 10.55
N ALA A 101 -14.14 -9.76 10.46
CA ALA A 101 -13.15 -10.29 11.41
C ALA A 101 -11.77 -9.59 11.43
N SER A 102 -11.58 -8.51 10.65
CA SER A 102 -10.28 -7.84 10.43
C SER A 102 -9.17 -8.80 9.96
N LYS A 103 -9.31 -9.32 8.72
CA LYS A 103 -8.39 -10.28 8.07
C LYS A 103 -8.58 -10.27 6.55
N ASN A 104 -7.56 -10.60 5.76
CA ASN A 104 -7.70 -10.90 4.33
C ASN A 104 -6.77 -12.06 3.90
N VAL A 105 -6.65 -12.30 2.59
CA VAL A 105 -5.73 -13.25 1.96
C VAL A 105 -4.89 -12.50 0.91
N LEU A 106 -3.61 -12.83 0.79
CA LEU A 106 -2.74 -12.38 -0.31
C LEU A 106 -3.39 -12.64 -1.68
N THR A 107 -3.23 -11.69 -2.62
CA THR A 107 -3.67 -11.85 -4.03
C THR A 107 -2.95 -13.00 -4.77
N THR A 108 -3.39 -13.30 -6.00
CA THR A 108 -2.82 -14.35 -6.87
C THR A 108 -2.26 -13.81 -8.20
N SER A 109 -2.85 -12.74 -8.72
CA SER A 109 -2.39 -12.01 -9.92
C SER A 109 -1.13 -11.17 -9.66
N GLU A 110 -0.53 -10.63 -10.71
CA GLU A 110 0.73 -9.87 -10.64
C GLU A 110 0.55 -8.44 -11.17
N PHE A 111 0.45 -7.49 -10.25
CA PHE A 111 0.18 -6.06 -10.50
C PHE A 111 1.48 -5.25 -10.56
N TYR A 112 1.44 -4.06 -11.14
CA TYR A 112 2.59 -3.17 -11.27
C TYR A 112 2.92 -2.52 -9.91
N LEU A 113 3.94 -3.05 -9.23
CA LEU A 113 4.40 -2.58 -7.91
C LEU A 113 5.59 -1.60 -8.02
N SER A 114 5.46 -0.46 -7.36
CA SER A 114 6.37 0.69 -7.42
C SER A 114 6.76 1.14 -6.02
N ASP A 115 7.91 0.68 -5.53
CA ASP A 115 8.50 1.14 -4.27
C ASP A 115 9.54 2.26 -4.50
N CYS A 116 9.79 3.05 -3.47
CA CYS A 116 10.91 3.99 -3.40
C CYS A 116 11.40 4.12 -1.96
N ASN A 117 12.65 3.74 -1.69
CA ASN A 117 13.26 3.76 -0.36
C ASN A 117 14.25 4.92 -0.25
N VAL A 118 14.27 5.63 0.87
CA VAL A 118 15.21 6.73 1.13
C VAL A 118 16.68 6.25 1.11
N THR A 119 17.60 7.12 0.65
CA THR A 119 19.05 6.88 0.67
C THR A 119 19.81 8.14 1.09
N SER A 120 20.00 8.27 2.41
CA SER A 120 20.77 9.33 3.09
C SER A 120 22.28 9.24 2.79
N ARG A 1 13.06 17.89 -4.86
CA ARG A 1 14.04 16.79 -4.60
C ARG A 1 14.30 16.67 -3.09
N PRO A 2 13.33 16.14 -2.30
CA PRO A 2 13.31 16.33 -0.84
C PRO A 2 14.25 15.39 -0.05
N CYS A 3 14.17 14.08 -0.29
CA CYS A 3 15.11 13.04 0.18
C CYS A 3 15.59 12.19 -1.01
N LYS A 4 16.72 11.49 -0.85
CA LYS A 4 17.25 10.51 -1.82
C LYS A 4 16.65 9.13 -1.55
N TYR A 5 16.32 8.40 -2.62
CA TYR A 5 15.72 7.05 -2.56
C TYR A 5 16.32 6.10 -3.62
N LYS A 6 16.17 4.80 -3.39
CA LYS A 6 16.61 3.68 -4.25
C LYS A 6 15.50 3.24 -5.21
N LEU A 7 15.90 2.61 -6.32
CA LEU A 7 15.04 2.06 -7.37
C LEU A 7 14.66 0.60 -7.07
N LYS A 8 13.38 0.34 -6.81
CA LYS A 8 12.80 -1.01 -6.61
C LYS A 8 11.45 -1.18 -7.33
N LYS A 9 11.48 -1.67 -8.57
CA LYS A 9 10.28 -1.95 -9.39
C LYS A 9 10.06 -3.46 -9.54
N SER A 10 8.81 -3.90 -9.40
CA SER A 10 8.39 -5.31 -9.39
C SER A 10 7.05 -5.51 -10.08
N THR A 11 6.63 -6.77 -10.30
CA THR A 11 5.31 -7.09 -10.88
C THR A 11 4.72 -8.35 -10.24
N ASN A 12 3.73 -8.19 -9.36
CA ASN A 12 3.18 -9.25 -8.50
C ASN A 12 1.91 -8.82 -7.72
N LYS A 13 1.27 -9.77 -7.04
CA LYS A 13 0.19 -9.60 -6.05
C LYS A 13 0.61 -8.81 -4.80
N PHE A 14 -0.36 -8.51 -3.94
CA PHE A 14 -0.22 -7.78 -2.67
C PHE A 14 -1.15 -8.35 -1.58
N CYS A 15 -0.72 -8.29 -0.32
CA CYS A 15 -1.50 -8.72 0.84
C CYS A 15 -2.00 -7.53 1.66
N VAL A 16 -3.22 -7.65 2.18
CA VAL A 16 -3.99 -6.60 2.90
C VAL A 16 -4.91 -7.21 3.98
N THR A 17 -5.68 -6.39 4.70
CA THR A 17 -6.69 -6.85 5.68
C THR A 17 -8.06 -6.22 5.40
N CYS A 18 -9.09 -7.04 5.13
CA CYS A 18 -10.47 -6.56 4.97
C CYS A 18 -11.20 -6.51 6.31
N GLU A 19 -11.88 -5.40 6.56
CA GLU A 19 -12.74 -5.17 7.72
C GLU A 19 -14.02 -4.47 7.25
N ASN A 20 -15.17 -5.14 7.44
CA ASN A 20 -16.47 -4.72 6.90
C ASN A 20 -16.45 -4.57 5.36
N GLN A 21 -16.05 -5.65 4.67
CA GLN A 21 -16.13 -5.88 3.22
C GLN A 21 -15.27 -4.93 2.35
N ALA A 22 -14.19 -4.39 2.93
CA ALA A 22 -13.32 -3.41 2.30
C ALA A 22 -11.94 -3.44 2.96
N PRO A 23 -10.85 -3.47 2.19
CA PRO A 23 -9.48 -3.51 2.70
C PRO A 23 -9.03 -2.15 3.24
N VAL A 24 -8.99 -2.01 4.57
CA VAL A 24 -8.60 -0.80 5.29
C VAL A 24 -7.16 -0.88 5.84
N HIS A 25 -6.34 -1.83 5.39
CA HIS A 25 -5.00 -2.08 5.97
C HIS A 25 -4.05 -2.76 4.99
N PHE A 26 -2.77 -2.40 4.99
CA PHE A 26 -1.73 -3.03 4.18
C PHE A 26 -0.94 -4.07 5.00
N VAL A 27 -0.59 -5.20 4.38
CA VAL A 27 0.22 -6.27 5.00
C VAL A 27 1.57 -6.46 4.31
N GLY A 28 1.60 -6.67 2.98
CA GLY A 28 2.85 -7.03 2.28
C GLY A 28 2.71 -7.17 0.77
N VAL A 29 3.78 -7.64 0.12
CA VAL A 29 3.95 -7.73 -1.33
C VAL A 29 4.38 -9.14 -1.74
N GLY A 30 3.60 -9.80 -2.60
CA GLY A 30 3.86 -11.18 -3.04
C GLY A 30 3.70 -12.26 -1.96
N SER A 31 3.31 -11.87 -0.73
CA SER A 31 3.17 -12.71 0.47
C SER A 31 2.46 -11.92 1.59
N CYS A 32 1.97 -12.60 2.62
CA CYS A 32 1.37 -12.03 3.83
C CYS A 32 2.35 -12.12 5.03
N GLY A 33 2.85 -10.98 5.49
CA GLY A 33 3.78 -10.87 6.62
C GLY A 33 3.07 -10.97 7.97
N SER A 34 2.78 -12.19 8.42
CA SER A 34 2.20 -12.48 9.74
C SER A 34 3.17 -12.11 10.88
N GLY A 35 2.75 -11.21 11.77
CA GLY A 35 3.56 -10.70 12.89
C GLY A 35 4.76 -9.83 12.45
N GLY A 36 5.66 -9.56 13.40
CA GLY A 36 6.90 -8.81 13.17
C GLY A 36 7.50 -8.27 14.47
N SER A 37 7.26 -6.98 14.75
CA SER A 37 7.75 -6.25 15.93
C SER A 37 6.66 -5.32 16.50
N GLY A 38 6.79 -4.93 17.77
CA GLY A 38 5.81 -4.12 18.53
C GLY A 38 5.86 -2.61 18.22
N ILE A 39 6.03 -2.23 16.96
CA ILE A 39 6.20 -0.85 16.48
C ILE A 39 4.83 -0.21 16.16
N PHE A 40 4.78 1.12 16.17
CA PHE A 40 3.56 1.93 16.02
C PHE A 40 3.71 3.16 15.09
N LEU A 41 4.87 3.29 14.40
CA LEU A 41 5.19 4.40 13.52
C LEU A 41 4.51 4.29 12.14
N GLU A 42 3.93 3.13 11.84
CA GLU A 42 3.06 2.90 10.68
C GLU A 42 1.75 3.73 10.77
N THR A 43 1.06 3.86 9.65
CA THR A 43 -0.22 4.58 9.57
C THR A 43 -1.34 3.85 10.32
N SER A 44 -1.31 2.51 10.34
CA SER A 44 -2.31 1.62 10.97
C SER A 44 -3.75 2.00 10.62
N LEU A 45 -4.08 1.96 9.31
CA LEU A 45 -5.36 2.44 8.76
C LEU A 45 -6.62 1.71 9.29
N SER A 46 -6.45 0.57 9.96
CA SER A 46 -7.49 -0.19 10.67
C SER A 46 -8.22 0.62 11.76
N ALA A 47 -7.52 1.57 12.40
CA ALA A 47 -8.04 2.46 13.44
C ALA A 47 -7.87 3.95 13.04
N GLY A 48 -8.98 4.70 13.01
CA GLY A 48 -8.99 6.13 12.67
C GLY A 48 -8.89 6.44 11.16
N SER A 49 -9.07 5.44 10.30
CA SER A 49 -9.03 5.52 8.83
C SER A 49 -9.94 4.44 8.22
N ASP A 50 -9.97 4.38 6.90
CA ASP A 50 -10.90 3.61 6.07
C ASP A 50 -10.25 3.23 4.73
N TRP A 51 -10.91 2.32 4.03
CA TRP A 51 -10.62 1.93 2.64
C TRP A 51 -10.62 3.14 1.67
N LEU A 52 -11.51 4.11 1.90
CA LEU A 52 -11.63 5.34 1.11
C LEU A 52 -10.38 6.24 1.21
N THR A 53 -9.63 6.16 2.32
CA THR A 53 -8.29 6.76 2.46
C THR A 53 -7.15 5.82 2.05
N PHE A 54 -7.30 4.50 2.21
CA PHE A 54 -6.30 3.47 1.86
C PHE A 54 -5.86 3.54 0.39
N GLN A 55 -6.81 3.79 -0.51
CA GLN A 55 -6.55 4.04 -1.93
C GLN A 55 -5.60 5.23 -2.11
N LYS A 56 -6.04 6.44 -1.72
CA LYS A 56 -5.20 7.66 -1.88
C LYS A 56 -3.87 7.61 -1.12
N LYS A 57 -3.74 6.78 -0.07
CA LYS A 57 -2.51 6.58 0.72
C LYS A 57 -1.34 6.02 -0.11
N HIS A 58 -1.51 4.89 -0.80
CA HIS A 58 -0.41 4.19 -1.49
C HIS A 58 -0.83 3.45 -2.77
N ILE A 59 -1.94 3.83 -3.38
CA ILE A 59 -2.48 3.24 -4.63
C ILE A 59 -2.78 4.35 -5.64
N THR A 60 -2.61 4.06 -6.93
CA THR A 60 -2.99 4.98 -8.02
C THR A 60 -3.45 4.27 -9.30
N ASN A 61 -4.29 4.96 -10.08
CA ASN A 61 -4.67 4.60 -11.45
C ASN A 61 -3.66 5.09 -12.51
N THR A 62 -2.58 5.76 -12.10
CA THR A 62 -1.47 6.23 -12.95
C THR A 62 -0.21 6.51 -12.10
N ARG A 63 0.81 5.65 -12.16
CA ARG A 63 2.10 5.90 -11.49
C ARG A 63 2.82 7.08 -12.15
N ASP A 64 2.87 8.21 -11.44
CA ASP A 64 3.56 9.44 -11.85
C ASP A 64 4.75 9.79 -10.94
N VAL A 65 5.08 8.92 -9.97
CA VAL A 65 6.11 9.16 -8.96
C VAL A 65 7.51 8.82 -9.49
N ASP A 66 8.49 9.67 -9.17
CA ASP A 66 9.91 9.54 -9.52
C ASP A 66 10.84 9.59 -8.28
N CYS A 67 10.24 9.57 -7.08
CA CYS A 67 10.89 9.63 -5.76
C CYS A 67 11.87 10.82 -5.62
N ASP A 68 11.41 11.99 -6.08
CA ASP A 68 12.12 13.30 -6.06
C ASP A 68 11.18 14.51 -6.22
N ASN A 69 9.97 14.35 -6.76
CA ASN A 69 8.94 15.41 -6.89
C ASN A 69 7.76 15.25 -5.91
N ILE A 70 7.76 14.18 -5.09
CA ILE A 70 6.72 13.86 -4.10
C ILE A 70 6.51 14.94 -3.04
N MET A 71 7.45 15.88 -2.93
CA MET A 71 7.29 17.16 -2.22
C MET A 71 6.02 17.96 -2.60
N SER A 72 5.47 17.76 -3.80
CA SER A 72 4.25 18.39 -4.31
C SER A 72 2.98 17.52 -4.12
N THR A 73 3.15 16.23 -3.85
CA THR A 73 2.05 15.24 -3.66
C THR A 73 1.60 15.14 -2.20
N ASN A 74 0.70 14.20 -1.88
CA ASN A 74 0.35 13.83 -0.51
C ASN A 74 1.52 13.21 0.29
N LEU A 75 2.54 12.70 -0.41
CA LEU A 75 3.66 11.91 0.13
C LEU A 75 4.90 12.74 0.47
N PHE A 76 4.74 14.06 0.66
CA PHE A 76 5.79 15.07 0.88
C PHE A 76 6.55 14.92 2.20
N HIS A 77 6.07 14.04 3.07
CA HIS A 77 6.54 13.77 4.43
C HIS A 77 7.99 13.24 4.53
N CYS A 78 8.68 13.01 3.40
CA CYS A 78 10.05 12.46 3.31
C CYS A 78 10.24 11.10 4.03
N LYS A 79 9.15 10.33 4.19
CA LYS A 79 9.08 9.03 4.88
C LYS A 79 10.02 7.97 4.30
N ASP A 80 10.30 6.93 5.08
CA ASP A 80 11.35 5.93 4.83
C ASP A 80 11.14 5.10 3.55
N LYS A 81 9.89 4.78 3.22
CA LYS A 81 9.49 4.06 1.99
C LYS A 81 7.98 4.17 1.72
N ASN A 82 7.57 3.95 0.47
CA ASN A 82 6.17 3.81 0.05
C ASN A 82 6.04 2.70 -1.02
N THR A 83 5.14 1.75 -0.80
CA THR A 83 4.75 0.72 -1.78
C THR A 83 3.55 1.19 -2.61
N PHE A 84 3.81 1.79 -3.78
CA PHE A 84 2.75 2.19 -4.71
C PHE A 84 2.25 1.01 -5.53
N ILE A 85 0.94 0.78 -5.52
CA ILE A 85 0.22 -0.20 -6.34
C ILE A 85 -0.40 0.54 -7.53
N TYR A 86 0.05 0.26 -8.75
CA TYR A 86 -0.65 0.69 -9.97
C TYR A 86 -1.76 -0.33 -10.32
N SER A 87 -2.95 -0.15 -9.76
CA SER A 87 -4.18 -0.88 -10.13
C SER A 87 -5.47 -0.09 -9.87
N ARG A 88 -6.59 -0.62 -10.35
CA ARG A 88 -7.97 -0.13 -10.12
C ARG A 88 -8.47 -0.52 -8.72
N PRO A 89 -9.55 0.08 -8.20
CA PRO A 89 -10.12 -0.29 -6.90
C PRO A 89 -10.85 -1.66 -6.90
N GLU A 90 -11.33 -2.13 -8.05
CA GLU A 90 -12.09 -3.39 -8.19
C GLU A 90 -11.30 -4.63 -7.73
N PRO A 91 -10.12 -4.95 -8.28
CA PRO A 91 -9.33 -6.12 -7.88
C PRO A 91 -8.69 -6.02 -6.49
N VAL A 92 -8.89 -4.90 -5.77
CA VAL A 92 -8.44 -4.65 -4.41
C VAL A 92 -9.60 -4.85 -3.43
N LYS A 93 -10.74 -4.16 -3.64
CA LYS A 93 -11.91 -4.27 -2.77
C LYS A 93 -12.58 -5.65 -2.83
N ALA A 94 -12.74 -6.21 -4.03
CA ALA A 94 -13.49 -7.44 -4.28
C ALA A 94 -12.75 -8.73 -3.86
N ILE A 95 -11.49 -8.63 -3.40
CA ILE A 95 -10.75 -9.74 -2.80
C ILE A 95 -11.56 -10.37 -1.64
N CYS A 96 -12.29 -9.56 -0.89
CA CYS A 96 -13.21 -9.99 0.17
C CYS A 96 -14.69 -9.79 -0.18
N LYS A 97 -15.56 -10.54 0.51
CA LYS A 97 -17.03 -10.51 0.35
C LYS A 97 -17.73 -11.01 1.63
N GLY A 98 -18.28 -10.08 2.42
CA GLY A 98 -18.95 -10.39 3.70
C GLY A 98 -18.03 -10.48 4.92
N ILE A 99 -16.72 -10.21 4.75
CA ILE A 99 -15.71 -10.28 5.82
C ILE A 99 -15.83 -9.10 6.78
N ILE A 100 -16.18 -9.40 8.04
CA ILE A 100 -16.20 -8.47 9.20
C ILE A 100 -15.04 -8.78 10.18
N ALA A 101 -14.41 -9.96 10.03
CA ALA A 101 -13.44 -10.57 10.94
C ALA A 101 -12.03 -9.92 10.99
N SER A 102 -11.81 -8.79 10.30
CA SER A 102 -10.49 -8.15 10.11
C SER A 102 -9.42 -9.12 9.58
N LYS A 103 -9.61 -9.61 8.34
CA LYS A 103 -8.70 -10.52 7.61
C LYS A 103 -8.87 -10.39 6.10
N ASN A 104 -7.87 -10.75 5.29
CA ASN A 104 -8.02 -10.99 3.86
C ASN A 104 -7.15 -12.17 3.38
N VAL A 105 -7.06 -12.35 2.07
CA VAL A 105 -6.16 -13.31 1.39
C VAL A 105 -5.31 -12.55 0.37
N LEU A 106 -4.04 -12.93 0.23
CA LEU A 106 -3.16 -12.46 -0.85
C LEU A 106 -3.80 -12.60 -2.23
N THR A 107 -3.60 -11.62 -3.12
CA THR A 107 -4.03 -11.69 -4.53
C THR A 107 -3.36 -12.83 -5.32
N THR A 108 -3.81 -13.05 -6.56
CA THR A 108 -3.30 -14.10 -7.47
C THR A 108 -2.69 -13.52 -8.77
N SER A 109 -3.18 -12.38 -9.24
CA SER A 109 -2.70 -11.65 -10.44
C SER A 109 -1.41 -10.88 -10.15
N GLU A 110 -0.78 -10.32 -11.20
CA GLU A 110 0.50 -9.60 -11.11
C GLU A 110 0.36 -8.14 -11.56
N PHE A 111 0.30 -7.23 -10.58
CA PHE A 111 0.09 -5.78 -10.76
C PHE A 111 1.43 -5.03 -10.79
N TYR A 112 1.43 -3.79 -11.31
CA TYR A 112 2.64 -2.97 -11.41
C TYR A 112 3.01 -2.40 -10.03
N LEU A 113 4.00 -3.02 -9.38
CA LEU A 113 4.51 -2.63 -8.06
C LEU A 113 5.68 -1.64 -8.17
N SER A 114 5.57 -0.54 -7.43
CA SER A 114 6.51 0.59 -7.44
C SER A 114 6.90 0.96 -6.00
N ASP A 115 7.97 0.34 -5.49
CA ASP A 115 8.56 0.72 -4.21
C ASP A 115 9.64 1.81 -4.38
N CYS A 116 9.94 2.50 -3.28
CA CYS A 116 11.12 3.35 -3.12
C CYS A 116 11.55 3.28 -1.66
N ASN A 117 12.85 3.29 -1.38
CA ASN A 117 13.42 3.17 -0.03
C ASN A 117 14.51 4.24 0.17
N VAL A 118 14.43 5.01 1.26
CA VAL A 118 15.36 6.14 1.54
C VAL A 118 16.82 5.67 1.58
N THR A 119 17.75 6.54 1.16
CA THR A 119 19.20 6.30 1.22
C THR A 119 19.97 7.54 1.71
N SER A 120 20.40 7.50 2.97
CA SER A 120 21.17 8.54 3.68
C SER A 120 22.54 8.83 3.05
N ARG A 1 12.62 18.03 -5.91
CA ARG A 1 13.56 17.06 -5.26
C ARG A 1 13.48 17.14 -3.71
N PRO A 2 12.54 16.45 -3.04
CA PRO A 2 12.40 16.55 -1.58
C PRO A 2 13.52 15.80 -0.83
N CYS A 3 13.77 14.54 -1.22
CA CYS A 3 14.74 13.61 -0.64
C CYS A 3 15.33 12.71 -1.75
N LYS A 4 16.30 11.86 -1.39
CA LYS A 4 17.00 10.94 -2.32
C LYS A 4 16.54 9.49 -2.09
N TYR A 5 16.14 8.80 -3.16
CA TYR A 5 15.61 7.43 -3.13
C TYR A 5 16.21 6.54 -4.23
N LYS A 6 16.15 5.23 -4.01
CA LYS A 6 16.63 4.15 -4.88
C LYS A 6 15.53 3.70 -5.86
N LEU A 7 15.94 3.12 -6.98
CA LEU A 7 15.08 2.69 -8.09
C LEU A 7 14.68 1.20 -7.93
N LYS A 8 13.43 0.94 -7.52
CA LYS A 8 12.89 -0.40 -7.23
C LYS A 8 11.53 -0.66 -7.90
N LYS A 9 11.53 -1.39 -9.01
CA LYS A 9 10.34 -1.80 -9.77
C LYS A 9 10.14 -3.32 -9.72
N SER A 10 8.89 -3.75 -9.53
CA SER A 10 8.47 -5.16 -9.46
C SER A 10 7.11 -5.36 -10.15
N THR A 11 6.70 -6.61 -10.37
CA THR A 11 5.37 -6.94 -10.93
C THR A 11 4.79 -8.20 -10.30
N ASN A 12 3.83 -8.04 -9.38
CA ASN A 12 3.29 -9.12 -8.54
C ASN A 12 2.02 -8.71 -7.76
N LYS A 13 1.40 -9.69 -7.10
CA LYS A 13 0.36 -9.59 -6.05
C LYS A 13 0.78 -8.77 -4.82
N PHE A 14 -0.18 -8.50 -3.95
CA PHE A 14 -0.04 -7.74 -2.70
C PHE A 14 -0.98 -8.29 -1.61
N CYS A 15 -0.59 -8.16 -0.34
CA CYS A 15 -1.41 -8.57 0.81
C CYS A 15 -1.87 -7.37 1.65
N VAL A 16 -3.08 -7.52 2.21
CA VAL A 16 -3.85 -6.48 2.93
C VAL A 16 -4.74 -7.09 4.03
N THR A 17 -5.54 -6.28 4.74
CA THR A 17 -6.49 -6.73 5.79
C THR A 17 -7.90 -6.16 5.54
N CYS A 18 -8.89 -7.03 5.29
CA CYS A 18 -10.29 -6.65 5.12
C CYS A 18 -11.02 -6.50 6.46
N GLU A 19 -11.70 -5.39 6.65
CA GLU A 19 -12.54 -5.11 7.81
C GLU A 19 -13.84 -4.45 7.33
N ASN A 20 -14.96 -5.15 7.54
CA ASN A 20 -16.29 -4.78 7.02
C ASN A 20 -16.32 -4.64 5.48
N GLN A 21 -15.93 -5.72 4.79
CA GLN A 21 -16.04 -5.94 3.33
C GLN A 21 -15.19 -4.97 2.47
N ALA A 22 -14.09 -4.45 3.02
CA ALA A 22 -13.22 -3.48 2.40
C ALA A 22 -11.84 -3.51 3.09
N PRO A 23 -10.73 -3.52 2.33
CA PRO A 23 -9.38 -3.50 2.89
C PRO A 23 -8.96 -2.11 3.42
N VAL A 24 -8.88 -1.99 4.74
CA VAL A 24 -8.47 -0.78 5.50
C VAL A 24 -7.06 -0.90 6.09
N HIS A 25 -6.23 -1.86 5.65
CA HIS A 25 -4.84 -1.99 6.12
C HIS A 25 -3.95 -2.65 5.07
N PHE A 26 -2.70 -2.19 4.96
CA PHE A 26 -1.68 -2.87 4.17
C PHE A 26 -1.03 -4.00 4.98
N VAL A 27 -0.48 -5.02 4.31
CA VAL A 27 0.40 -6.03 4.92
C VAL A 27 1.76 -6.13 4.21
N GLY A 28 1.77 -6.37 2.89
CA GLY A 28 3.02 -6.70 2.17
C GLY A 28 2.86 -6.92 0.67
N VAL A 29 3.94 -7.37 0.04
CA VAL A 29 4.12 -7.45 -1.42
C VAL A 29 4.56 -8.87 -1.83
N GLY A 30 3.79 -9.51 -2.72
CA GLY A 30 4.06 -10.86 -3.24
C GLY A 30 3.98 -12.02 -2.22
N SER A 31 3.66 -11.70 -0.95
CA SER A 31 3.62 -12.55 0.24
C SER A 31 2.86 -11.81 1.35
N CYS A 32 2.48 -12.51 2.43
CA CYS A 32 1.73 -11.95 3.55
C CYS A 32 2.47 -12.20 4.89
N GLY A 33 2.98 -11.13 5.52
CA GLY A 33 3.81 -11.19 6.73
C GLY A 33 3.00 -10.98 8.02
N SER A 34 3.42 -11.63 9.10
CA SER A 34 2.84 -11.48 10.45
C SER A 34 3.87 -11.80 11.56
N GLY A 35 3.54 -11.48 12.81
CA GLY A 35 4.36 -11.74 14.00
C GLY A 35 3.90 -10.96 15.24
N GLY A 36 4.47 -11.30 16.39
CA GLY A 36 4.16 -10.70 17.71
C GLY A 36 5.19 -9.65 18.13
N SER A 37 5.04 -8.42 17.63
CA SER A 37 5.89 -7.27 17.97
C SER A 37 5.09 -5.96 18.10
N GLY A 38 5.74 -4.90 18.60
CA GLY A 38 5.14 -3.59 18.94
C GLY A 38 5.23 -2.52 17.84
N ILE A 39 5.58 -2.91 16.62
CA ILE A 39 5.83 -2.02 15.46
C ILE A 39 4.58 -1.17 15.13
N PHE A 40 4.80 0.12 14.88
CA PHE A 40 3.77 1.11 14.53
C PHE A 40 4.28 2.17 13.52
N LEU A 41 5.35 1.89 12.78
CA LEU A 41 6.00 2.84 11.85
C LEU A 41 5.13 3.21 10.62
N GLU A 42 4.20 2.34 10.24
CA GLU A 42 3.19 2.56 9.19
C GLU A 42 2.06 3.54 9.59
N THR A 43 1.22 3.95 8.63
CA THR A 43 0.02 4.80 8.89
C THR A 43 -0.99 4.11 9.81
N SER A 44 -1.10 2.78 9.70
CA SER A 44 -2.04 1.89 10.41
C SER A 44 -3.50 2.37 10.37
N LEU A 45 -4.11 2.26 9.18
CA LEU A 45 -5.47 2.73 8.84
C LEU A 45 -6.64 1.98 9.53
N SER A 46 -6.36 0.97 10.37
CA SER A 46 -7.35 0.15 11.09
C SER A 46 -8.23 0.94 12.06
N ALA A 47 -7.67 1.94 12.73
CA ALA A 47 -8.33 2.81 13.70
C ALA A 47 -8.11 4.29 13.38
N GLY A 48 -9.19 4.99 13.02
CA GLY A 48 -9.19 6.42 12.64
C GLY A 48 -9.14 6.69 11.13
N SER A 49 -9.12 5.65 10.29
CA SER A 49 -9.16 5.73 8.81
C SER A 49 -10.10 4.67 8.22
N ASP A 50 -10.11 4.53 6.90
CA ASP A 50 -11.00 3.66 6.13
C ASP A 50 -10.35 3.27 4.79
N TRP A 51 -10.98 2.35 4.06
CA TRP A 51 -10.67 1.94 2.70
C TRP A 51 -10.70 3.13 1.70
N LEU A 52 -11.62 4.07 1.91
CA LEU A 52 -11.77 5.29 1.10
C LEU A 52 -10.50 6.16 1.10
N THR A 53 -9.74 6.16 2.20
CA THR A 53 -8.43 6.81 2.35
C THR A 53 -7.24 5.88 2.04
N PHE A 54 -7.38 4.56 2.24
CA PHE A 54 -6.36 3.54 1.92
C PHE A 54 -5.87 3.63 0.47
N GLN A 55 -6.81 3.78 -0.47
CA GLN A 55 -6.53 3.99 -1.89
C GLN A 55 -5.61 5.20 -2.10
N LYS A 56 -6.07 6.39 -1.68
CA LYS A 56 -5.31 7.66 -1.86
C LYS A 56 -3.92 7.65 -1.23
N LYS A 57 -3.69 6.83 -0.20
CA LYS A 57 -2.41 6.69 0.51
C LYS A 57 -1.30 6.04 -0.33
N HIS A 58 -1.55 4.86 -0.88
CA HIS A 58 -0.54 3.99 -1.52
C HIS A 58 -0.99 3.25 -2.79
N ILE A 59 -2.12 3.65 -3.39
CA ILE A 59 -2.63 3.09 -4.65
C ILE A 59 -2.89 4.23 -5.66
N THR A 60 -2.66 3.95 -6.94
CA THR A 60 -3.06 4.84 -8.04
C THR A 60 -3.56 4.08 -9.26
N ASN A 61 -4.44 4.70 -10.05
CA ASN A 61 -4.90 4.22 -11.35
C ASN A 61 -3.97 4.71 -12.50
N THR A 62 -2.91 5.47 -12.19
CA THR A 62 -1.86 5.94 -13.12
C THR A 62 -0.59 6.32 -12.36
N ARG A 63 0.47 5.50 -12.46
CA ARG A 63 1.78 5.81 -11.85
C ARG A 63 2.40 7.06 -12.49
N ASP A 64 2.37 8.18 -11.76
CA ASP A 64 2.95 9.47 -12.16
C ASP A 64 4.16 9.89 -11.31
N VAL A 65 4.56 9.05 -10.36
CA VAL A 65 5.71 9.27 -9.45
C VAL A 65 7.07 9.06 -10.16
N ASP A 66 8.05 9.87 -9.76
CA ASP A 66 9.48 9.77 -10.16
C ASP A 66 10.45 9.84 -8.97
N CYS A 67 9.92 9.81 -7.73
CA CYS A 67 10.62 9.94 -6.44
C CYS A 67 11.53 11.19 -6.34
N ASP A 68 11.07 12.30 -6.94
CA ASP A 68 11.66 13.64 -6.98
C ASP A 68 10.60 14.76 -7.03
N ASN A 69 9.37 14.48 -7.48
CA ASN A 69 8.26 15.45 -7.61
C ASN A 69 7.17 15.26 -6.53
N ILE A 70 7.28 14.24 -5.68
CA ILE A 70 6.32 13.94 -4.58
C ILE A 70 6.25 15.04 -3.51
N MET A 71 7.17 16.02 -3.57
CA MET A 71 7.08 17.29 -2.86
C MET A 71 5.79 18.09 -3.17
N SER A 72 5.18 17.83 -4.33
CA SER A 72 3.92 18.44 -4.81
C SER A 72 2.67 17.58 -4.58
N THR A 73 2.80 16.35 -4.06
CA THR A 73 1.68 15.43 -3.75
C THR A 73 1.48 15.32 -2.22
N ASN A 74 0.54 14.47 -1.78
CA ASN A 74 0.30 14.22 -0.35
C ASN A 74 1.49 13.54 0.37
N LEU A 75 2.44 12.96 -0.39
CA LEU A 75 3.57 12.17 0.10
C LEU A 75 4.87 12.99 0.33
N PHE A 76 4.75 14.32 0.44
CA PHE A 76 5.85 15.29 0.63
C PHE A 76 6.56 15.16 1.99
N HIS A 77 6.02 14.34 2.89
CA HIS A 77 6.44 14.12 4.28
C HIS A 77 7.87 13.58 4.48
N CYS A 78 8.60 13.31 3.39
CA CYS A 78 9.94 12.70 3.38
C CYS A 78 10.03 11.42 4.25
N LYS A 79 9.13 10.47 3.99
CA LYS A 79 9.15 9.10 4.55
C LYS A 79 10.43 8.34 4.15
N ASP A 80 10.67 7.21 4.82
CA ASP A 80 11.81 6.31 4.55
C ASP A 80 11.63 5.45 3.29
N LYS A 81 10.38 5.14 2.95
CA LYS A 81 9.92 4.40 1.76
C LYS A 81 8.40 4.46 1.62
N ASN A 82 7.88 4.18 0.44
CA ASN A 82 6.46 3.87 0.23
C ASN A 82 6.27 2.86 -0.91
N THR A 83 5.28 1.97 -0.76
CA THR A 83 4.81 1.05 -1.80
C THR A 83 3.67 1.71 -2.57
N PHE A 84 3.83 2.00 -3.86
CA PHE A 84 2.70 2.34 -4.74
C PHE A 84 2.25 1.11 -5.53
N ILE A 85 0.94 0.84 -5.48
CA ILE A 85 0.26 -0.22 -6.25
C ILE A 85 -0.42 0.46 -7.44
N TYR A 86 0.05 0.19 -8.67
CA TYR A 86 -0.65 0.61 -9.89
C TYR A 86 -1.70 -0.44 -10.27
N SER A 87 -2.94 -0.25 -9.78
CA SER A 87 -4.10 -1.10 -10.05
C SER A 87 -5.42 -0.30 -10.10
N ARG A 88 -6.54 -1.00 -10.39
CA ARG A 88 -7.91 -0.52 -10.17
C ARG A 88 -8.38 -0.90 -8.75
N PRO A 89 -9.43 -0.23 -8.19
CA PRO A 89 -9.96 -0.57 -6.86
C PRO A 89 -10.75 -1.90 -6.81
N GLU A 90 -11.27 -2.37 -7.94
CA GLU A 90 -12.09 -3.59 -8.04
C GLU A 90 -11.31 -4.85 -7.58
N PRO A 91 -10.13 -5.18 -8.15
CA PRO A 91 -9.31 -6.33 -7.70
C PRO A 91 -8.67 -6.17 -6.31
N VAL A 92 -8.87 -5.04 -5.64
CA VAL A 92 -8.40 -4.76 -4.26
C VAL A 92 -9.55 -4.96 -3.27
N LYS A 93 -10.70 -4.30 -3.49
CA LYS A 93 -11.87 -4.40 -2.60
C LYS A 93 -12.51 -5.80 -2.63
N ALA A 94 -12.67 -6.38 -3.82
CA ALA A 94 -13.39 -7.63 -4.05
C ALA A 94 -12.62 -8.90 -3.64
N ILE A 95 -11.36 -8.77 -3.19
CA ILE A 95 -10.60 -9.88 -2.58
C ILE A 95 -11.40 -10.50 -1.42
N CYS A 96 -12.14 -9.68 -0.67
CA CYS A 96 -13.07 -10.10 0.38
C CYS A 96 -14.55 -9.86 0.01
N LYS A 97 -15.44 -10.62 0.66
CA LYS A 97 -16.91 -10.52 0.57
C LYS A 97 -17.55 -11.07 1.85
N GLY A 98 -18.13 -10.18 2.65
CA GLY A 98 -18.79 -10.52 3.93
C GLY A 98 -17.84 -10.60 5.14
N ILE A 99 -16.55 -10.29 4.96
CA ILE A 99 -15.51 -10.36 6.00
C ILE A 99 -15.60 -9.16 6.95
N ILE A 100 -15.90 -9.44 8.22
CA ILE A 100 -15.91 -8.50 9.37
C ILE A 100 -14.75 -8.80 10.34
N ALA A 101 -14.10 -9.95 10.18
CA ALA A 101 -13.11 -10.57 11.09
C ALA A 101 -11.71 -9.89 11.11
N SER A 102 -11.50 -8.77 10.42
CA SER A 102 -10.21 -8.09 10.25
C SER A 102 -9.11 -9.03 9.71
N LYS A 103 -9.27 -9.53 8.47
CA LYS A 103 -8.35 -10.45 7.76
C LYS A 103 -8.55 -10.36 6.24
N ASN A 104 -7.53 -10.63 5.44
CA ASN A 104 -7.69 -10.91 3.99
C ASN A 104 -6.80 -12.07 3.54
N VAL A 105 -6.73 -12.30 2.22
CA VAL A 105 -5.84 -13.26 1.56
C VAL A 105 -5.03 -12.51 0.51
N LEU A 106 -3.74 -12.86 0.36
CA LEU A 106 -2.88 -12.40 -0.73
C LEU A 106 -3.55 -12.60 -2.11
N THR A 107 -3.37 -11.62 -3.02
CA THR A 107 -3.84 -11.73 -4.42
C THR A 107 -3.19 -12.88 -5.20
N THR A 108 -3.64 -13.12 -6.44
CA THR A 108 -3.15 -14.17 -7.35
C THR A 108 -2.63 -13.63 -8.70
N SER A 109 -3.05 -12.43 -9.09
CA SER A 109 -2.62 -11.71 -10.30
C SER A 109 -1.33 -10.91 -10.08
N GLU A 110 -0.75 -10.36 -11.15
CA GLU A 110 0.51 -9.59 -11.11
C GLU A 110 0.30 -8.14 -11.55
N PHE A 111 0.39 -7.21 -10.60
CA PHE A 111 0.14 -5.77 -10.77
C PHE A 111 1.46 -5.00 -10.80
N TYR A 112 1.46 -3.77 -11.33
CA TYR A 112 2.67 -2.93 -11.37
C TYR A 112 3.00 -2.41 -9.96
N LEU A 113 4.08 -2.93 -9.37
CA LEU A 113 4.61 -2.51 -8.08
C LEU A 113 5.72 -1.47 -8.22
N SER A 114 5.52 -0.31 -7.60
CA SER A 114 6.38 0.86 -7.66
C SER A 114 6.82 1.24 -6.24
N ASP A 115 7.93 0.66 -5.78
CA ASP A 115 8.57 1.01 -4.51
C ASP A 115 9.57 2.17 -4.68
N CYS A 116 9.88 2.88 -3.59
CA CYS A 116 11.05 3.75 -3.48
C CYS A 116 11.57 3.69 -2.05
N ASN A 117 12.90 3.69 -1.88
CA ASN A 117 13.58 3.50 -0.59
C ASN A 117 14.67 4.56 -0.41
N VAL A 118 14.70 5.28 0.71
CA VAL A 118 15.66 6.38 0.94
C VAL A 118 17.12 5.92 0.86
N THR A 119 17.99 6.80 0.36
CA THR A 119 19.46 6.65 0.33
C THR A 119 20.16 7.92 0.81
N SER A 120 20.59 7.92 2.07
CA SER A 120 21.27 9.03 2.79
C SER A 120 22.39 8.52 3.69
N ARG A 1 12.54 18.34 -6.31
CA ARG A 1 13.40 17.32 -5.65
C ARG A 1 13.33 17.44 -4.11
N PRO A 2 12.47 16.66 -3.42
CA PRO A 2 12.41 16.67 -1.95
C PRO A 2 13.63 15.98 -1.32
N CYS A 3 13.84 14.70 -1.65
CA CYS A 3 14.96 13.84 -1.27
C CYS A 3 15.39 12.97 -2.47
N LYS A 4 16.50 12.25 -2.34
CA LYS A 4 17.02 11.30 -3.35
C LYS A 4 16.48 9.89 -3.08
N TYR A 5 16.06 9.19 -4.14
CA TYR A 5 15.57 7.81 -4.08
C TYR A 5 16.12 6.96 -5.26
N LYS A 6 15.98 5.64 -5.13
CA LYS A 6 16.43 4.61 -6.09
C LYS A 6 15.29 4.12 -6.99
N LEU A 7 15.64 3.52 -8.14
CA LEU A 7 14.74 2.91 -9.12
C LEU A 7 14.55 1.41 -8.84
N LYS A 8 13.34 1.03 -8.41
CA LYS A 8 12.91 -0.35 -8.12
C LYS A 8 11.51 -0.62 -8.69
N LYS A 9 11.40 -1.53 -9.66
CA LYS A 9 10.11 -1.96 -10.26
C LYS A 9 9.91 -3.47 -10.13
N SER A 10 8.66 -3.91 -10.03
CA SER A 10 8.24 -5.33 -10.03
C SER A 10 6.84 -5.51 -10.63
N THR A 11 6.44 -6.77 -10.85
CA THR A 11 5.10 -7.13 -11.34
C THR A 11 4.59 -8.39 -10.64
N ASN A 12 3.66 -8.23 -9.69
CA ASN A 12 3.16 -9.30 -8.81
C ASN A 12 1.91 -8.88 -8.01
N LYS A 13 1.30 -9.83 -7.30
CA LYS A 13 0.27 -9.62 -6.28
C LYS A 13 0.72 -8.80 -5.07
N PHE A 14 -0.23 -8.46 -4.22
CA PHE A 14 -0.05 -7.73 -2.95
C PHE A 14 -0.94 -8.34 -1.86
N CYS A 15 -0.55 -8.15 -0.59
CA CYS A 15 -1.31 -8.56 0.59
C CYS A 15 -1.79 -7.34 1.40
N VAL A 16 -2.97 -7.49 2.01
CA VAL A 16 -3.69 -6.45 2.76
C VAL A 16 -4.54 -7.06 3.90
N THR A 17 -5.29 -6.24 4.66
CA THR A 17 -6.21 -6.70 5.74
C THR A 17 -7.62 -6.15 5.52
N CYS A 18 -8.62 -7.03 5.33
CA CYS A 18 -10.03 -6.66 5.19
C CYS A 18 -10.70 -6.48 6.55
N GLU A 19 -11.41 -5.37 6.71
CA GLU A 19 -12.17 -5.04 7.91
C GLU A 19 -13.51 -4.41 7.48
N ASN A 20 -14.61 -5.13 7.74
CA ASN A 20 -15.97 -4.78 7.27
C ASN A 20 -16.05 -4.67 5.72
N GLN A 21 -15.69 -5.77 5.04
CA GLN A 21 -15.84 -6.02 3.58
C GLN A 21 -15.04 -5.07 2.68
N ALA A 22 -13.91 -4.53 3.19
CA ALA A 22 -13.07 -3.57 2.51
C ALA A 22 -11.67 -3.57 3.15
N PRO A 23 -10.58 -3.57 2.35
CA PRO A 23 -9.21 -3.54 2.85
C PRO A 23 -8.78 -2.15 3.35
N VAL A 24 -8.64 -2.01 4.67
CA VAL A 24 -8.22 -0.79 5.38
C VAL A 24 -6.81 -0.90 5.98
N HIS A 25 -5.96 -1.85 5.53
CA HIS A 25 -4.56 -1.96 5.99
C HIS A 25 -3.69 -2.62 4.91
N PHE A 26 -2.48 -2.12 4.70
CA PHE A 26 -1.49 -2.78 3.84
C PHE A 26 -0.71 -3.86 4.62
N VAL A 27 -0.29 -4.94 3.96
CA VAL A 27 0.55 -5.99 4.59
C VAL A 27 1.88 -6.18 3.86
N GLY A 28 1.88 -6.44 2.55
CA GLY A 28 3.11 -6.82 1.83
C GLY A 28 2.93 -7.02 0.32
N VAL A 29 4.00 -7.49 -0.33
CA VAL A 29 4.14 -7.61 -1.79
C VAL A 29 4.59 -9.03 -2.16
N GLY A 30 3.77 -9.75 -2.92
CA GLY A 30 4.03 -11.17 -3.26
C GLY A 30 3.98 -12.16 -2.09
N SER A 31 3.62 -11.70 -0.89
CA SER A 31 3.52 -12.46 0.37
C SER A 31 2.74 -11.66 1.43
N CYS A 32 2.32 -12.33 2.51
CA CYS A 32 1.72 -11.72 3.71
C CYS A 32 2.67 -11.81 4.90
N GLY A 33 3.21 -10.67 5.35
CA GLY A 33 4.01 -10.58 6.58
C GLY A 33 3.17 -10.68 7.86
N SER A 34 3.81 -11.00 8.97
CA SER A 34 3.21 -11.09 10.31
C SER A 34 4.24 -10.78 11.42
N GLY A 35 3.81 -10.78 12.68
CA GLY A 35 4.63 -10.52 13.86
C GLY A 35 3.92 -10.80 15.20
N GLY A 36 4.66 -10.69 16.31
CA GLY A 36 4.22 -11.01 17.67
C GLY A 36 4.54 -9.93 18.72
N SER A 37 4.81 -8.70 18.29
CA SER A 37 5.23 -7.55 19.12
C SER A 37 4.30 -6.34 18.96
N GLY A 38 4.27 -5.46 19.96
CA GLY A 38 3.37 -4.31 20.05
C GLY A 38 3.81 -3.07 19.26
N ILE A 39 4.18 -3.27 17.99
CA ILE A 39 4.66 -2.23 17.07
C ILE A 39 3.53 -1.28 16.65
N PHE A 40 3.89 0.00 16.51
CA PHE A 40 2.99 1.11 16.18
C PHE A 40 3.59 2.14 15.19
N LEU A 41 4.79 1.88 14.65
CA LEU A 41 5.50 2.75 13.69
C LEU A 41 4.79 2.85 12.32
N GLU A 42 3.96 1.86 11.98
CA GLU A 42 3.05 1.89 10.82
C GLU A 42 1.95 2.96 10.95
N THR A 43 1.30 3.30 9.83
CA THR A 43 0.14 4.21 9.78
C THR A 43 -1.10 3.64 10.50
N SER A 44 -1.26 2.31 10.46
CA SER A 44 -2.45 1.54 10.89
C SER A 44 -3.79 2.20 10.50
N LEU A 45 -4.11 2.17 9.20
CA LEU A 45 -5.35 2.71 8.64
C LEU A 45 -6.64 2.05 9.20
N SER A 46 -6.53 0.92 9.90
CA SER A 46 -7.60 0.31 10.73
C SER A 46 -8.13 1.24 11.83
N ALA A 47 -7.28 2.13 12.37
CA ALA A 47 -7.63 3.08 13.43
C ALA A 47 -7.36 4.53 12.99
N GLY A 48 -8.43 5.27 12.70
CA GLY A 48 -8.40 6.67 12.25
C GLY A 48 -8.41 6.88 10.73
N SER A 49 -8.50 5.80 9.94
CA SER A 49 -8.65 5.83 8.48
C SER A 49 -9.70 4.80 8.01
N ASP A 50 -9.77 4.57 6.70
CA ASP A 50 -10.68 3.67 6.02
C ASP A 50 -10.10 3.22 4.67
N TRP A 51 -10.82 2.33 3.99
CA TRP A 51 -10.53 1.86 2.64
C TRP A 51 -10.51 3.00 1.60
N LEU A 52 -11.38 4.01 1.75
CA LEU A 52 -11.47 5.18 0.87
C LEU A 52 -10.14 5.95 0.83
N THR A 53 -9.58 6.22 2.01
CA THR A 53 -8.26 6.85 2.20
C THR A 53 -7.08 5.91 1.91
N PHE A 54 -7.21 4.59 2.14
CA PHE A 54 -6.19 3.57 1.82
C PHE A 54 -5.75 3.60 0.35
N GLN A 55 -6.71 3.78 -0.57
CA GLN A 55 -6.43 3.97 -1.99
C GLN A 55 -5.57 5.22 -2.21
N LYS A 56 -6.10 6.40 -1.82
CA LYS A 56 -5.42 7.70 -2.00
C LYS A 56 -4.06 7.80 -1.31
N LYS A 57 -3.80 6.96 -0.29
CA LYS A 57 -2.50 6.82 0.42
C LYS A 57 -1.38 6.28 -0.49
N HIS A 58 -1.54 5.11 -1.13
CA HIS A 58 -0.46 4.43 -1.88
C HIS A 58 -0.90 3.62 -3.10
N ILE A 59 -2.06 3.93 -3.68
CA ILE A 59 -2.62 3.27 -4.89
C ILE A 59 -2.96 4.34 -5.92
N THR A 60 -2.83 3.99 -7.21
CA THR A 60 -3.20 4.87 -8.32
C THR A 60 -3.82 4.12 -9.51
N ASN A 61 -4.68 4.82 -10.27
CA ASN A 61 -5.20 4.42 -11.56
C ASN A 61 -4.25 4.76 -12.74
N THR A 62 -3.11 5.39 -12.46
CA THR A 62 -2.04 5.74 -13.42
C THR A 62 -0.73 6.06 -12.70
N ARG A 63 0.29 5.18 -12.81
CA ARG A 63 1.64 5.47 -12.28
C ARG A 63 2.29 6.61 -13.07
N ASP A 64 2.37 7.79 -12.45
CA ASP A 64 3.03 8.99 -13.01
C ASP A 64 4.25 9.44 -12.18
N VAL A 65 4.62 8.70 -11.14
CA VAL A 65 5.68 9.03 -10.19
C VAL A 65 7.10 8.84 -10.76
N ASP A 66 8.03 9.69 -10.33
CA ASP A 66 9.47 9.65 -10.64
C ASP A 66 10.38 9.78 -9.39
N CYS A 67 9.77 9.88 -8.19
CA CYS A 67 10.41 10.13 -6.88
C CYS A 67 11.46 11.27 -6.91
N ASP A 68 10.99 12.43 -7.40
CA ASP A 68 11.70 13.71 -7.55
C ASP A 68 10.72 14.91 -7.50
N ASN A 69 9.47 14.73 -7.94
CA ASN A 69 8.42 15.77 -7.98
C ASN A 69 7.29 15.57 -6.94
N ILE A 70 7.31 14.47 -6.18
CA ILE A 70 6.28 14.13 -5.17
C ILE A 70 6.15 15.14 -4.03
N MET A 71 7.05 16.12 -3.96
CA MET A 71 6.97 17.30 -3.09
C MET A 71 5.64 18.07 -3.21
N SER A 72 4.97 18.04 -4.37
CA SER A 72 3.65 18.66 -4.60
C SER A 72 2.44 17.74 -4.30
N THR A 73 2.67 16.47 -3.97
CA THR A 73 1.63 15.46 -3.65
C THR A 73 1.50 15.26 -2.13
N ASN A 74 0.60 14.37 -1.68
CA ASN A 74 0.51 13.97 -0.27
C ASN A 74 1.73 13.13 0.23
N LEU A 75 2.54 12.59 -0.68
CA LEU A 75 3.73 11.78 -0.42
C LEU A 75 5.01 12.58 -0.09
N PHE A 76 4.92 13.91 0.04
CA PHE A 76 6.01 14.87 0.24
C PHE A 76 6.80 14.70 1.56
N HIS A 77 6.34 13.82 2.45
CA HIS A 77 6.84 13.61 3.81
C HIS A 77 8.32 13.11 3.88
N CYS A 78 8.95 12.82 2.75
CA CYS A 78 10.27 12.15 2.63
C CYS A 78 10.37 10.89 3.54
N LYS A 79 9.32 10.06 3.50
CA LYS A 79 9.31 8.70 4.06
C LYS A 79 10.33 7.78 3.37
N ASP A 80 10.74 6.72 4.04
CA ASP A 80 11.85 5.84 3.61
C ASP A 80 11.58 5.09 2.30
N LYS A 81 10.32 4.72 2.05
CA LYS A 81 9.81 4.11 0.81
C LYS A 81 8.30 4.20 0.72
N ASN A 82 7.77 4.09 -0.50
CA ASN A 82 6.32 4.02 -0.78
C ASN A 82 6.03 2.90 -1.78
N THR A 83 5.18 1.94 -1.41
CA THR A 83 4.74 0.86 -2.31
C THR A 83 3.51 1.30 -3.09
N PHE A 84 3.70 1.86 -4.29
CA PHE A 84 2.61 2.22 -5.19
C PHE A 84 2.05 0.99 -5.92
N ILE A 85 0.74 0.77 -5.82
CA ILE A 85 0.00 -0.24 -6.58
C ILE A 85 -0.68 0.46 -7.77
N TYR A 86 -0.30 0.13 -9.00
CA TYR A 86 -1.04 0.52 -10.20
C TYR A 86 -2.11 -0.54 -10.52
N SER A 87 -3.30 -0.40 -9.93
CA SER A 87 -4.50 -1.20 -10.25
C SER A 87 -5.81 -0.45 -9.99
N ARG A 88 -6.94 -1.03 -10.43
CA ARG A 88 -8.32 -0.59 -10.17
C ARG A 88 -8.74 -0.92 -8.72
N PRO A 89 -9.81 -0.33 -8.18
CA PRO A 89 -10.31 -0.67 -6.84
C PRO A 89 -10.98 -2.06 -6.76
N GLU A 90 -11.49 -2.60 -7.87
CA GLU A 90 -12.23 -3.87 -7.93
C GLU A 90 -11.40 -5.07 -7.47
N PRO A 91 -10.23 -5.38 -8.07
CA PRO A 91 -9.38 -6.51 -7.67
C PRO A 91 -8.69 -6.34 -6.31
N VAL A 92 -8.88 -5.20 -5.64
CA VAL A 92 -8.37 -4.90 -4.29
C VAL A 92 -9.49 -5.11 -3.26
N LYS A 93 -10.65 -4.46 -3.45
CA LYS A 93 -11.79 -4.56 -2.52
C LYS A 93 -12.43 -5.95 -2.50
N ALA A 94 -12.65 -6.54 -3.69
CA ALA A 94 -13.38 -7.79 -3.86
C ALA A 94 -12.60 -9.07 -3.46
N ILE A 95 -11.33 -8.93 -3.06
CA ILE A 95 -10.54 -10.02 -2.48
C ILE A 95 -11.27 -10.64 -1.26
N CYS A 96 -11.98 -9.80 -0.50
CA CYS A 96 -12.87 -10.22 0.60
C CYS A 96 -14.36 -10.00 0.29
N LYS A 97 -15.23 -10.74 1.00
CA LYS A 97 -16.69 -10.66 0.93
C LYS A 97 -17.32 -11.18 2.24
N GLY A 98 -17.89 -10.28 3.03
CA GLY A 98 -18.51 -10.58 4.33
C GLY A 98 -17.55 -10.62 5.52
N ILE A 99 -16.26 -10.33 5.31
CA ILE A 99 -15.20 -10.38 6.34
C ILE A 99 -15.28 -9.16 7.27
N ILE A 100 -15.50 -9.44 8.56
CA ILE A 100 -15.48 -8.48 9.68
C ILE A 100 -14.29 -8.77 10.64
N ALA A 101 -13.62 -9.91 10.45
CA ALA A 101 -12.60 -10.51 11.33
C ALA A 101 -11.20 -9.84 11.29
N SER A 102 -11.05 -8.69 10.61
CA SER A 102 -9.76 -8.01 10.37
C SER A 102 -8.66 -8.93 9.80
N LYS A 103 -8.87 -9.50 8.60
CA LYS A 103 -7.92 -10.36 7.87
C LYS A 103 -8.22 -10.35 6.36
N ASN A 104 -7.24 -10.63 5.50
CA ASN A 104 -7.45 -10.93 4.08
C ASN A 104 -6.56 -12.10 3.61
N VAL A 105 -6.54 -12.35 2.31
CA VAL A 105 -5.64 -13.32 1.65
C VAL A 105 -4.87 -12.60 0.54
N LEU A 106 -3.59 -12.93 0.35
CA LEU A 106 -2.78 -12.49 -0.79
C LEU A 106 -3.51 -12.68 -2.13
N THR A 107 -3.42 -11.67 -3.00
CA THR A 107 -3.97 -11.73 -4.38
C THR A 107 -3.31 -12.83 -5.23
N THR A 108 -3.84 -13.08 -6.42
CA THR A 108 -3.35 -14.13 -7.36
C THR A 108 -2.84 -13.57 -8.70
N SER A 109 -3.34 -12.41 -9.13
CA SER A 109 -2.92 -11.73 -10.37
C SER A 109 -1.64 -10.92 -10.19
N GLU A 110 -1.05 -10.42 -11.27
CA GLU A 110 0.23 -9.71 -11.27
C GLU A 110 0.06 -8.26 -11.76
N PHE A 111 0.09 -7.32 -10.80
CA PHE A 111 -0.15 -5.88 -11.00
C PHE A 111 1.17 -5.12 -11.10
N TYR A 112 1.15 -3.89 -11.64
CA TYR A 112 2.33 -3.04 -11.72
C TYR A 112 2.70 -2.50 -10.33
N LEU A 113 3.76 -3.06 -9.74
CA LEU A 113 4.30 -2.66 -8.44
C LEU A 113 5.47 -1.69 -8.58
N SER A 114 5.35 -0.53 -7.93
CA SER A 114 6.26 0.61 -8.04
C SER A 114 6.75 1.02 -6.65
N ASP A 115 7.92 0.51 -6.27
CA ASP A 115 8.63 0.87 -5.03
C ASP A 115 9.65 1.98 -5.30
N CYS A 116 9.74 2.94 -4.39
CA CYS A 116 10.91 3.85 -4.29
C CYS A 116 11.63 3.56 -2.98
N ASN A 117 12.95 3.77 -2.90
CA ASN A 117 13.73 3.58 -1.68
C ASN A 117 14.69 4.77 -1.49
N VAL A 118 14.63 5.45 -0.34
CA VAL A 118 15.49 6.60 -0.03
C VAL A 118 16.98 6.24 -0.12
N THR A 119 17.81 7.19 -0.55
CA THR A 119 19.28 7.06 -0.59
C THR A 119 19.97 8.32 -0.05
N SER A 120 20.47 8.24 1.18
CA SER A 120 21.18 9.30 1.91
C SER A 120 22.23 8.71 2.88
N ARG A 1 11.82 18.67 -5.69
CA ARG A 1 12.86 17.63 -5.46
C ARG A 1 13.10 17.48 -3.94
N PRO A 2 12.20 16.80 -3.20
CA PRO A 2 12.18 16.89 -1.72
C PRO A 2 13.36 16.16 -1.05
N CYS A 3 13.59 14.91 -1.47
CA CYS A 3 14.69 14.03 -1.08
C CYS A 3 15.25 13.31 -2.34
N LYS A 4 16.08 12.28 -2.16
CA LYS A 4 16.50 11.37 -3.22
C LYS A 4 16.05 9.94 -2.88
N TYR A 5 15.72 9.17 -3.91
CA TYR A 5 15.24 7.79 -3.83
C TYR A 5 15.84 6.95 -4.97
N LYS A 6 15.83 5.62 -4.82
CA LYS A 6 16.30 4.65 -5.83
C LYS A 6 15.16 3.92 -6.56
N LEU A 7 15.49 3.40 -7.75
CA LEU A 7 14.58 2.80 -8.73
C LEU A 7 14.28 1.33 -8.39
N LYS A 8 13.03 1.00 -7.97
CA LYS A 8 12.59 -0.35 -7.60
C LYS A 8 11.21 -0.70 -8.21
N LYS A 9 11.21 -1.42 -9.33
CA LYS A 9 10.01 -1.83 -10.08
C LYS A 9 9.87 -3.37 -10.10
N SER A 10 8.64 -3.84 -9.89
CA SER A 10 8.27 -5.26 -9.77
C SER A 10 6.88 -5.53 -10.36
N THR A 11 6.50 -6.80 -10.56
CA THR A 11 5.18 -7.17 -11.08
C THR A 11 4.63 -8.40 -10.37
N ASN A 12 3.67 -8.21 -9.46
CA ASN A 12 3.16 -9.24 -8.54
C ASN A 12 1.91 -8.79 -7.74
N LYS A 13 1.31 -9.73 -7.02
CA LYS A 13 0.25 -9.58 -5.99
C LYS A 13 0.69 -8.77 -4.77
N PHE A 14 -0.26 -8.47 -3.89
CA PHE A 14 -0.10 -7.69 -2.66
C PHE A 14 -0.99 -8.24 -1.52
N CYS A 15 -0.50 -8.17 -0.29
CA CYS A 15 -1.23 -8.60 0.91
C CYS A 15 -1.73 -7.40 1.71
N VAL A 16 -2.97 -7.52 2.22
CA VAL A 16 -3.73 -6.46 2.93
C VAL A 16 -4.64 -7.06 4.02
N THR A 17 -5.41 -6.23 4.73
CA THR A 17 -6.37 -6.66 5.77
C THR A 17 -7.77 -6.11 5.52
N CYS A 18 -8.77 -6.96 5.26
CA CYS A 18 -10.18 -6.55 5.14
C CYS A 18 -10.87 -6.48 6.50
N GLU A 19 -11.56 -5.38 6.74
CA GLU A 19 -12.36 -5.13 7.94
C GLU A 19 -13.67 -4.44 7.51
N ASN A 20 -14.80 -5.12 7.73
CA ASN A 20 -16.12 -4.73 7.22
C ASN A 20 -16.14 -4.63 5.67
N GLN A 21 -15.74 -5.73 5.00
CA GLN A 21 -15.86 -5.99 3.55
C GLN A 21 -15.03 -5.06 2.65
N ALA A 22 -13.95 -4.48 3.18
CA ALA A 22 -13.12 -3.50 2.50
C ALA A 22 -11.72 -3.49 3.14
N PRO A 23 -10.64 -3.50 2.33
CA PRO A 23 -9.26 -3.51 2.82
C PRO A 23 -8.80 -2.15 3.33
N VAL A 24 -8.65 -2.02 4.65
CA VAL A 24 -8.24 -0.81 5.38
C VAL A 24 -6.84 -0.91 5.99
N HIS A 25 -6.00 -1.88 5.60
CA HIS A 25 -4.61 -2.00 6.11
C HIS A 25 -3.70 -2.66 5.06
N PHE A 26 -2.45 -2.23 4.98
CA PHE A 26 -1.43 -2.78 4.08
C PHE A 26 -0.46 -3.71 4.82
N VAL A 27 -0.28 -4.93 4.34
CA VAL A 27 0.61 -5.95 4.96
C VAL A 27 1.95 -6.07 4.21
N GLY A 28 1.93 -6.36 2.91
CA GLY A 28 3.15 -6.69 2.15
C GLY A 28 2.94 -6.91 0.65
N VAL A 29 4.00 -7.39 -0.01
CA VAL A 29 4.11 -7.49 -1.48
C VAL A 29 4.60 -8.89 -1.87
N GLY A 30 3.83 -9.62 -2.67
CA GLY A 30 4.12 -11.01 -3.05
C GLY A 30 4.03 -12.05 -1.90
N SER A 31 3.66 -11.62 -0.69
CA SER A 31 3.58 -12.39 0.56
C SER A 31 2.88 -11.58 1.67
N CYS A 32 2.49 -12.25 2.76
CA CYS A 32 1.94 -11.65 3.97
C CYS A 32 2.96 -11.68 5.13
N GLY A 33 3.47 -10.51 5.52
CA GLY A 33 4.50 -10.35 6.57
C GLY A 33 3.91 -10.18 7.97
N SER A 34 3.49 -11.29 8.59
CA SER A 34 2.96 -11.33 9.97
C SER A 34 4.06 -11.36 11.05
N GLY A 35 3.66 -11.29 12.33
CA GLY A 35 4.53 -11.31 13.51
C GLY A 35 3.76 -11.15 14.83
N GLY A 36 4.49 -11.14 15.96
CA GLY A 36 3.95 -11.09 17.32
C GLY A 36 4.68 -10.07 18.22
N SER A 37 4.66 -8.80 17.83
CA SER A 37 5.32 -7.68 18.52
C SER A 37 4.42 -6.43 18.59
N GLY A 38 4.72 -5.49 19.50
CA GLY A 38 3.94 -4.27 19.77
C GLY A 38 4.17 -3.10 18.79
N ILE A 39 4.57 -3.39 17.56
CA ILE A 39 4.92 -2.40 16.52
C ILE A 39 3.69 -1.59 16.10
N PHE A 40 3.87 -0.28 15.89
CA PHE A 40 2.82 0.68 15.50
C PHE A 40 3.35 1.87 14.67
N LEU A 41 4.60 1.82 14.23
CA LEU A 41 5.28 2.88 13.45
C LEU A 41 4.65 3.17 12.08
N GLU A 42 4.02 2.15 11.50
CA GLU A 42 3.19 2.19 10.29
C GLU A 42 1.98 3.14 10.41
N THR A 43 1.38 3.52 9.27
CA THR A 43 0.18 4.38 9.21
C THR A 43 -1.02 3.79 9.97
N SER A 44 -1.13 2.46 10.03
CA SER A 44 -2.18 1.69 10.71
C SER A 44 -3.60 2.18 10.40
N LEU A 45 -3.95 2.16 9.11
CA LEU A 45 -5.21 2.71 8.55
C LEU A 45 -6.50 2.08 9.13
N SER A 46 -6.40 0.95 9.82
CA SER A 46 -7.48 0.31 10.58
C SER A 46 -8.03 1.16 11.74
N ALA A 47 -7.19 2.02 12.32
CA ALA A 47 -7.54 2.98 13.37
C ALA A 47 -7.18 4.42 12.96
N GLY A 48 -8.20 5.19 12.60
CA GLY A 48 -8.09 6.61 12.18
C GLY A 48 -8.21 6.85 10.67
N SER A 49 -8.34 5.80 9.85
CA SER A 49 -8.54 5.88 8.40
C SER A 49 -9.62 4.87 7.92
N ASP A 50 -9.71 4.64 6.62
CA ASP A 50 -10.67 3.76 5.95
C ASP A 50 -10.06 3.25 4.63
N TRP A 51 -10.73 2.29 4.00
CA TRP A 51 -10.50 1.85 2.63
C TRP A 51 -10.56 3.01 1.62
N LEU A 52 -11.46 3.98 1.84
CA LEU A 52 -11.64 5.14 0.95
C LEU A 52 -10.34 5.96 0.82
N THR A 53 -9.66 6.22 1.95
CA THR A 53 -8.37 6.91 2.00
C THR A 53 -7.16 6.00 1.76
N PHE A 54 -7.25 4.70 2.05
CA PHE A 54 -6.23 3.68 1.77
C PHE A 54 -5.78 3.68 0.31
N GLN A 55 -6.73 3.81 -0.61
CA GLN A 55 -6.48 3.98 -2.04
C GLN A 55 -5.60 5.22 -2.29
N LYS A 56 -6.11 6.41 -1.93
CA LYS A 56 -5.41 7.70 -2.12
C LYS A 56 -4.04 7.79 -1.43
N LYS A 57 -3.79 6.96 -0.40
CA LYS A 57 -2.52 6.83 0.34
C LYS A 57 -1.41 6.22 -0.53
N HIS A 58 -1.59 5.04 -1.14
CA HIS A 58 -0.52 4.33 -1.87
C HIS A 58 -0.98 3.50 -3.10
N ILE A 59 -2.13 3.81 -3.67
CA ILE A 59 -2.68 3.15 -4.88
C ILE A 59 -3.01 4.23 -5.92
N THR A 60 -2.88 3.88 -7.20
CA THR A 60 -3.23 4.78 -8.31
C THR A 60 -3.86 4.05 -9.50
N ASN A 61 -4.71 4.77 -10.24
CA ASN A 61 -5.25 4.38 -11.54
C ASN A 61 -4.29 4.70 -12.71
N THR A 62 -3.13 5.30 -12.44
CA THR A 62 -2.06 5.63 -13.40
C THR A 62 -0.72 5.93 -12.70
N ARG A 63 0.26 5.00 -12.78
CA ARG A 63 1.64 5.26 -12.30
C ARG A 63 2.32 6.32 -13.17
N ASP A 64 2.54 7.50 -12.60
CA ASP A 64 3.25 8.64 -13.23
C ASP A 64 4.37 9.22 -12.33
N VAL A 65 4.68 8.56 -11.22
CA VAL A 65 5.61 9.05 -10.18
C VAL A 65 7.09 8.91 -10.62
N ASP A 66 7.90 9.91 -10.27
CA ASP A 66 9.33 10.03 -10.60
C ASP A 66 10.24 10.25 -9.37
N CYS A 67 9.66 10.21 -8.16
CA CYS A 67 10.32 10.35 -6.85
C CYS A 67 11.17 11.64 -6.70
N ASP A 68 10.64 12.76 -7.22
CA ASP A 68 11.23 14.11 -7.19
C ASP A 68 10.18 15.24 -7.25
N ASN A 69 8.98 15.00 -7.81
CA ASN A 69 7.87 15.95 -7.85
C ASN A 69 6.79 15.69 -6.78
N ILE A 70 6.92 14.59 -6.00
CA ILE A 70 5.97 14.20 -4.94
C ILE A 70 5.90 15.18 -3.76
N MET A 71 6.76 16.21 -3.76
CA MET A 71 6.57 17.45 -2.98
C MET A 71 5.19 18.12 -3.20
N SER A 72 4.58 17.91 -4.38
CA SER A 72 3.29 18.49 -4.79
C SER A 72 2.09 17.54 -4.58
N THR A 73 2.32 16.24 -4.37
CA THR A 73 1.28 15.23 -4.05
C THR A 73 1.17 15.03 -2.53
N ASN A 74 0.27 14.14 -2.07
CA ASN A 74 0.11 13.85 -0.64
C ASN A 74 1.30 13.11 0.01
N LEU A 75 2.24 12.61 -0.80
CA LEU A 75 3.45 11.86 -0.42
C LEU A 75 4.67 12.74 -0.06
N PHE A 76 4.48 14.05 0.15
CA PHE A 76 5.51 15.08 0.33
C PHE A 76 6.31 14.95 1.65
N HIS A 77 5.86 14.06 2.52
CA HIS A 77 6.35 13.83 3.89
C HIS A 77 7.82 13.36 3.99
N CYS A 78 8.48 13.07 2.85
CA CYS A 78 9.75 12.33 2.74
C CYS A 78 9.84 11.12 3.71
N LYS A 79 8.84 10.23 3.60
CA LYS A 79 8.83 8.89 4.20
C LYS A 79 9.90 7.98 3.58
N ASP A 80 10.30 6.92 4.29
CA ASP A 80 11.43 6.05 3.92
C ASP A 80 11.21 5.24 2.63
N LYS A 81 9.97 4.81 2.38
CA LYS A 81 9.51 4.21 1.11
C LYS A 81 7.98 4.28 0.99
N ASN A 82 7.49 4.23 -0.24
CA ASN A 82 6.07 4.09 -0.57
C ASN A 82 5.88 2.98 -1.60
N THR A 83 4.96 2.05 -1.34
CA THR A 83 4.63 0.95 -2.24
C THR A 83 3.39 1.32 -3.07
N PHE A 84 3.60 1.88 -4.26
CA PHE A 84 2.51 2.21 -5.19
C PHE A 84 2.01 0.96 -5.93
N ILE A 85 0.71 0.75 -5.88
CA ILE A 85 -0.03 -0.31 -6.59
C ILE A 85 -0.77 0.32 -7.77
N TYR A 86 -0.39 -0.02 -9.01
CA TYR A 86 -1.15 0.38 -10.20
C TYR A 86 -2.27 -0.65 -10.49
N SER A 87 -3.41 -0.47 -9.82
CA SER A 87 -4.62 -1.30 -9.94
C SER A 87 -5.92 -0.48 -9.86
N ARG A 88 -7.01 -1.02 -10.41
CA ARG A 88 -8.39 -0.58 -10.15
C ARG A 88 -8.85 -0.97 -8.75
N PRO A 89 -9.90 -0.34 -8.18
CA PRO A 89 -10.41 -0.71 -6.86
C PRO A 89 -11.13 -2.07 -6.81
N GLU A 90 -11.62 -2.61 -7.93
CA GLU A 90 -12.34 -3.88 -8.00
C GLU A 90 -11.48 -5.08 -7.53
N PRO A 91 -10.31 -5.37 -8.14
CA PRO A 91 -9.45 -6.49 -7.73
C PRO A 91 -8.76 -6.31 -6.36
N VAL A 92 -9.00 -5.19 -5.67
CA VAL A 92 -8.48 -4.86 -4.34
C VAL A 92 -9.59 -5.05 -3.30
N LYS A 93 -10.75 -4.40 -3.48
CA LYS A 93 -11.89 -4.50 -2.55
C LYS A 93 -12.53 -5.88 -2.54
N ALA A 94 -12.74 -6.48 -3.72
CA ALA A 94 -13.46 -7.74 -3.90
C ALA A 94 -12.66 -8.99 -3.50
N ILE A 95 -11.39 -8.84 -3.11
CA ILE A 95 -10.59 -9.92 -2.49
C ILE A 95 -11.35 -10.54 -1.30
N CYS A 96 -12.09 -9.72 -0.53
CA CYS A 96 -12.95 -10.17 0.56
C CYS A 96 -14.45 -10.02 0.25
N LYS A 97 -15.28 -10.78 0.99
CA LYS A 97 -16.75 -10.76 0.92
C LYS A 97 -17.36 -11.23 2.24
N GLY A 98 -17.94 -10.30 3.01
CA GLY A 98 -18.56 -10.57 4.32
C GLY A 98 -17.57 -10.61 5.50
N ILE A 99 -16.30 -10.30 5.28
CA ILE A 99 -15.24 -10.33 6.30
C ILE A 99 -15.34 -9.12 7.25
N ILE A 100 -15.63 -9.40 8.52
CA ILE A 100 -15.66 -8.44 9.65
C ILE A 100 -14.51 -8.73 10.65
N ALA A 101 -13.83 -9.88 10.49
CA ALA A 101 -12.80 -10.44 11.38
C ALA A 101 -11.43 -9.74 11.35
N SER A 102 -11.28 -8.64 10.59
CA SER A 102 -10.00 -7.94 10.34
C SER A 102 -8.89 -8.87 9.82
N LYS A 103 -9.07 -9.40 8.60
CA LYS A 103 -8.12 -10.26 7.86
C LYS A 103 -8.37 -10.21 6.35
N ASN A 104 -7.40 -10.59 5.52
CA ASN A 104 -7.61 -10.90 4.10
C ASN A 104 -6.74 -12.08 3.64
N VAL A 105 -6.68 -12.32 2.33
CA VAL A 105 -5.79 -13.27 1.66
C VAL A 105 -4.97 -12.55 0.59
N LEU A 106 -3.69 -12.86 0.45
CA LEU A 106 -2.82 -12.41 -0.64
C LEU A 106 -3.47 -12.64 -2.02
N THR A 107 -3.32 -11.68 -2.94
CA THR A 107 -3.79 -11.80 -4.34
C THR A 107 -3.10 -12.95 -5.12
N THR A 108 -3.59 -13.22 -6.33
CA THR A 108 -3.08 -14.29 -7.22
C THR A 108 -2.61 -13.79 -8.60
N SER A 109 -3.21 -12.70 -9.10
CA SER A 109 -2.77 -11.98 -10.31
C SER A 109 -1.53 -11.13 -10.03
N GLU A 110 -0.90 -10.59 -11.09
CA GLU A 110 0.37 -9.87 -11.01
C GLU A 110 0.25 -8.45 -11.59
N PHE A 111 0.21 -7.46 -10.69
CA PHE A 111 -0.08 -6.05 -10.96
C PHE A 111 1.22 -5.23 -11.01
N TYR A 112 1.16 -4.01 -11.55
CA TYR A 112 2.34 -3.14 -11.67
C TYR A 112 2.70 -2.55 -10.30
N LEU A 113 3.76 -3.08 -9.69
CA LEU A 113 4.29 -2.67 -8.39
C LEU A 113 5.46 -1.69 -8.53
N SER A 114 5.39 -0.58 -7.79
CA SER A 114 6.31 0.56 -7.88
C SER A 114 6.71 1.03 -6.48
N ASP A 115 7.87 0.58 -6.01
CA ASP A 115 8.49 1.08 -4.77
C ASP A 115 9.49 2.21 -5.06
N CYS A 116 9.74 3.07 -4.07
CA CYS A 116 10.80 4.09 -4.10
C CYS A 116 11.44 4.27 -2.72
N ASN A 117 12.60 3.65 -2.50
CA ASN A 117 13.34 3.67 -1.22
C ASN A 117 14.27 4.90 -1.15
N VAL A 118 14.25 5.63 -0.03
CA VAL A 118 15.12 6.79 0.23
C VAL A 118 16.61 6.44 0.11
N THR A 119 17.42 7.41 -0.32
CA THR A 119 18.88 7.27 -0.50
C THR A 119 19.65 8.28 0.35
N SER A 120 20.11 7.85 1.53
CA SER A 120 20.93 8.63 2.48
C SER A 120 22.28 9.06 1.88
N ARG A 1 12.13 18.12 -4.56
CA ARG A 1 13.10 17.06 -4.15
C ARG A 1 13.16 16.96 -2.61
N PRO A 2 12.24 16.21 -1.96
CA PRO A 2 12.11 16.26 -0.50
C PRO A 2 13.27 15.55 0.24
N CYS A 3 13.54 14.30 -0.15
CA CYS A 3 14.64 13.45 0.34
C CYS A 3 15.22 12.63 -0.83
N LYS A 4 16.37 11.98 -0.61
CA LYS A 4 16.99 11.03 -1.55
C LYS A 4 16.45 9.61 -1.28
N TYR A 5 16.14 8.88 -2.35
CA TYR A 5 15.66 7.49 -2.29
C TYR A 5 16.33 6.59 -3.35
N LYS A 6 16.25 5.28 -3.12
CA LYS A 6 16.77 4.18 -3.97
C LYS A 6 15.69 3.62 -4.88
N LEU A 7 16.10 3.03 -6.00
CA LEU A 7 15.22 2.34 -6.95
C LEU A 7 14.87 0.92 -6.47
N LYS A 8 13.57 0.59 -6.43
CA LYS A 8 13.04 -0.77 -6.17
C LYS A 8 11.73 -1.03 -6.92
N LYS A 9 11.82 -1.67 -8.10
CA LYS A 9 10.67 -2.14 -8.90
C LYS A 9 10.42 -3.64 -8.70
N SER A 10 9.16 -4.06 -8.81
CA SER A 10 8.71 -5.47 -8.75
C SER A 10 7.37 -5.65 -9.48
N THR A 11 6.94 -6.90 -9.71
CA THR A 11 5.62 -7.22 -10.30
C THR A 11 5.01 -8.45 -9.64
N ASN A 12 4.00 -8.26 -8.77
CA ASN A 12 3.43 -9.31 -7.91
C ASN A 12 2.14 -8.88 -7.18
N LYS A 13 1.46 -9.83 -6.51
CA LYS A 13 0.35 -9.68 -5.55
C LYS A 13 0.70 -8.84 -4.30
N PHE A 14 -0.31 -8.56 -3.48
CA PHE A 14 -0.23 -7.82 -2.21
C PHE A 14 -1.19 -8.39 -1.15
N CYS A 15 -0.77 -8.39 0.11
CA CYS A 15 -1.56 -8.83 1.26
C CYS A 15 -2.12 -7.64 2.04
N VAL A 16 -3.36 -7.76 2.50
CA VAL A 16 -4.15 -6.71 3.19
C VAL A 16 -5.11 -7.32 4.23
N THR A 17 -5.88 -6.47 4.94
CA THR A 17 -6.92 -6.90 5.91
C THR A 17 -8.28 -6.28 5.58
N CYS A 18 -9.30 -7.09 5.27
CA CYS A 18 -10.69 -6.63 5.07
C CYS A 18 -11.44 -6.56 6.40
N GLU A 19 -12.11 -5.43 6.64
CA GLU A 19 -12.97 -5.17 7.77
C GLU A 19 -14.26 -4.50 7.26
N ASN A 20 -15.41 -5.19 7.42
CA ASN A 20 -16.70 -4.79 6.84
C ASN A 20 -16.63 -4.64 5.30
N GLN A 21 -16.19 -5.72 4.63
CA GLN A 21 -16.23 -5.95 3.17
C GLN A 21 -15.33 -5.00 2.34
N ALA A 22 -14.28 -4.45 2.96
CA ALA A 22 -13.40 -3.47 2.35
C ALA A 22 -12.02 -3.51 3.05
N PRO A 23 -10.93 -3.58 2.29
CA PRO A 23 -9.56 -3.64 2.82
C PRO A 23 -9.08 -2.28 3.34
N VAL A 24 -9.10 -2.09 4.66
CA VAL A 24 -8.68 -0.83 5.30
C VAL A 24 -7.20 -0.83 5.65
N HIS A 25 -6.46 -1.94 5.57
CA HIS A 25 -5.14 -2.12 6.19
C HIS A 25 -4.18 -2.85 5.26
N PHE A 26 -2.95 -2.35 5.12
CA PHE A 26 -1.88 -3.05 4.38
C PHE A 26 -1.20 -4.09 5.30
N VAL A 27 -0.80 -5.25 4.75
CA VAL A 27 -0.04 -6.28 5.50
C VAL A 27 1.36 -6.48 4.93
N GLY A 28 1.49 -6.70 3.61
CA GLY A 28 2.77 -6.98 2.96
C GLY A 28 2.64 -7.16 1.45
N VAL A 29 3.75 -7.48 0.78
CA VAL A 29 3.84 -7.57 -0.68
C VAL A 29 4.36 -8.94 -1.13
N GLY A 30 3.71 -9.55 -2.12
CA GLY A 30 4.04 -10.90 -2.64
C GLY A 30 3.72 -12.07 -1.69
N SER A 31 3.31 -11.78 -0.46
CA SER A 31 3.15 -12.65 0.71
C SER A 31 2.49 -11.87 1.86
N CYS A 32 2.07 -12.55 2.92
CA CYS A 32 1.55 -11.94 4.15
C CYS A 32 2.59 -12.01 5.27
N GLY A 33 2.80 -10.87 5.95
CA GLY A 33 3.75 -10.68 7.05
C GLY A 33 3.28 -11.33 8.36
N SER A 34 3.56 -12.62 8.53
CA SER A 34 3.25 -13.40 9.75
C SER A 34 3.97 -12.87 11.01
N GLY A 35 3.51 -13.28 12.19
CA GLY A 35 4.03 -12.90 13.51
C GLY A 35 3.62 -11.50 13.99
N GLY A 36 3.65 -10.50 13.10
CA GLY A 36 3.25 -9.10 13.37
C GLY A 36 4.45 -8.19 13.60
N SER A 37 5.01 -7.61 12.54
CA SER A 37 6.16 -6.70 12.55
C SER A 37 5.95 -5.47 13.45
N GLY A 38 6.95 -5.12 14.26
CA GLY A 38 6.91 -4.05 15.27
C GLY A 38 7.06 -2.62 14.74
N ILE A 39 6.50 -2.33 13.56
CA ILE A 39 6.54 -1.03 12.87
C ILE A 39 5.69 -0.01 13.65
N PHE A 40 6.18 1.22 13.74
CA PHE A 40 5.57 2.35 14.47
C PHE A 40 5.56 3.68 13.70
N LEU A 41 6.14 3.72 12.49
CA LEU A 41 6.27 4.92 11.66
C LEU A 41 4.93 5.41 11.09
N GLU A 42 3.92 4.52 11.03
CA GLU A 42 2.53 4.80 10.66
C GLU A 42 1.55 4.01 11.54
N THR A 43 0.28 4.47 11.55
CA THR A 43 -0.87 3.75 12.12
C THR A 43 -1.31 2.57 11.23
N SER A 44 -0.93 2.59 9.94
CA SER A 44 -1.29 1.59 8.92
C SER A 44 -2.81 1.36 8.76
N LEU A 45 -3.60 2.40 9.03
CA LEU A 45 -5.07 2.45 8.98
C LEU A 45 -5.72 1.35 9.86
N SER A 46 -5.70 1.59 11.18
CA SER A 46 -6.18 0.68 12.24
C SER A 46 -7.35 1.24 13.06
N ALA A 47 -7.34 2.55 13.36
CA ALA A 47 -8.39 3.26 14.10
C ALA A 47 -8.69 4.63 13.45
N GLY A 48 -9.97 4.97 13.29
CA GLY A 48 -10.43 6.22 12.68
C GLY A 48 -10.13 6.38 11.18
N SER A 49 -9.70 5.32 10.49
CA SER A 49 -9.33 5.29 9.07
C SER A 49 -10.42 4.61 8.22
N ASP A 50 -10.19 4.52 6.91
CA ASP A 50 -11.10 3.84 5.98
C ASP A 50 -10.36 3.31 4.74
N TRP A 51 -10.95 2.30 4.11
CA TRP A 51 -10.68 1.87 2.74
C TRP A 51 -10.71 3.05 1.74
N LEU A 52 -11.63 3.99 1.95
CA LEU A 52 -11.83 5.19 1.12
C LEU A 52 -10.56 6.08 1.04
N THR A 53 -9.69 6.04 2.06
CA THR A 53 -8.39 6.72 2.11
C THR A 53 -7.18 5.77 1.96
N PHE A 54 -7.33 4.47 2.21
CA PHE A 54 -6.33 3.41 1.96
C PHE A 54 -5.79 3.45 0.52
N GLN A 55 -6.69 3.68 -0.44
CA GLN A 55 -6.36 3.89 -1.84
C GLN A 55 -5.41 5.07 -2.01
N LYS A 56 -5.86 6.29 -1.67
CA LYS A 56 -5.05 7.53 -1.84
C LYS A 56 -3.74 7.54 -1.02
N LYS A 57 -3.65 6.74 0.04
CA LYS A 57 -2.45 6.51 0.87
C LYS A 57 -1.28 5.87 0.10
N HIS A 58 -1.50 4.79 -0.67
CA HIS A 58 -0.39 4.08 -1.35
C HIS A 58 -0.78 3.30 -2.62
N ILE A 59 -1.90 3.63 -3.27
CA ILE A 59 -2.40 2.99 -4.49
C ILE A 59 -2.70 4.06 -5.54
N THR A 60 -2.51 3.73 -6.82
CA THR A 60 -2.83 4.64 -7.94
C THR A 60 -3.35 3.91 -9.18
N ASN A 61 -4.13 4.63 -9.99
CA ASN A 61 -4.55 4.25 -11.34
C ASN A 61 -3.51 4.66 -12.43
N THR A 62 -2.40 5.30 -12.04
CA THR A 62 -1.27 5.70 -12.90
C THR A 62 -0.01 6.00 -12.07
N ARG A 63 1.02 5.15 -12.15
CA ARG A 63 2.34 5.43 -11.56
C ARG A 63 3.01 6.61 -12.29
N ASP A 64 3.01 7.77 -11.63
CA ASP A 64 3.67 9.01 -12.08
C ASP A 64 4.82 9.43 -11.13
N VAL A 65 5.16 8.61 -10.14
CA VAL A 65 6.13 8.93 -9.09
C VAL A 65 7.57 8.68 -9.57
N ASP A 66 8.48 9.59 -9.19
CA ASP A 66 9.92 9.56 -9.49
C ASP A 66 10.79 9.69 -8.22
N CYS A 67 10.16 9.64 -7.03
CA CYS A 67 10.75 9.77 -5.70
C CYS A 67 11.62 11.04 -5.52
N ASP A 68 11.11 12.16 -6.08
CA ASP A 68 11.67 13.51 -6.04
C ASP A 68 10.59 14.61 -6.17
N ASN A 69 9.43 14.33 -6.80
CA ASN A 69 8.32 15.27 -6.93
C ASN A 69 7.18 15.06 -5.92
N ILE A 70 7.27 14.01 -5.09
CA ILE A 70 6.26 13.66 -4.07
C ILE A 70 6.09 14.71 -2.96
N MET A 71 6.96 15.71 -2.93
CA MET A 71 6.76 16.97 -2.18
C MET A 71 5.44 17.68 -2.57
N SER A 72 5.00 17.55 -3.82
CA SER A 72 3.75 18.13 -4.36
C SER A 72 2.50 17.23 -4.20
N THR A 73 2.66 15.96 -3.77
CA THR A 73 1.55 15.01 -3.53
C THR A 73 1.33 14.81 -2.02
N ASN A 74 0.35 13.99 -1.61
CA ASN A 74 0.08 13.70 -0.19
C ASN A 74 1.22 12.96 0.54
N LEU A 75 2.15 12.36 -0.22
CA LEU A 75 3.31 11.58 0.25
C LEU A 75 4.51 12.44 0.70
N PHE A 76 4.37 13.77 0.80
CA PHE A 76 5.43 14.76 1.09
C PHE A 76 6.08 14.63 2.46
N HIS A 77 5.54 13.76 3.33
CA HIS A 77 5.93 13.57 4.73
C HIS A 77 7.38 13.09 4.93
N CYS A 78 8.08 12.70 3.84
CA CYS A 78 9.35 11.94 3.84
C CYS A 78 9.41 10.84 4.91
N LYS A 79 8.51 9.87 4.79
CA LYS A 79 8.60 8.55 5.42
C LYS A 79 9.73 7.70 4.80
N ASP A 80 10.18 6.67 5.52
CA ASP A 80 11.36 5.85 5.19
C ASP A 80 11.22 5.02 3.91
N LYS A 81 10.00 4.58 3.59
CA LYS A 81 9.63 3.97 2.30
C LYS A 81 8.12 4.02 2.07
N ASN A 82 7.70 3.96 0.82
CA ASN A 82 6.30 3.76 0.43
C ASN A 82 6.18 2.61 -0.56
N THR A 83 5.06 1.88 -0.55
CA THR A 83 4.79 0.76 -1.44
C THR A 83 3.60 1.09 -2.36
N PHE A 84 3.89 1.65 -3.54
CA PHE A 84 2.85 2.02 -4.51
C PHE A 84 2.38 0.80 -5.30
N ILE A 85 1.06 0.60 -5.33
CA ILE A 85 0.37 -0.46 -6.08
C ILE A 85 -0.31 0.21 -7.28
N TYR A 86 0.13 -0.09 -8.50
CA TYR A 86 -0.61 0.29 -9.72
C TYR A 86 -1.71 -0.75 -10.02
N SER A 87 -2.91 -0.54 -9.46
CA SER A 87 -4.12 -1.31 -9.76
C SER A 87 -5.40 -0.48 -9.63
N ARG A 88 -6.52 -0.99 -10.19
CA ARG A 88 -7.87 -0.43 -10.01
C ARG A 88 -8.43 -0.82 -8.62
N PRO A 89 -9.47 -0.16 -8.10
CA PRO A 89 -10.06 -0.51 -6.81
C PRO A 89 -10.82 -1.85 -6.81
N GLU A 90 -11.26 -2.36 -7.97
CA GLU A 90 -12.04 -3.61 -8.07
C GLU A 90 -11.24 -4.84 -7.60
N PRO A 91 -10.05 -5.17 -8.16
CA PRO A 91 -9.24 -6.32 -7.73
C PRO A 91 -8.62 -6.19 -6.33
N VAL A 92 -8.85 -5.07 -5.64
CA VAL A 92 -8.44 -4.80 -4.25
C VAL A 92 -9.62 -5.00 -3.31
N LYS A 93 -10.74 -4.30 -3.53
CA LYS A 93 -11.93 -4.39 -2.68
C LYS A 93 -12.61 -5.77 -2.73
N ALA A 94 -12.74 -6.33 -3.93
CA ALA A 94 -13.47 -7.56 -4.19
C ALA A 94 -12.73 -8.85 -3.78
N ILE A 95 -11.49 -8.74 -3.28
CA ILE A 95 -10.75 -9.86 -2.66
C ILE A 95 -11.59 -10.49 -1.53
N CYS A 96 -12.35 -9.67 -0.79
CA CYS A 96 -13.28 -10.13 0.25
C CYS A 96 -14.77 -9.95 -0.15
N LYS A 97 -15.64 -10.72 0.52
CA LYS A 97 -17.10 -10.74 0.31
C LYS A 97 -17.82 -11.17 1.59
N GLY A 98 -18.40 -10.22 2.33
CA GLY A 98 -19.11 -10.47 3.59
C GLY A 98 -18.22 -10.55 4.83
N ILE A 99 -16.91 -10.29 4.70
CA ILE A 99 -15.93 -10.36 5.80
C ILE A 99 -16.08 -9.18 6.76
N ILE A 100 -16.45 -9.47 8.01
CA ILE A 100 -16.52 -8.55 9.16
C ILE A 100 -15.40 -8.88 10.18
N ALA A 101 -14.73 -10.03 10.02
CA ALA A 101 -13.79 -10.65 10.96
C ALA A 101 -12.38 -9.99 11.04
N SER A 102 -12.15 -8.86 10.37
CA SER A 102 -10.84 -8.19 10.24
C SER A 102 -9.74 -9.16 9.74
N LYS A 103 -9.87 -9.64 8.49
CA LYS A 103 -8.96 -10.58 7.81
C LYS A 103 -9.09 -10.45 6.28
N ASN A 104 -8.08 -10.86 5.51
CA ASN A 104 -8.20 -11.11 4.07
C ASN A 104 -7.32 -12.30 3.63
N VAL A 105 -7.19 -12.49 2.31
CA VAL A 105 -6.26 -13.44 1.66
C VAL A 105 -5.39 -12.67 0.67
N LEU A 106 -4.10 -13.02 0.58
CA LEU A 106 -3.17 -12.55 -0.45
C LEU A 106 -3.75 -12.72 -1.87
N THR A 107 -3.51 -11.75 -2.75
CA THR A 107 -3.88 -11.84 -4.19
C THR A 107 -3.17 -12.98 -4.94
N THR A 108 -3.59 -13.23 -6.19
CA THR A 108 -3.05 -14.28 -7.07
C THR A 108 -2.49 -13.75 -8.41
N SER A 109 -2.90 -12.56 -8.83
CA SER A 109 -2.38 -11.85 -10.02
C SER A 109 -1.10 -11.08 -9.70
N GLU A 110 -0.42 -10.56 -10.73
CA GLU A 110 0.84 -9.82 -10.61
C GLU A 110 0.68 -8.37 -11.11
N PHE A 111 0.63 -7.43 -10.17
CA PHE A 111 0.39 -6.00 -10.41
C PHE A 111 1.71 -5.22 -10.44
N TYR A 112 1.72 -4.03 -11.04
CA TYR A 112 2.91 -3.18 -11.09
C TYR A 112 3.22 -2.60 -9.71
N LEU A 113 4.27 -3.12 -9.07
CA LEU A 113 4.74 -2.71 -7.75
C LEU A 113 5.92 -1.72 -7.84
N SER A 114 5.82 -0.63 -7.07
CA SER A 114 6.75 0.50 -7.11
C SER A 114 7.09 0.93 -5.68
N ASP A 115 8.17 0.39 -5.14
CA ASP A 115 8.75 0.82 -3.86
C ASP A 115 9.76 1.97 -4.07
N CYS A 116 10.02 2.72 -3.02
CA CYS A 116 11.19 3.59 -2.89
C CYS A 116 11.69 3.59 -1.44
N ASN A 117 13.00 3.57 -1.22
CA ASN A 117 13.63 3.43 0.10
C ASN A 117 14.59 4.61 0.36
N VAL A 118 14.43 5.33 1.48
CA VAL A 118 15.28 6.50 1.81
C VAL A 118 16.76 6.12 1.87
N THR A 119 17.63 7.05 1.46
CA THR A 119 19.10 6.93 1.57
C THR A 119 19.73 8.24 2.08
N SER A 120 20.16 8.22 3.34
CA SER A 120 20.79 9.35 4.07
C SER A 120 21.92 8.86 4.98
N ARG A 1 12.31 18.49 -6.21
CA ARG A 1 13.33 17.44 -5.92
C ARG A 1 13.64 17.39 -4.40
N PRO A 2 12.74 16.81 -3.57
CA PRO A 2 12.79 17.02 -2.11
C PRO A 2 13.82 16.14 -1.38
N CYS A 3 13.86 14.84 -1.69
CA CYS A 3 14.86 13.85 -1.26
C CYS A 3 15.29 12.98 -2.45
N LYS A 4 16.39 12.23 -2.31
CA LYS A 4 16.84 11.26 -3.31
C LYS A 4 16.35 9.84 -2.96
N TYR A 5 16.00 9.08 -4.00
CA TYR A 5 15.51 7.70 -3.89
C TYR A 5 16.14 6.81 -4.98
N LYS A 6 16.20 5.49 -4.74
CA LYS A 6 16.63 4.47 -5.70
C LYS A 6 15.45 3.86 -6.48
N LEU A 7 15.74 3.41 -7.71
CA LEU A 7 14.78 2.89 -8.69
C LEU A 7 14.43 1.42 -8.42
N LYS A 8 13.20 1.15 -7.99
CA LYS A 8 12.64 -0.20 -7.76
C LYS A 8 11.26 -0.34 -8.44
N LYS A 9 11.18 -1.27 -9.40
CA LYS A 9 9.94 -1.67 -10.10
C LYS A 9 9.79 -3.20 -10.13
N SER A 10 8.55 -3.69 -10.15
CA SER A 10 8.18 -5.12 -10.14
C SER A 10 6.79 -5.35 -10.73
N THR A 11 6.38 -6.61 -10.89
CA THR A 11 5.02 -6.96 -11.37
C THR A 11 4.52 -8.23 -10.68
N ASN A 12 3.66 -8.08 -9.67
CA ASN A 12 3.12 -9.17 -8.84
C ASN A 12 1.90 -8.75 -7.99
N LYS A 13 1.31 -9.71 -7.28
CA LYS A 13 0.24 -9.58 -6.27
C LYS A 13 0.67 -8.80 -5.02
N PHE A 14 -0.29 -8.47 -4.18
CA PHE A 14 -0.13 -7.71 -2.93
C PHE A 14 -1.01 -8.26 -1.81
N CYS A 15 -0.50 -8.24 -0.58
CA CYS A 15 -1.24 -8.64 0.61
C CYS A 15 -1.72 -7.40 1.40
N VAL A 16 -2.91 -7.53 1.98
CA VAL A 16 -3.63 -6.48 2.74
C VAL A 16 -4.48 -7.08 3.88
N THR A 17 -5.23 -6.27 4.62
CA THR A 17 -6.14 -6.71 5.71
C THR A 17 -7.56 -6.16 5.53
N CYS A 18 -8.55 -7.04 5.31
CA CYS A 18 -9.96 -6.67 5.19
C CYS A 18 -10.62 -6.52 6.55
N GLU A 19 -11.31 -5.41 6.77
CA GLU A 19 -12.07 -5.12 7.98
C GLU A 19 -13.38 -4.43 7.59
N ASN A 20 -14.50 -5.13 7.83
CA ASN A 20 -15.84 -4.77 7.34
C ASN A 20 -15.92 -4.64 5.80
N GLN A 21 -15.60 -5.74 5.12
CA GLN A 21 -15.78 -5.99 3.67
C GLN A 21 -14.97 -5.05 2.74
N ALA A 22 -13.85 -4.52 3.24
CA ALA A 22 -13.00 -3.56 2.55
C ALA A 22 -11.59 -3.57 3.19
N PRO A 23 -10.52 -3.59 2.37
CA PRO A 23 -9.14 -3.57 2.86
C PRO A 23 -8.71 -2.19 3.35
N VAL A 24 -8.56 -2.04 4.67
CA VAL A 24 -8.15 -0.82 5.39
C VAL A 24 -6.74 -0.92 5.97
N HIS A 25 -5.90 -1.85 5.51
CA HIS A 25 -4.49 -1.98 5.97
C HIS A 25 -3.62 -2.63 4.90
N PHE A 26 -2.40 -2.15 4.72
CA PHE A 26 -1.40 -2.80 3.86
C PHE A 26 -0.64 -3.88 4.65
N VAL A 27 -0.22 -4.97 3.99
CA VAL A 27 0.65 -6.00 4.59
C VAL A 27 1.99 -6.12 3.85
N GLY A 28 1.98 -6.42 2.55
CA GLY A 28 3.21 -6.73 1.81
C GLY A 28 2.97 -6.99 0.32
N VAL A 29 4.03 -7.42 -0.37
CA VAL A 29 4.07 -7.60 -1.84
C VAL A 29 4.57 -9.00 -2.17
N GLY A 30 3.80 -9.77 -2.95
CA GLY A 30 4.09 -11.17 -3.29
C GLY A 30 4.04 -12.17 -2.12
N SER A 31 3.66 -11.73 -0.92
CA SER A 31 3.58 -12.51 0.33
C SER A 31 2.78 -11.76 1.41
N CYS A 32 2.37 -12.46 2.47
CA CYS A 32 1.74 -11.91 3.67
C CYS A 32 2.67 -12.08 4.89
N GLY A 33 3.24 -10.98 5.39
CA GLY A 33 4.01 -10.95 6.64
C GLY A 33 3.12 -10.63 7.86
N SER A 34 3.65 -10.89 9.07
CA SER A 34 3.00 -10.55 10.35
C SER A 34 4.04 -10.37 11.47
N GLY A 35 3.58 -10.06 12.68
CA GLY A 35 4.39 -9.90 13.90
C GLY A 35 3.64 -10.22 15.19
N GLY A 36 4.36 -10.24 16.31
CA GLY A 36 3.89 -10.63 17.65
C GLY A 36 4.23 -9.64 18.76
N SER A 37 4.53 -8.37 18.41
CA SER A 37 5.01 -7.32 19.30
C SER A 37 4.15 -6.06 19.25
N GLY A 38 4.31 -5.16 20.23
CA GLY A 38 3.54 -3.91 20.41
C GLY A 38 3.94 -2.75 19.47
N ILE A 39 4.56 -3.07 18.33
CA ILE A 39 5.05 -2.12 17.31
C ILE A 39 3.86 -1.38 16.65
N PHE A 40 4.09 -0.12 16.24
CA PHE A 40 3.09 0.78 15.66
C PHE A 40 3.64 1.65 14.50
N LEU A 41 4.82 1.30 13.96
CA LEU A 41 5.51 2.07 12.90
C LEU A 41 4.80 2.05 11.53
N GLU A 42 3.85 1.14 11.31
CA GLU A 42 2.96 1.14 10.15
C GLU A 42 2.03 2.37 10.09
N THR A 43 1.34 2.57 8.96
CA THR A 43 0.35 3.66 8.79
C THR A 43 -0.94 3.45 9.63
N SER A 44 -1.22 2.21 10.05
CA SER A 44 -2.34 1.79 10.93
C SER A 44 -3.71 2.39 10.55
N LEU A 45 -4.02 2.41 9.24
CA LEU A 45 -5.29 2.91 8.67
C LEU A 45 -6.56 2.26 9.26
N SER A 46 -6.42 1.07 9.86
CA SER A 46 -7.46 0.35 10.60
C SER A 46 -8.10 1.15 11.75
N ALA A 47 -7.32 2.01 12.39
CA ALA A 47 -7.76 2.91 13.47
C ALA A 47 -7.44 4.38 13.14
N GLY A 48 -8.49 5.12 12.76
CA GLY A 48 -8.41 6.54 12.38
C GLY A 48 -8.46 6.81 10.86
N SER A 49 -8.55 5.77 10.02
CA SER A 49 -8.73 5.87 8.56
C SER A 49 -9.76 4.84 8.07
N ASP A 50 -9.83 4.62 6.75
CA ASP A 50 -10.74 3.71 6.08
C ASP A 50 -10.14 3.24 4.74
N TRP A 51 -10.78 2.29 4.10
CA TRP A 51 -10.52 1.85 2.72
C TRP A 51 -10.58 3.01 1.71
N LEU A 52 -11.50 3.97 1.92
CA LEU A 52 -11.67 5.15 1.09
C LEU A 52 -10.40 6.03 1.02
N THR A 53 -9.66 6.13 2.14
CA THR A 53 -8.35 6.82 2.22
C THR A 53 -7.16 5.90 1.91
N PHE A 54 -7.25 4.59 2.16
CA PHE A 54 -6.23 3.58 1.83
C PHE A 54 -5.80 3.63 0.35
N GLN A 55 -6.77 3.75 -0.55
CA GLN A 55 -6.53 3.96 -1.98
C GLN A 55 -5.67 5.20 -2.21
N LYS A 56 -6.16 6.38 -1.83
CA LYS A 56 -5.44 7.66 -2.02
C LYS A 56 -4.08 7.74 -1.32
N LYS A 57 -3.82 6.90 -0.30
CA LYS A 57 -2.56 6.82 0.44
C LYS A 57 -1.40 6.23 -0.39
N HIS A 58 -1.60 5.12 -1.11
CA HIS A 58 -0.52 4.44 -1.87
C HIS A 58 -0.98 3.61 -3.10
N ILE A 59 -2.14 3.90 -3.68
CA ILE A 59 -2.70 3.22 -4.86
C ILE A 59 -3.09 4.26 -5.91
N THR A 60 -2.98 3.90 -7.19
CA THR A 60 -3.38 4.79 -8.30
C THR A 60 -3.92 4.03 -9.52
N ASN A 61 -4.73 4.71 -10.33
CA ASN A 61 -5.16 4.32 -11.67
C ASN A 61 -4.20 4.80 -12.79
N THR A 62 -3.10 5.47 -12.44
CA THR A 62 -2.04 5.93 -13.34
C THR A 62 -0.74 6.22 -12.58
N ARG A 63 0.34 5.44 -12.83
CA ARG A 63 1.67 5.74 -12.26
C ARG A 63 2.22 7.04 -12.85
N ASP A 64 2.17 8.11 -12.06
CA ASP A 64 2.67 9.45 -12.41
C ASP A 64 3.88 9.89 -11.56
N VAL A 65 4.37 9.02 -10.68
CA VAL A 65 5.54 9.27 -9.83
C VAL A 65 6.87 9.17 -10.60
N ASP A 66 7.83 10.01 -10.22
CA ASP A 66 9.23 10.02 -10.70
C ASP A 66 10.26 10.06 -9.54
N CYS A 67 9.79 9.93 -8.29
CA CYS A 67 10.54 10.00 -7.03
C CYS A 67 11.48 11.22 -6.94
N ASP A 68 10.90 12.40 -7.22
CA ASP A 68 11.54 13.72 -7.20
C ASP A 68 10.51 14.89 -7.32
N ASN A 69 9.28 14.63 -7.77
CA ASN A 69 8.19 15.62 -7.92
C ASN A 69 7.03 15.42 -6.92
N ILE A 70 7.09 14.39 -6.07
CA ILE A 70 6.08 14.06 -5.03
C ILE A 70 5.95 15.13 -3.94
N MET A 71 6.86 16.12 -3.93
CA MET A 71 6.70 17.39 -3.21
C MET A 71 5.37 18.13 -3.52
N SER A 72 4.76 17.86 -4.68
CA SER A 72 3.47 18.41 -5.13
C SER A 72 2.25 17.50 -4.86
N THR A 73 2.46 16.18 -4.70
CA THR A 73 1.40 15.20 -4.40
C THR A 73 1.14 15.07 -2.89
N ASN A 74 0.24 14.17 -2.48
CA ASN A 74 -0.04 13.88 -1.07
C ASN A 74 1.16 13.30 -0.29
N LEU A 75 2.14 12.72 -1.01
CA LEU A 75 3.32 12.03 -0.48
C LEU A 75 4.53 12.97 -0.25
N PHE A 76 4.29 14.28 -0.10
CA PHE A 76 5.32 15.32 0.11
C PHE A 76 6.11 15.19 1.41
N HIS A 77 5.72 14.25 2.29
CA HIS A 77 6.32 14.02 3.61
C HIS A 77 7.79 13.52 3.58
N CYS A 78 8.34 13.24 2.39
CA CYS A 78 9.70 12.71 2.17
C CYS A 78 10.02 11.42 2.96
N LYS A 79 9.01 10.56 3.15
CA LYS A 79 9.08 9.27 3.87
C LYS A 79 10.14 8.31 3.31
N ASP A 80 10.58 7.36 4.14
CA ASP A 80 11.69 6.43 3.86
C ASP A 80 11.46 5.48 2.66
N LYS A 81 10.22 5.02 2.44
CA LYS A 81 9.76 4.38 1.20
C LYS A 81 8.24 4.38 1.06
N ASN A 82 7.74 4.14 -0.15
CA ASN A 82 6.34 3.81 -0.42
C ASN A 82 6.21 2.59 -1.33
N THR A 83 4.99 2.03 -1.41
CA THR A 83 4.62 0.95 -2.34
C THR A 83 3.38 1.37 -3.13
N PHE A 84 3.58 1.96 -4.33
CA PHE A 84 2.48 2.32 -5.23
C PHE A 84 1.98 1.08 -5.97
N ILE A 85 0.69 0.79 -5.84
CA ILE A 85 -0.03 -0.27 -6.56
C ILE A 85 -0.76 0.38 -7.74
N TYR A 86 -0.37 0.05 -8.97
CA TYR A 86 -1.16 0.41 -10.16
C TYR A 86 -2.22 -0.69 -10.43
N SER A 87 -3.38 -0.57 -9.79
CA SER A 87 -4.58 -1.35 -10.07
C SER A 87 -5.88 -0.54 -9.85
N ARG A 88 -7.00 -1.06 -10.34
CA ARG A 88 -8.35 -0.56 -10.03
C ARG A 88 -8.77 -0.93 -8.60
N PRO A 89 -9.82 -0.30 -8.03
CA PRO A 89 -10.36 -0.67 -6.72
C PRO A 89 -11.09 -2.03 -6.69
N GLU A 90 -11.60 -2.52 -7.83
CA GLU A 90 -12.34 -3.78 -7.93
C GLU A 90 -11.50 -5.01 -7.48
N PRO A 91 -10.33 -5.30 -8.09
CA PRO A 91 -9.48 -6.43 -7.71
C PRO A 91 -8.80 -6.28 -6.34
N VAL A 92 -9.02 -5.17 -5.63
CA VAL A 92 -8.51 -4.87 -4.28
C VAL A 92 -9.62 -5.08 -3.25
N LYS A 93 -10.77 -4.42 -3.40
CA LYS A 93 -11.90 -4.54 -2.47
C LYS A 93 -12.53 -5.93 -2.48
N ALA A 94 -12.72 -6.51 -3.67
CA ALA A 94 -13.43 -7.78 -3.88
C ALA A 94 -12.64 -9.03 -3.46
N ILE A 95 -11.36 -8.88 -3.08
CA ILE A 95 -10.55 -9.96 -2.50
C ILE A 95 -11.27 -10.58 -1.29
N CYS A 96 -11.99 -9.77 -0.51
CA CYS A 96 -12.84 -10.19 0.60
C CYS A 96 -14.34 -9.98 0.33
N LYS A 97 -15.18 -10.73 1.06
CA LYS A 97 -16.65 -10.69 0.99
C LYS A 97 -17.27 -11.18 2.30
N GLY A 98 -17.81 -10.26 3.12
CA GLY A 98 -18.40 -10.56 4.42
C GLY A 98 -17.40 -10.64 5.58
N ILE A 99 -16.12 -10.33 5.35
CA ILE A 99 -15.04 -10.38 6.35
C ILE A 99 -15.11 -9.17 7.29
N ILE A 100 -15.36 -9.44 8.58
CA ILE A 100 -15.37 -8.48 9.70
C ILE A 100 -14.18 -8.73 10.65
N ALA A 101 -13.50 -9.87 10.49
CA ALA A 101 -12.46 -10.42 11.36
C ALA A 101 -11.08 -9.73 11.32
N SER A 102 -10.93 -8.59 10.61
CA SER A 102 -9.64 -7.93 10.34
C SER A 102 -8.56 -8.89 9.78
N LYS A 103 -8.78 -9.42 8.56
CA LYS A 103 -7.86 -10.34 7.85
C LYS A 103 -8.14 -10.36 6.34
N ASN A 104 -7.19 -10.75 5.50
CA ASN A 104 -7.41 -11.01 4.07
C ASN A 104 -6.53 -12.17 3.55
N VAL A 105 -6.49 -12.36 2.23
CA VAL A 105 -5.61 -13.29 1.52
C VAL A 105 -4.82 -12.51 0.44
N LEU A 106 -3.57 -12.87 0.22
CA LEU A 106 -2.75 -12.42 -0.92
C LEU A 106 -3.49 -12.60 -2.26
N THR A 107 -3.34 -11.65 -3.19
CA THR A 107 -3.86 -11.76 -4.57
C THR A 107 -3.21 -12.92 -5.37
N THR A 108 -3.72 -13.18 -6.58
CA THR A 108 -3.23 -14.22 -7.50
C THR A 108 -2.75 -13.68 -8.86
N SER A 109 -3.32 -12.56 -9.32
CA SER A 109 -2.91 -11.82 -10.52
C SER A 109 -1.64 -11.00 -10.27
N GLU A 110 -1.06 -10.41 -11.33
CA GLU A 110 0.21 -9.68 -11.27
C GLU A 110 0.03 -8.24 -11.79
N PHE A 111 0.12 -7.27 -10.88
CA PHE A 111 -0.17 -5.85 -11.09
C PHE A 111 1.13 -5.04 -11.16
N TYR A 112 1.09 -3.84 -11.75
CA TYR A 112 2.27 -2.97 -11.82
C TYR A 112 2.63 -2.43 -10.43
N LEU A 113 3.75 -2.91 -9.89
CA LEU A 113 4.28 -2.55 -8.57
C LEU A 113 5.42 -1.53 -8.69
N SER A 114 5.24 -0.40 -8.02
CA SER A 114 6.14 0.76 -8.07
C SER A 114 6.57 1.18 -6.68
N ASP A 115 7.72 0.67 -6.24
CA ASP A 115 8.35 1.09 -4.99
C ASP A 115 9.26 2.31 -5.22
N CYS A 116 9.64 3.00 -4.14
CA CYS A 116 10.82 3.87 -4.11
C CYS A 116 11.36 3.92 -2.69
N ASN A 117 12.68 3.86 -2.53
CA ASN A 117 13.36 3.81 -1.23
C ASN A 117 14.40 4.93 -1.16
N VAL A 118 14.46 5.66 -0.04
CA VAL A 118 15.39 6.80 0.14
C VAL A 118 16.86 6.36 0.03
N THR A 119 17.72 7.27 -0.44
CA THR A 119 19.19 7.12 -0.45
C THR A 119 19.89 8.39 0.05
N SER A 120 20.43 8.31 1.28
CA SER A 120 21.15 9.38 1.98
C SER A 120 22.47 9.77 1.30
N ARG A 1 12.54 17.61 -6.06
CA ARG A 1 13.46 16.82 -5.20
C ARG A 1 13.23 17.07 -3.70
N PRO A 2 12.29 16.36 -3.03
CA PRO A 2 12.16 16.44 -1.56
C PRO A 2 13.33 15.75 -0.84
N CYS A 3 13.61 14.49 -1.24
CA CYS A 3 14.62 13.59 -0.69
C CYS A 3 15.20 12.72 -1.81
N LYS A 4 16.16 11.83 -1.50
CA LYS A 4 16.85 10.96 -2.46
C LYS A 4 16.44 9.50 -2.29
N TYR A 5 16.07 8.84 -3.39
CA TYR A 5 15.57 7.45 -3.42
C TYR A 5 16.23 6.62 -4.53
N LYS A 6 16.14 5.29 -4.43
CA LYS A 6 16.67 4.30 -5.41
C LYS A 6 15.55 3.63 -6.22
N LEU A 7 15.89 3.22 -7.45
CA LEU A 7 14.99 2.68 -8.47
C LEU A 7 14.65 1.21 -8.21
N LYS A 8 13.38 0.91 -7.88
CA LYS A 8 12.87 -0.44 -7.59
C LYS A 8 11.47 -0.67 -8.21
N LYS A 9 11.41 -1.52 -9.25
CA LYS A 9 10.15 -1.94 -9.92
C LYS A 9 9.94 -3.46 -9.80
N SER A 10 8.68 -3.90 -9.85
CA SER A 10 8.26 -5.32 -9.86
C SER A 10 6.87 -5.48 -10.51
N THR A 11 6.43 -6.73 -10.72
CA THR A 11 5.09 -7.05 -11.23
C THR A 11 4.53 -8.29 -10.53
N ASN A 12 3.58 -8.12 -9.61
CA ASN A 12 3.08 -9.17 -8.71
C ASN A 12 1.81 -8.77 -7.92
N LYS A 13 1.21 -9.73 -7.20
CA LYS A 13 0.16 -9.58 -6.18
C LYS A 13 0.57 -8.77 -4.95
N PHE A 14 -0.39 -8.52 -4.06
CA PHE A 14 -0.25 -7.76 -2.81
C PHE A 14 -1.14 -8.32 -1.69
N CYS A 15 -0.68 -8.24 -0.44
CA CYS A 15 -1.39 -8.71 0.75
C CYS A 15 -1.90 -7.53 1.59
N VAL A 16 -3.15 -7.63 2.04
CA VAL A 16 -3.91 -6.59 2.75
C VAL A 16 -4.79 -7.18 3.86
N THR A 17 -5.55 -6.34 4.59
CA THR A 17 -6.47 -6.80 5.66
C THR A 17 -7.87 -6.22 5.49
N CYS A 18 -8.88 -7.07 5.23
CA CYS A 18 -10.29 -6.68 5.08
C CYS A 18 -10.96 -6.54 6.44
N GLU A 19 -11.62 -5.42 6.66
CA GLU A 19 -12.39 -5.12 7.87
C GLU A 19 -13.69 -4.43 7.47
N ASN A 20 -14.81 -5.12 7.67
CA ASN A 20 -16.15 -4.76 7.18
C ASN A 20 -16.19 -4.58 5.63
N GLN A 21 -15.86 -5.67 4.92
CA GLN A 21 -16.01 -5.89 3.47
C GLN A 21 -15.19 -4.93 2.58
N ALA A 22 -14.07 -4.43 3.11
CA ALA A 22 -13.19 -3.48 2.44
C ALA A 22 -11.79 -3.53 3.08
N PRO A 23 -10.71 -3.58 2.29
CA PRO A 23 -9.34 -3.59 2.79
C PRO A 23 -8.89 -2.19 3.26
N VAL A 24 -8.82 -1.99 4.58
CA VAL A 24 -8.42 -0.73 5.22
C VAL A 24 -6.93 -0.75 5.63
N HIS A 25 -6.11 -1.71 5.16
CA HIS A 25 -4.76 -1.96 5.70
C HIS A 25 -3.83 -2.68 4.71
N PHE A 26 -2.54 -2.40 4.76
CA PHE A 26 -1.50 -3.06 3.94
C PHE A 26 -0.63 -3.99 4.79
N VAL A 27 -0.47 -5.24 4.38
CA VAL A 27 0.42 -6.23 5.03
C VAL A 27 1.80 -6.25 4.35
N GLY A 28 1.85 -6.52 3.04
CA GLY A 28 3.08 -6.72 2.29
C GLY A 28 2.82 -7.01 0.81
N VAL A 29 3.89 -7.31 0.04
CA VAL A 29 3.85 -7.45 -1.42
C VAL A 29 4.35 -8.83 -1.87
N GLY A 30 3.66 -9.47 -2.83
CA GLY A 30 3.99 -10.81 -3.34
C GLY A 30 3.79 -11.98 -2.36
N SER A 31 3.44 -11.69 -1.10
CA SER A 31 3.34 -12.58 0.08
C SER A 31 2.72 -11.79 1.25
N CYS A 32 2.29 -12.49 2.30
CA CYS A 32 1.78 -11.91 3.55
C CYS A 32 2.87 -11.98 4.65
N GLY A 33 3.39 -10.83 5.07
CA GLY A 33 4.52 -10.69 6.00
C GLY A 33 4.08 -10.14 7.37
N SER A 34 3.55 -11.00 8.23
CA SER A 34 3.09 -10.67 9.59
C SER A 34 4.18 -10.80 10.67
N GLY A 35 3.87 -10.39 11.90
CA GLY A 35 4.70 -10.47 13.11
C GLY A 35 5.01 -9.10 13.74
N GLY A 36 5.17 -9.07 15.07
CA GLY A 36 5.53 -7.89 15.87
C GLY A 36 5.00 -7.94 17.31
N SER A 37 5.54 -7.06 18.17
CA SER A 37 5.30 -7.04 19.63
C SER A 37 5.24 -5.60 20.16
N GLY A 38 4.04 -4.99 20.19
CA GLY A 38 3.83 -3.59 20.62
C GLY A 38 4.29 -2.52 19.61
N ILE A 39 4.75 -2.94 18.42
CA ILE A 39 5.26 -2.10 17.34
C ILE A 39 4.10 -1.34 16.67
N PHE A 40 4.37 -0.09 16.25
CA PHE A 40 3.40 0.83 15.64
C PHE A 40 3.94 1.60 14.42
N LEU A 41 5.08 1.16 13.85
CA LEU A 41 5.76 1.77 12.68
C LEU A 41 4.91 1.77 11.39
N GLU A 42 3.90 0.90 11.31
CA GLU A 42 2.88 0.90 10.24
C GLU A 42 1.99 2.16 10.24
N THR A 43 1.22 2.36 9.16
CA THR A 43 0.27 3.48 9.03
C THR A 43 -1.01 3.32 9.89
N SER A 44 -1.32 2.08 10.30
CA SER A 44 -2.47 1.69 11.16
C SER A 44 -3.85 2.27 10.77
N LEU A 45 -4.11 2.40 9.45
CA LEU A 45 -5.38 2.88 8.86
C LEU A 45 -6.65 2.21 9.43
N SER A 46 -6.55 0.97 9.90
CA SER A 46 -7.62 0.21 10.55
C SER A 46 -8.23 0.89 11.79
N ALA A 47 -7.51 1.81 12.43
CA ALA A 47 -7.98 2.66 13.52
C ALA A 47 -7.74 4.16 13.22
N GLY A 48 -8.82 4.88 12.92
CA GLY A 48 -8.80 6.31 12.60
C GLY A 48 -8.80 6.64 11.10
N SER A 49 -8.82 5.64 10.22
CA SER A 49 -8.93 5.79 8.75
C SER A 49 -9.90 4.76 8.15
N ASP A 50 -9.87 4.58 6.83
CA ASP A 50 -10.77 3.72 6.07
C ASP A 50 -10.10 3.23 4.77
N TRP A 51 -10.80 2.34 4.09
CA TRP A 51 -10.54 1.88 2.71
C TRP A 51 -10.54 3.06 1.71
N LEU A 52 -11.41 4.06 1.92
CA LEU A 52 -11.53 5.24 1.07
C LEU A 52 -10.22 6.04 1.00
N THR A 53 -9.55 6.21 2.14
CA THR A 53 -8.22 6.84 2.26
C THR A 53 -7.05 5.88 1.97
N PHE A 54 -7.20 4.57 2.23
CA PHE A 54 -6.19 3.53 1.91
C PHE A 54 -5.75 3.57 0.44
N GLN A 55 -6.70 3.72 -0.48
CA GLN A 55 -6.45 3.91 -1.90
C GLN A 55 -5.55 5.13 -2.13
N LYS A 56 -6.02 6.33 -1.74
CA LYS A 56 -5.29 7.60 -1.92
C LYS A 56 -3.92 7.65 -1.23
N LYS A 57 -3.67 6.78 -0.24
CA LYS A 57 -2.39 6.61 0.47
C LYS A 57 -1.30 5.97 -0.40
N HIS A 58 -1.56 4.86 -1.12
CA HIS A 58 -0.51 4.15 -1.90
C HIS A 58 -1.02 3.36 -3.12
N ILE A 59 -2.17 3.70 -3.67
CA ILE A 59 -2.75 3.06 -4.87
C ILE A 59 -3.12 4.13 -5.91
N THR A 60 -2.95 3.81 -7.19
CA THR A 60 -3.28 4.73 -8.29
C THR A 60 -3.86 4.03 -9.52
N ASN A 61 -4.61 4.78 -10.33
CA ASN A 61 -5.06 4.42 -11.68
C ASN A 61 -4.08 4.91 -12.78
N THR A 62 -2.97 5.55 -12.41
CA THR A 62 -1.89 6.00 -13.30
C THR A 62 -0.61 6.31 -12.51
N ARG A 63 0.46 5.50 -12.68
CA ARG A 63 1.78 5.77 -12.09
C ARG A 63 2.42 7.02 -12.70
N ASP A 64 2.46 8.11 -11.94
CA ASP A 64 3.05 9.41 -12.33
C ASP A 64 4.28 9.82 -11.49
N VAL A 65 4.68 8.96 -10.53
CA VAL A 65 5.84 9.15 -9.65
C VAL A 65 7.18 9.03 -10.41
N ASP A 66 8.15 9.86 -10.03
CA ASP A 66 9.57 9.80 -10.44
C ASP A 66 10.54 9.89 -9.24
N CYS A 67 10.00 9.76 -8.01
CA CYS A 67 10.68 9.87 -6.71
C CYS A 67 11.48 11.18 -6.57
N ASP A 68 10.89 12.28 -7.06
CA ASP A 68 11.46 13.63 -7.17
C ASP A 68 10.36 14.71 -7.15
N ASN A 69 9.20 14.47 -7.79
CA ASN A 69 8.07 15.40 -7.85
C ASN A 69 7.05 15.19 -6.71
N ILE A 70 7.18 14.13 -5.90
CA ILE A 70 6.23 13.77 -4.85
C ILE A 70 6.10 14.82 -3.74
N MET A 71 6.99 15.82 -3.74
CA MET A 71 6.88 17.06 -2.96
C MET A 71 5.53 17.78 -3.14
N SER A 72 4.92 17.76 -4.33
CA SER A 72 3.61 18.37 -4.61
C SER A 72 2.41 17.45 -4.32
N THR A 73 2.63 16.14 -4.15
CA THR A 73 1.59 15.14 -3.82
C THR A 73 1.36 15.04 -2.30
N ASN A 74 0.45 14.16 -1.85
CA ASN A 74 0.27 13.85 -0.43
C ASN A 74 1.44 13.05 0.21
N LEU A 75 2.35 12.50 -0.61
CA LEU A 75 3.49 11.65 -0.22
C LEU A 75 4.77 12.42 0.18
N PHE A 76 4.69 13.75 0.33
CA PHE A 76 5.79 14.70 0.54
C PHE A 76 6.52 14.56 1.89
N HIS A 77 5.99 13.72 2.76
CA HIS A 77 6.42 13.47 4.15
C HIS A 77 7.85 12.94 4.35
N CYS A 78 8.61 12.75 3.26
CA CYS A 78 9.99 12.21 3.24
C CYS A 78 10.14 10.83 3.92
N LYS A 79 9.08 10.01 3.86
CA LYS A 79 9.03 8.66 4.42
C LYS A 79 10.05 7.70 3.78
N ASP A 80 10.45 6.66 4.51
CA ASP A 80 11.56 5.76 4.17
C ASP A 80 11.35 4.95 2.88
N LYS A 81 10.10 4.56 2.60
CA LYS A 81 9.65 4.03 1.30
C LYS A 81 8.13 4.10 1.16
N ASN A 82 7.63 3.97 -0.06
CA ASN A 82 6.21 3.69 -0.34
C ASN A 82 6.05 2.56 -1.36
N THR A 83 4.88 1.93 -1.39
CA THR A 83 4.55 0.82 -2.30
C THR A 83 3.32 1.17 -3.14
N PHE A 84 3.53 1.78 -4.30
CA PHE A 84 2.47 2.17 -5.22
C PHE A 84 1.96 0.95 -6.01
N ILE A 85 0.67 0.66 -5.85
CA ILE A 85 -0.07 -0.37 -6.59
C ILE A 85 -0.78 0.33 -7.77
N TYR A 86 -0.38 0.05 -9.01
CA TYR A 86 -1.17 0.45 -10.19
C TYR A 86 -2.32 -0.55 -10.39
N SER A 87 -3.48 -0.29 -9.78
CA SER A 87 -4.72 -1.07 -9.96
C SER A 87 -5.99 -0.22 -9.81
N ARG A 88 -7.10 -0.73 -10.36
CA ARG A 88 -8.46 -0.26 -10.07
C ARG A 88 -8.89 -0.69 -8.65
N PRO A 89 -9.95 -0.08 -8.08
CA PRO A 89 -10.47 -0.47 -6.77
C PRO A 89 -11.14 -1.86 -6.75
N GLU A 90 -11.66 -2.35 -7.88
CA GLU A 90 -12.41 -3.61 -7.98
C GLU A 90 -11.57 -4.85 -7.57
N PRO A 91 -10.41 -5.13 -8.20
CA PRO A 91 -9.56 -6.29 -7.83
C PRO A 91 -8.87 -6.16 -6.46
N VAL A 92 -9.06 -5.05 -5.74
CA VAL A 92 -8.54 -4.77 -4.40
C VAL A 92 -9.65 -4.97 -3.37
N LYS A 93 -10.80 -4.30 -3.53
CA LYS A 93 -11.94 -4.40 -2.60
C LYS A 93 -12.60 -5.78 -2.62
N ALA A 94 -12.83 -6.34 -3.81
CA ALA A 94 -13.59 -7.57 -4.02
C ALA A 94 -12.83 -8.87 -3.66
N ILE A 95 -11.55 -8.76 -3.26
CA ILE A 95 -10.78 -9.87 -2.69
C ILE A 95 -11.53 -10.49 -1.48
N CYS A 96 -12.24 -9.66 -0.71
CA CYS A 96 -13.15 -10.07 0.36
C CYS A 96 -14.64 -9.80 0.05
N LYS A 97 -15.51 -10.55 0.72
CA LYS A 97 -16.99 -10.49 0.62
C LYS A 97 -17.62 -11.01 1.91
N GLY A 98 -18.17 -10.11 2.73
CA GLY A 98 -18.81 -10.44 4.02
C GLY A 98 -17.85 -10.54 5.20
N ILE A 99 -16.56 -10.27 5.01
CA ILE A 99 -15.51 -10.35 6.04
C ILE A 99 -15.58 -9.15 6.99
N ILE A 100 -15.88 -9.44 8.26
CA ILE A 100 -15.87 -8.49 9.40
C ILE A 100 -14.64 -8.73 10.30
N ALA A 101 -14.00 -9.90 10.18
CA ALA A 101 -12.99 -10.47 11.07
C ALA A 101 -11.59 -9.81 11.06
N SER A 102 -11.39 -8.67 10.38
CA SER A 102 -10.08 -8.02 10.19
C SER A 102 -8.99 -8.99 9.64
N LYS A 103 -9.21 -9.54 8.43
CA LYS A 103 -8.26 -10.41 7.70
C LYS A 103 -8.55 -10.40 6.19
N ASN A 104 -7.57 -10.67 5.33
CA ASN A 104 -7.77 -10.94 3.89
C ASN A 104 -6.90 -12.11 3.41
N VAL A 105 -6.86 -12.32 2.09
CA VAL A 105 -5.98 -13.27 1.40
C VAL A 105 -5.14 -12.52 0.38
N LEU A 106 -3.86 -12.89 0.21
CA LEU A 106 -3.00 -12.44 -0.87
C LEU A 106 -3.67 -12.61 -2.26
N THR A 107 -3.48 -11.65 -3.15
CA THR A 107 -3.93 -11.76 -4.56
C THR A 107 -3.22 -12.90 -5.33
N THR A 108 -3.71 -13.18 -6.53
CA THR A 108 -3.26 -14.25 -7.44
C THR A 108 -2.70 -13.74 -8.77
N SER A 109 -3.22 -12.60 -9.25
CA SER A 109 -2.77 -11.90 -10.47
C SER A 109 -1.52 -11.05 -10.22
N GLU A 110 -0.92 -10.51 -11.27
CA GLU A 110 0.33 -9.73 -11.23
C GLU A 110 0.10 -8.30 -11.74
N PHE A 111 0.16 -7.32 -10.83
CA PHE A 111 -0.15 -5.91 -11.07
C PHE A 111 1.14 -5.08 -11.14
N TYR A 112 1.08 -3.89 -11.72
CA TYR A 112 2.26 -3.02 -11.85
C TYR A 112 2.67 -2.46 -10.49
N LEU A 113 3.79 -2.95 -9.96
CA LEU A 113 4.32 -2.59 -8.64
C LEU A 113 5.46 -1.57 -8.74
N SER A 114 5.31 -0.48 -7.99
CA SER A 114 6.20 0.68 -8.01
C SER A 114 6.62 1.03 -6.58
N ASP A 115 7.74 0.46 -6.14
CA ASP A 115 8.41 0.84 -4.90
C ASP A 115 9.29 2.09 -5.12
N CYS A 116 9.65 2.76 -4.04
CA CYS A 116 10.84 3.64 -4.00
C CYS A 116 11.39 3.69 -2.58
N ASN A 117 12.70 3.45 -2.40
CA ASN A 117 13.35 3.34 -1.09
C ASN A 117 14.38 4.45 -0.91
N VAL A 118 14.43 5.08 0.27
CA VAL A 118 15.39 6.18 0.55
C VAL A 118 16.84 5.72 0.42
N THR A 119 17.73 6.63 -0.01
CA THR A 119 19.19 6.45 -0.05
C THR A 119 19.92 7.70 0.45
N SER A 120 20.39 7.64 1.69
CA SER A 120 21.15 8.69 2.40
C SER A 120 22.56 8.96 1.82
N ARG A 1 11.60 18.47 -5.75
CA ARG A 1 12.66 17.44 -5.51
C ARG A 1 12.97 17.32 -4.01
N PRO A 2 12.19 16.53 -3.24
CA PRO A 2 12.24 16.54 -1.77
C PRO A 2 13.50 15.85 -1.19
N CYS A 3 13.74 14.62 -1.64
CA CYS A 3 14.86 13.74 -1.26
C CYS A 3 15.41 13.05 -2.51
N LYS A 4 16.26 12.01 -2.38
CA LYS A 4 16.65 11.11 -3.47
C LYS A 4 16.28 9.67 -3.11
N TYR A 5 15.98 8.87 -4.13
CA TYR A 5 15.52 7.49 -4.04
C TYR A 5 16.13 6.66 -5.19
N LYS A 6 16.18 5.33 -5.03
CA LYS A 6 16.65 4.38 -6.05
C LYS A 6 15.50 3.71 -6.82
N LEU A 7 15.81 3.24 -8.03
CA LEU A 7 14.86 2.76 -9.03
C LEU A 7 14.50 1.29 -8.80
N LYS A 8 13.31 1.04 -8.25
CA LYS A 8 12.78 -0.29 -7.91
C LYS A 8 11.38 -0.49 -8.51
N LYS A 9 11.25 -1.42 -9.45
CA LYS A 9 10.00 -1.83 -10.11
C LYS A 9 9.85 -3.36 -10.10
N SER A 10 8.61 -3.84 -10.02
CA SER A 10 8.24 -5.26 -9.99
C SER A 10 6.85 -5.48 -10.59
N THR A 11 6.45 -6.74 -10.81
CA THR A 11 5.10 -7.11 -11.25
C THR A 11 4.61 -8.36 -10.54
N ASN A 12 3.77 -8.21 -9.51
CA ASN A 12 3.23 -9.31 -8.69
C ASN A 12 2.00 -8.90 -7.85
N LYS A 13 1.41 -9.87 -7.13
CA LYS A 13 0.34 -9.71 -6.12
C LYS A 13 0.76 -8.88 -4.89
N PHE A 14 -0.21 -8.54 -4.05
CA PHE A 14 -0.06 -7.75 -2.83
C PHE A 14 -0.96 -8.28 -1.70
N CYS A 15 -0.45 -8.26 -0.46
CA CYS A 15 -1.22 -8.61 0.74
C CYS A 15 -1.71 -7.36 1.48
N VAL A 16 -2.92 -7.46 2.01
CA VAL A 16 -3.64 -6.39 2.75
C VAL A 16 -4.54 -6.99 3.85
N THR A 17 -5.29 -6.17 4.60
CA THR A 17 -6.24 -6.60 5.66
C THR A 17 -7.64 -6.02 5.43
N CYS A 18 -8.66 -6.88 5.21
CA CYS A 18 -10.05 -6.47 5.10
C CYS A 18 -10.74 -6.40 6.47
N GLU A 19 -11.45 -5.30 6.71
CA GLU A 19 -12.23 -5.05 7.91
C GLU A 19 -13.54 -4.37 7.51
N ASN A 20 -14.67 -5.08 7.70
CA ASN A 20 -16.00 -4.71 7.19
C ASN A 20 -16.03 -4.61 5.64
N GLN A 21 -15.63 -5.70 4.98
CA GLN A 21 -15.76 -5.97 3.53
C GLN A 21 -14.94 -5.04 2.62
N ALA A 22 -13.86 -4.45 3.14
CA ALA A 22 -13.05 -3.45 2.48
C ALA A 22 -11.65 -3.41 3.11
N PRO A 23 -10.57 -3.41 2.31
CA PRO A 23 -9.21 -3.39 2.80
C PRO A 23 -8.76 -2.00 3.28
N VAL A 24 -8.61 -1.86 4.60
CA VAL A 24 -8.20 -0.63 5.31
C VAL A 24 -6.78 -0.72 5.88
N HIS A 25 -5.93 -1.65 5.40
CA HIS A 25 -4.55 -1.82 5.91
C HIS A 25 -3.68 -2.49 4.86
N PHE A 26 -2.44 -2.02 4.69
CA PHE A 26 -1.43 -2.74 3.91
C PHE A 26 -0.77 -3.84 4.76
N VAL A 27 -0.27 -4.90 4.11
CA VAL A 27 0.55 -5.95 4.75
C VAL A 27 1.89 -6.16 4.05
N GLY A 28 1.92 -6.41 2.73
CA GLY A 28 3.15 -6.74 2.01
C GLY A 28 2.97 -6.98 0.51
N VAL A 29 4.04 -7.43 -0.15
CA VAL A 29 4.11 -7.66 -1.60
C VAL A 29 4.56 -9.10 -1.89
N GLY A 30 3.83 -9.82 -2.74
CA GLY A 30 4.12 -11.22 -3.09
C GLY A 30 3.95 -12.28 -1.98
N SER A 31 3.64 -11.82 -0.76
CA SER A 31 3.56 -12.56 0.51
C SER A 31 2.75 -11.75 1.53
N CYS A 32 2.29 -12.40 2.61
CA CYS A 32 1.74 -11.76 3.80
C CYS A 32 2.74 -11.87 4.96
N GLY A 33 3.19 -10.74 5.50
CA GLY A 33 4.02 -10.70 6.71
C GLY A 33 3.30 -11.25 7.95
N SER A 34 4.03 -11.90 8.84
CA SER A 34 3.53 -12.49 10.10
C SER A 34 4.58 -12.39 11.21
N GLY A 35 4.12 -12.50 12.47
CA GLY A 35 4.93 -12.30 13.68
C GLY A 35 4.12 -11.87 14.89
N GLY A 36 4.80 -11.54 15.99
CA GLY A 36 4.22 -11.10 17.27
C GLY A 36 5.06 -10.02 17.95
N SER A 37 4.79 -8.76 17.63
CA SER A 37 5.51 -7.57 18.14
C SER A 37 4.55 -6.43 18.55
N GLY A 38 5.09 -5.39 19.21
CA GLY A 38 4.36 -4.24 19.77
C GLY A 38 4.51 -2.93 18.97
N ILE A 39 4.97 -3.02 17.72
CA ILE A 39 5.27 -1.86 16.85
C ILE A 39 4.00 -1.05 16.57
N PHE A 40 4.14 0.28 16.63
CA PHE A 40 3.08 1.28 16.48
C PHE A 40 3.45 2.47 15.57
N LEU A 41 4.64 2.42 14.93
CA LEU A 41 5.20 3.47 14.07
C LEU A 41 4.47 3.58 12.71
N GLU A 42 3.72 2.54 12.34
CA GLU A 42 2.90 2.50 11.13
C GLU A 42 1.72 3.49 11.15
N THR A 43 1.16 3.74 9.97
CA THR A 43 -0.05 4.58 9.80
C THR A 43 -1.29 3.93 10.42
N SER A 44 -1.36 2.60 10.38
CA SER A 44 -2.48 1.72 10.77
C SER A 44 -3.86 2.32 10.48
N LEU A 45 -4.21 2.37 9.19
CA LEU A 45 -5.46 2.93 8.65
C LEU A 45 -6.76 2.27 9.19
N SER A 46 -6.66 1.14 9.90
CA SER A 46 -7.76 0.49 10.63
C SER A 46 -8.44 1.38 11.67
N ALA A 47 -7.65 2.18 12.38
CA ALA A 47 -8.06 3.09 13.44
C ALA A 47 -7.76 4.56 13.07
N GLY A 48 -8.81 5.31 12.74
CA GLY A 48 -8.74 6.72 12.34
C GLY A 48 -8.71 6.96 10.81
N SER A 49 -8.79 5.90 9.99
CA SER A 49 -8.92 5.98 8.52
C SER A 49 -9.94 4.96 7.99
N ASP A 50 -9.95 4.74 6.67
CA ASP A 50 -10.86 3.84 5.97
C ASP A 50 -10.21 3.35 4.66
N TRP A 51 -10.88 2.41 4.00
CA TRP A 51 -10.61 1.94 2.64
C TRP A 51 -10.63 3.09 1.61
N LEU A 52 -11.55 4.06 1.80
CA LEU A 52 -11.73 5.22 0.92
C LEU A 52 -10.44 6.05 0.81
N THR A 53 -9.78 6.30 1.94
CA THR A 53 -8.46 6.97 2.02
C THR A 53 -7.28 6.01 1.73
N PHE A 54 -7.39 4.72 2.05
CA PHE A 54 -6.35 3.70 1.78
C PHE A 54 -5.91 3.65 0.31
N GLN A 55 -6.87 3.71 -0.61
CA GLN A 55 -6.63 3.84 -2.06
C GLN A 55 -5.73 5.05 -2.33
N LYS A 56 -6.17 6.25 -1.98
CA LYS A 56 -5.39 7.49 -2.18
C LYS A 56 -4.02 7.51 -1.46
N LYS A 57 -3.83 6.67 -0.43
CA LYS A 57 -2.59 6.50 0.35
C LYS A 57 -1.47 5.78 -0.42
N HIS A 58 -1.72 4.59 -0.99
CA HIS A 58 -0.70 3.74 -1.66
C HIS A 58 -1.09 3.17 -3.03
N ILE A 59 -2.21 3.56 -3.62
CA ILE A 59 -2.76 2.97 -4.85
C ILE A 59 -3.04 4.06 -5.88
N THR A 60 -2.89 3.73 -7.16
CA THR A 60 -3.25 4.63 -8.27
C THR A 60 -3.83 3.89 -9.49
N ASN A 61 -4.63 4.61 -10.28
CA ASN A 61 -5.12 4.20 -11.59
C ASN A 61 -4.19 4.67 -12.74
N THR A 62 -3.08 5.35 -12.42
CA THR A 62 -2.02 5.76 -13.36
C THR A 62 -0.71 6.07 -12.62
N ARG A 63 0.36 5.28 -12.85
CA ARG A 63 1.70 5.58 -12.31
C ARG A 63 2.27 6.85 -12.98
N ASP A 64 2.25 7.96 -12.25
CA ASP A 64 2.79 9.26 -12.66
C ASP A 64 4.00 9.71 -11.81
N VAL A 65 4.45 8.85 -10.89
CA VAL A 65 5.55 9.14 -9.95
C VAL A 65 6.93 8.99 -10.61
N ASP A 66 7.85 9.88 -10.25
CA ASP A 66 9.27 9.88 -10.68
C ASP A 66 10.24 9.97 -9.49
N CYS A 67 9.72 9.84 -8.25
CA CYS A 67 10.43 9.92 -6.97
C CYS A 67 11.27 11.22 -6.82
N ASP A 68 10.66 12.34 -7.22
CA ASP A 68 11.22 13.70 -7.24
C ASP A 68 10.15 14.81 -7.28
N ASN A 69 8.95 14.52 -7.81
CA ASN A 69 7.81 15.45 -7.85
C ASN A 69 6.76 15.19 -6.76
N ILE A 70 6.91 14.12 -5.97
CA ILE A 70 5.97 13.70 -4.91
C ILE A 70 5.79 14.73 -3.80
N MET A 71 6.65 15.75 -3.75
CA MET A 71 6.46 16.96 -2.93
C MET A 71 5.13 17.70 -3.24
N SER A 72 4.64 17.60 -4.47
CA SER A 72 3.35 18.13 -4.94
C SER A 72 2.13 17.22 -4.66
N THR A 73 2.34 16.06 -4.01
CA THR A 73 1.31 15.03 -3.75
C THR A 73 1.07 14.83 -2.24
N ASN A 74 0.21 13.88 -1.87
CA ASN A 74 0.03 13.45 -0.47
C ASN A 74 1.29 12.81 0.15
N LEU A 75 2.24 12.37 -0.68
CA LEU A 75 3.42 11.57 -0.31
C LEU A 75 4.68 12.40 0.01
N PHE A 76 4.54 13.72 0.16
CA PHE A 76 5.60 14.72 0.36
C PHE A 76 6.40 14.56 1.66
N HIS A 77 5.96 13.68 2.56
CA HIS A 77 6.49 13.47 3.91
C HIS A 77 7.98 13.01 3.97
N CYS A 78 8.56 12.63 2.81
CA CYS A 78 9.84 11.92 2.66
C CYS A 78 10.03 10.79 3.71
N LYS A 79 9.09 9.85 3.71
CA LYS A 79 9.23 8.52 4.32
C LYS A 79 10.26 7.65 3.59
N ASP A 80 10.76 6.60 4.25
CA ASP A 80 11.88 5.76 3.78
C ASP A 80 11.58 4.97 2.48
N LYS A 81 10.33 4.55 2.30
CA LYS A 81 9.78 4.02 1.04
C LYS A 81 8.26 4.09 1.02
N ASN A 82 7.69 4.11 -0.19
CA ASN A 82 6.29 3.74 -0.42
C ASN A 82 6.22 2.58 -1.41
N THR A 83 5.16 1.78 -1.33
CA THR A 83 4.84 0.70 -2.26
C THR A 83 3.58 1.08 -3.03
N PHE A 84 3.72 1.61 -4.24
CA PHE A 84 2.55 1.94 -5.07
C PHE A 84 2.02 0.70 -5.81
N ILE A 85 0.69 0.57 -5.81
CA ILE A 85 -0.06 -0.48 -6.51
C ILE A 85 -0.79 0.19 -7.68
N TYR A 86 -0.36 -0.07 -8.92
CA TYR A 86 -1.10 0.34 -10.11
C TYR A 86 -2.23 -0.65 -10.39
N SER A 87 -3.41 -0.42 -9.81
CA SER A 87 -4.62 -1.22 -10.00
C SER A 87 -5.91 -0.39 -9.87
N ARG A 88 -7.02 -0.92 -10.42
CA ARG A 88 -8.38 -0.47 -10.12
C ARG A 88 -8.80 -0.85 -8.69
N PRO A 89 -9.86 -0.25 -8.13
CA PRO A 89 -10.36 -0.61 -6.82
C PRO A 89 -11.05 -1.99 -6.76
N GLU A 90 -11.55 -2.51 -7.88
CA GLU A 90 -12.28 -3.79 -7.95
C GLU A 90 -11.41 -4.99 -7.51
N PRO A 91 -10.25 -5.27 -8.14
CA PRO A 91 -9.39 -6.40 -7.75
C PRO A 91 -8.68 -6.24 -6.40
N VAL A 92 -8.91 -5.12 -5.69
CA VAL A 92 -8.39 -4.80 -4.36
C VAL A 92 -9.50 -5.00 -3.31
N LYS A 93 -10.66 -4.37 -3.48
CA LYS A 93 -11.80 -4.48 -2.55
C LYS A 93 -12.42 -5.87 -2.55
N ALA A 94 -12.65 -6.45 -3.73
CA ALA A 94 -13.38 -7.70 -3.92
C ALA A 94 -12.57 -8.96 -3.55
N ILE A 95 -11.30 -8.81 -3.15
CA ILE A 95 -10.50 -9.89 -2.56
C ILE A 95 -11.25 -10.51 -1.35
N CYS A 96 -11.95 -9.67 -0.57
CA CYS A 96 -12.82 -10.12 0.53
C CYS A 96 -14.32 -9.99 0.22
N LYS A 97 -15.14 -10.74 0.97
CA LYS A 97 -16.61 -10.81 0.87
C LYS A 97 -17.20 -11.24 2.22
N GLY A 98 -17.81 -10.30 2.94
CA GLY A 98 -18.44 -10.55 4.25
C GLY A 98 -17.48 -10.56 5.44
N ILE A 99 -16.19 -10.25 5.23
CA ILE A 99 -15.14 -10.29 6.26
C ILE A 99 -15.24 -9.08 7.20
N ILE A 100 -15.52 -9.36 8.49
CA ILE A 100 -15.53 -8.40 9.61
C ILE A 100 -14.35 -8.67 10.58
N ALA A 101 -13.66 -9.81 10.42
CA ALA A 101 -12.63 -10.37 11.30
C ALA A 101 -11.26 -9.65 11.30
N SER A 102 -11.11 -8.55 10.55
CA SER A 102 -9.84 -7.84 10.32
C SER A 102 -8.73 -8.78 9.77
N LYS A 103 -8.94 -9.32 8.56
CA LYS A 103 -8.04 -10.23 7.83
C LYS A 103 -8.31 -10.16 6.32
N ASN A 104 -7.35 -10.57 5.48
CA ASN A 104 -7.58 -10.87 4.06
C ASN A 104 -6.76 -12.08 3.60
N VAL A 105 -6.68 -12.30 2.29
CA VAL A 105 -5.74 -13.22 1.63
C VAL A 105 -4.93 -12.47 0.58
N LEU A 106 -3.66 -12.85 0.40
CA LEU A 106 -2.81 -12.41 -0.72
C LEU A 106 -3.50 -12.64 -2.08
N THR A 107 -3.31 -11.71 -3.03
CA THR A 107 -3.77 -11.86 -4.42
C THR A 107 -3.09 -13.03 -5.18
N THR A 108 -3.57 -13.31 -6.39
CA THR A 108 -3.06 -14.37 -7.28
C THR A 108 -2.59 -13.87 -8.66
N SER A 109 -3.12 -12.73 -9.12
CA SER A 109 -2.69 -12.03 -10.36
C SER A 109 -1.44 -11.18 -10.11
N GLU A 110 -0.84 -10.65 -11.18
CA GLU A 110 0.39 -9.86 -11.14
C GLU A 110 0.15 -8.43 -11.64
N PHE A 111 0.22 -7.45 -10.74
CA PHE A 111 -0.07 -6.03 -10.96
C PHE A 111 1.22 -5.20 -11.01
N TYR A 112 1.18 -3.99 -11.57
CA TYR A 112 2.37 -3.12 -11.62
C TYR A 112 2.70 -2.58 -10.23
N LEU A 113 3.79 -3.09 -9.66
CA LEU A 113 4.32 -2.73 -8.34
C LEU A 113 5.47 -1.73 -8.47
N SER A 114 5.29 -0.54 -7.89
CA SER A 114 6.18 0.61 -8.04
C SER A 114 6.69 1.08 -6.67
N ASP A 115 7.89 0.63 -6.31
CA ASP A 115 8.55 1.02 -5.06
C ASP A 115 9.48 2.23 -5.27
N CYS A 116 9.87 2.90 -4.20
CA CYS A 116 11.00 3.84 -4.19
C CYS A 116 11.65 3.95 -2.81
N ASN A 117 12.85 3.39 -2.64
CA ASN A 117 13.61 3.41 -1.38
C ASN A 117 14.58 4.60 -1.34
N VAL A 118 14.59 5.34 -0.23
CA VAL A 118 15.46 6.52 0.02
C VAL A 118 16.95 6.17 -0.12
N THR A 119 17.75 7.14 -0.58
CA THR A 119 19.22 7.01 -0.78
C THR A 119 19.99 7.98 0.11
N SER A 120 20.28 7.55 1.35
CA SER A 120 21.12 8.24 2.34
C SER A 120 22.61 8.36 1.92
N ARG A 1 13.67 17.82 -3.88
CA ARG A 1 14.49 16.72 -3.30
C ARG A 1 14.36 16.65 -1.77
N PRO A 2 13.41 15.89 -1.19
CA PRO A 2 13.24 15.85 0.27
C PRO A 2 14.37 15.09 0.96
N CYS A 3 14.55 13.80 0.62
CA CYS A 3 15.54 12.88 1.19
C CYS A 3 16.14 11.97 0.09
N LYS A 4 17.12 11.13 0.43
CA LYS A 4 17.81 10.24 -0.50
C LYS A 4 17.21 8.84 -0.46
N TYR A 5 16.89 8.27 -1.62
CA TYR A 5 16.29 6.94 -1.76
C TYR A 5 16.96 6.10 -2.88
N LYS A 6 16.78 4.77 -2.84
CA LYS A 6 17.29 3.80 -3.82
C LYS A 6 16.15 3.18 -4.67
N LEU A 7 16.51 2.76 -5.88
CA LEU A 7 15.58 2.31 -6.94
C LEU A 7 15.15 0.84 -6.75
N LYS A 8 13.88 0.60 -6.45
CA LYS A 8 13.29 -0.74 -6.21
C LYS A 8 11.90 -0.88 -6.84
N LYS A 9 11.78 -1.57 -7.98
CA LYS A 9 10.50 -1.85 -8.66
C LYS A 9 10.27 -3.35 -8.89
N SER A 10 9.02 -3.78 -8.89
CA SER A 10 8.58 -5.16 -9.11
C SER A 10 7.21 -5.23 -9.81
N THR A 11 6.75 -6.44 -10.17
CA THR A 11 5.43 -6.67 -10.77
C THR A 11 4.81 -7.95 -10.21
N ASN A 12 3.84 -7.81 -9.29
CA ASN A 12 3.23 -8.93 -8.55
C ASN A 12 1.97 -8.51 -7.76
N LYS A 13 1.25 -9.50 -7.22
CA LYS A 13 0.14 -9.41 -6.24
C LYS A 13 0.55 -8.75 -4.92
N PHE A 14 -0.44 -8.46 -4.08
CA PHE A 14 -0.31 -7.83 -2.77
C PHE A 14 -1.31 -8.42 -1.76
N CYS A 15 -0.93 -8.47 -0.48
CA CYS A 15 -1.77 -8.96 0.61
C CYS A 15 -2.27 -7.81 1.49
N VAL A 16 -3.52 -7.92 1.93
CA VAL A 16 -4.28 -6.91 2.70
C VAL A 16 -5.23 -7.56 3.73
N THR A 17 -6.00 -6.77 4.50
CA THR A 17 -7.01 -7.27 5.45
C THR A 17 -8.38 -6.61 5.22
N CYS A 18 -9.42 -7.40 4.90
CA CYS A 18 -10.78 -6.92 4.67
C CYS A 18 -11.59 -6.86 5.96
N GLU A 19 -12.19 -5.71 6.24
CA GLU A 19 -13.04 -5.46 7.40
C GLU A 19 -14.29 -4.69 6.94
N ASN A 20 -15.46 -5.33 7.05
CA ASN A 20 -16.74 -4.85 6.52
C ASN A 20 -16.70 -4.59 4.99
N GLN A 21 -16.34 -5.63 4.23
CA GLN A 21 -16.39 -5.73 2.76
C GLN A 21 -15.47 -4.76 2.01
N ALA A 22 -14.37 -4.34 2.64
CA ALA A 22 -13.41 -3.40 2.10
C ALA A 22 -12.06 -3.56 2.83
N PRO A 23 -10.92 -3.59 2.11
CA PRO A 23 -9.60 -3.70 2.69
C PRO A 23 -9.13 -2.38 3.33
N VAL A 24 -9.08 -2.34 4.66
CA VAL A 24 -8.65 -1.19 5.46
C VAL A 24 -7.21 -1.34 5.97
N HIS A 25 -6.45 -2.37 5.57
CA HIS A 25 -5.09 -2.62 6.09
C HIS A 25 -4.17 -3.26 5.05
N PHE A 26 -2.87 -2.94 5.09
CA PHE A 26 -1.84 -3.53 4.22
C PHE A 26 -1.01 -4.58 4.98
N VAL A 27 -0.82 -5.75 4.38
CA VAL A 27 -0.04 -6.86 4.96
C VAL A 27 1.33 -7.01 4.30
N GLY A 28 1.41 -7.11 2.97
CA GLY A 28 2.68 -7.40 2.28
C GLY A 28 2.56 -7.52 0.76
N VAL A 29 3.66 -7.93 0.12
CA VAL A 29 3.83 -7.98 -1.34
C VAL A 29 4.22 -9.39 -1.79
N GLY A 30 3.44 -10.00 -2.70
CA GLY A 30 3.67 -11.37 -3.18
C GLY A 30 3.47 -12.49 -2.15
N SER A 31 3.05 -12.14 -0.92
CA SER A 31 2.85 -13.01 0.25
C SER A 31 2.12 -12.24 1.37
N CYS A 32 1.58 -12.96 2.35
CA CYS A 32 0.97 -12.42 3.57
C CYS A 32 1.92 -12.60 4.78
N GLY A 33 2.55 -11.51 5.23
CA GLY A 33 3.59 -11.49 6.27
C GLY A 33 3.09 -10.93 7.60
N SER A 34 2.24 -11.69 8.30
CA SER A 34 1.78 -11.36 9.66
C SER A 34 2.90 -11.49 10.72
N GLY A 35 2.71 -10.88 11.89
CA GLY A 35 3.68 -10.85 12.99
C GLY A 35 3.37 -9.79 14.06
N GLY A 36 4.22 -9.71 15.08
CA GLY A 36 4.13 -8.79 16.22
C GLY A 36 5.42 -7.98 16.41
N SER A 37 5.38 -6.70 16.06
CA SER A 37 6.51 -5.76 16.16
C SER A 37 6.08 -4.36 16.63
N GLY A 38 7.04 -3.48 16.94
CA GLY A 38 6.84 -2.13 17.47
C GLY A 38 6.72 -1.02 16.41
N ILE A 39 6.65 -1.37 15.13
CA ILE A 39 6.64 -0.45 13.98
C ILE A 39 5.44 0.51 14.03
N PHE A 40 5.72 1.78 13.74
CA PHE A 40 4.75 2.89 13.66
C PHE A 40 5.08 3.88 12.53
N LEU A 41 5.90 3.47 11.55
CA LEU A 41 6.48 4.31 10.51
C LEU A 41 5.47 4.81 9.44
N GLU A 42 4.30 4.17 9.35
CA GLU A 42 3.12 4.63 8.59
C GLU A 42 1.88 4.83 9.49
N THR A 43 0.81 5.35 8.91
CA THR A 43 -0.50 5.60 9.54
C THR A 43 -1.13 4.34 10.16
N SER A 44 -0.75 3.15 9.67
CA SER A 44 -1.19 1.81 10.11
C SER A 44 -2.70 1.74 10.35
N LEU A 45 -3.44 1.84 9.24
CA LEU A 45 -4.91 1.88 9.16
C LEU A 45 -5.53 0.70 9.92
N SER A 46 -6.11 0.98 11.09
CA SER A 46 -6.63 -0.04 12.03
C SER A 46 -7.73 0.54 12.93
N ALA A 47 -7.38 1.50 13.78
CA ALA A 47 -8.29 2.20 14.70
C ALA A 47 -8.61 3.61 14.17
N GLY A 48 -9.88 3.86 13.84
CA GLY A 48 -10.36 5.15 13.31
C GLY A 48 -9.98 5.43 11.83
N SER A 49 -9.47 4.43 11.10
CA SER A 49 -9.12 4.52 9.67
C SER A 49 -10.09 3.69 8.83
N ASP A 50 -9.98 3.81 7.50
CA ASP A 50 -10.86 3.14 6.54
C ASP A 50 -10.21 2.93 5.16
N TRP A 51 -10.87 2.12 4.36
CA TRP A 51 -10.56 1.81 2.95
C TRP A 51 -10.50 3.06 2.04
N LEU A 52 -11.32 4.08 2.31
CA LEU A 52 -11.34 5.31 1.52
C LEU A 52 -9.99 6.03 1.64
N THR A 53 -9.43 6.18 2.85
CA THR A 53 -8.08 6.73 3.06
C THR A 53 -6.95 5.75 2.74
N PHE A 54 -7.16 4.43 2.82
CA PHE A 54 -6.21 3.37 2.45
C PHE A 54 -5.66 3.55 1.03
N GLN A 55 -6.55 3.82 0.07
CA GLN A 55 -6.20 4.11 -1.32
C GLN A 55 -5.24 5.30 -1.40
N LYS A 56 -5.67 6.47 -0.92
CA LYS A 56 -4.85 7.71 -0.95
C LYS A 56 -3.50 7.57 -0.21
N LYS A 57 -3.40 6.66 0.77
CA LYS A 57 -2.18 6.38 1.57
C LYS A 57 -1.02 5.79 0.75
N HIS A 58 -1.26 4.69 0.05
CA HIS A 58 -0.23 3.86 -0.61
C HIS A 58 -0.64 3.18 -1.93
N ILE A 59 -1.71 3.67 -2.57
CA ILE A 59 -2.16 3.24 -3.90
C ILE A 59 -2.29 4.45 -4.84
N THR A 60 -2.10 4.24 -6.14
CA THR A 60 -2.36 5.26 -7.18
C THR A 60 -2.96 4.68 -8.46
N ASN A 61 -3.74 5.48 -9.18
CA ASN A 61 -4.24 5.20 -10.52
C ASN A 61 -3.23 5.58 -11.64
N THR A 62 -2.08 6.15 -11.28
CA THR A 62 -0.97 6.53 -12.18
C THR A 62 0.33 6.75 -11.39
N ARG A 63 1.38 5.96 -11.65
CA ARG A 63 2.71 6.19 -11.03
C ARG A 63 3.36 7.47 -11.57
N ASP A 64 3.26 8.55 -10.78
CA ASP A 64 3.92 9.84 -11.03
C ASP A 64 5.10 10.11 -10.06
N VAL A 65 5.44 9.14 -9.20
CA VAL A 65 6.51 9.21 -8.21
C VAL A 65 7.89 9.06 -8.86
N ASP A 66 8.85 9.87 -8.40
CA ASP A 66 10.27 9.84 -8.81
C ASP A 66 11.25 9.74 -7.61
N CYS A 67 10.71 9.60 -6.38
CA CYS A 67 11.43 9.52 -5.11
C CYS A 67 12.39 10.71 -4.87
N ASP A 68 11.96 11.89 -5.33
CA ASP A 68 12.70 13.16 -5.38
C ASP A 68 11.77 14.39 -5.35
N ASN A 69 10.53 14.25 -5.82
CA ASN A 69 9.50 15.31 -5.87
C ASN A 69 8.28 15.03 -4.98
N ILE A 70 8.29 13.94 -4.20
CA ILE A 70 7.25 13.61 -3.19
C ILE A 70 7.15 14.62 -2.04
N MET A 71 8.08 15.58 -1.99
CA MET A 71 7.97 16.83 -1.21
C MET A 71 6.69 17.63 -1.56
N SER A 72 6.18 17.48 -2.79
CA SER A 72 4.97 18.13 -3.31
C SER A 72 3.69 17.29 -3.16
N THR A 73 3.77 16.07 -2.61
CA THR A 73 2.63 15.15 -2.40
C THR A 73 2.36 14.92 -0.90
N ASN A 74 1.41 14.03 -0.55
CA ASN A 74 1.11 13.68 0.85
C ASN A 74 2.28 12.98 1.58
N LEU A 75 3.28 12.48 0.85
CA LEU A 75 4.29 11.52 1.30
C LEU A 75 5.65 12.15 1.67
N PHE A 76 5.67 13.47 1.90
CA PHE A 76 6.83 14.34 2.15
C PHE A 76 7.54 14.11 3.49
N HIS A 77 6.95 13.27 4.35
CA HIS A 77 7.31 13.00 5.75
C HIS A 77 8.71 12.38 5.98
N CYS A 78 9.51 12.18 4.92
CA CYS A 78 10.84 11.54 4.94
C CYS A 78 10.85 10.12 5.55
N LYS A 79 9.72 9.40 5.44
CA LYS A 79 9.55 8.02 5.91
C LYS A 79 10.52 7.04 5.21
N ASP A 80 10.83 5.93 5.86
CA ASP A 80 11.87 4.97 5.44
C ASP A 80 11.60 4.27 4.10
N LYS A 81 10.33 3.99 3.79
CA LYS A 81 9.85 3.56 2.45
C LYS A 81 8.34 3.75 2.29
N ASN A 82 7.87 3.79 1.04
CA ASN A 82 6.46 3.62 0.69
C ASN A 82 6.33 2.59 -0.45
N THR A 83 5.51 1.57 -0.24
CA THR A 83 5.12 0.58 -1.25
C THR A 83 3.89 1.08 -2.01
N PHE A 84 4.10 1.72 -3.16
CA PHE A 84 3.00 2.18 -4.02
C PHE A 84 2.48 1.06 -4.92
N ILE A 85 1.16 0.83 -4.90
CA ILE A 85 0.45 -0.09 -5.79
C ILE A 85 -0.15 0.73 -6.93
N TYR A 86 0.30 0.51 -8.17
CA TYR A 86 -0.29 1.10 -9.38
C TYR A 86 -1.40 0.19 -9.93
N SER A 87 -2.63 0.39 -9.40
CA SER A 87 -3.86 -0.37 -9.71
C SER A 87 -5.11 0.52 -9.68
N ARG A 88 -6.23 0.03 -10.23
CA ARG A 88 -7.59 0.52 -9.96
C ARG A 88 -8.07 0.08 -8.57
N PRO A 89 -9.12 0.69 -8.00
CA PRO A 89 -9.70 0.24 -6.73
C PRO A 89 -10.50 -1.07 -6.83
N GLU A 90 -11.01 -1.44 -8.01
CA GLU A 90 -11.84 -2.64 -8.22
C GLU A 90 -11.12 -3.95 -7.85
N PRO A 91 -9.93 -4.28 -8.41
CA PRO A 91 -9.19 -5.50 -8.07
C PRO A 91 -8.59 -5.53 -6.66
N VAL A 92 -8.75 -4.45 -5.89
CA VAL A 92 -8.32 -4.31 -4.49
C VAL A 92 -9.52 -4.54 -3.57
N LYS A 93 -10.63 -3.80 -3.76
CA LYS A 93 -11.84 -3.93 -2.93
C LYS A 93 -12.54 -5.29 -3.09
N ALA A 94 -12.68 -5.75 -4.35
CA ALA A 94 -13.47 -6.93 -4.70
C ALA A 94 -12.80 -8.28 -4.37
N ILE A 95 -11.55 -8.27 -3.87
CA ILE A 95 -10.88 -9.46 -3.34
C ILE A 95 -11.74 -10.15 -2.27
N CYS A 96 -12.46 -9.36 -1.46
CA CYS A 96 -13.45 -9.82 -0.48
C CYS A 96 -14.90 -9.47 -0.87
N LYS A 97 -15.86 -10.22 -0.30
CA LYS A 97 -17.31 -10.01 -0.42
C LYS A 97 -18.04 -10.62 0.78
N GLY A 98 -18.66 -9.77 1.61
CA GLY A 98 -19.40 -10.16 2.82
C GLY A 98 -18.52 -10.38 4.07
N ILE A 99 -17.21 -10.15 3.97
CA ILE A 99 -16.23 -10.37 5.06
C ILE A 99 -16.30 -9.25 6.10
N ILE A 100 -16.64 -9.62 7.34
CA ILE A 100 -16.67 -8.76 8.55
C ILE A 100 -15.54 -9.16 9.53
N ALA A 101 -14.91 -10.33 9.33
CA ALA A 101 -14.00 -11.02 10.24
C ALA A 101 -12.59 -10.40 10.40
N SER A 102 -12.30 -9.26 9.75
CA SER A 102 -10.96 -8.67 9.62
C SER A 102 -9.92 -9.66 9.07
N LYS A 103 -10.07 -10.04 7.79
CA LYS A 103 -9.25 -11.03 7.07
C LYS A 103 -9.35 -10.81 5.55
N ASN A 104 -8.32 -11.11 4.77
CA ASN A 104 -8.42 -11.24 3.30
C ASN A 104 -7.58 -12.42 2.79
N VAL A 105 -7.38 -12.50 1.47
CA VAL A 105 -6.43 -13.38 0.79
C VAL A 105 -5.53 -12.56 -0.13
N LEU A 106 -4.29 -13.00 -0.33
CA LEU A 106 -3.36 -12.50 -1.35
C LEU A 106 -4.01 -12.52 -2.75
N THR A 107 -3.73 -11.51 -3.59
CA THR A 107 -4.15 -11.47 -5.00
C THR A 107 -3.52 -12.58 -5.87
N THR A 108 -3.96 -12.69 -7.12
CA THR A 108 -3.46 -13.68 -8.10
C THR A 108 -2.94 -13.07 -9.42
N SER A 109 -3.40 -11.86 -9.77
CA SER A 109 -2.85 -11.06 -10.89
C SER A 109 -1.56 -10.34 -10.47
N GLU A 110 -0.85 -9.73 -11.42
CA GLU A 110 0.48 -9.11 -11.21
C GLU A 110 0.49 -7.65 -11.65
N PHE A 111 0.47 -6.75 -10.66
CA PHE A 111 0.30 -5.31 -10.79
C PHE A 111 1.64 -4.59 -10.65
N TYR A 112 1.74 -3.32 -11.08
CA TYR A 112 2.98 -2.55 -11.00
C TYR A 112 3.25 -2.11 -9.55
N LEU A 113 4.22 -2.76 -8.91
CA LEU A 113 4.65 -2.46 -7.53
C LEU A 113 5.88 -1.56 -7.50
N SER A 114 5.72 -0.39 -6.88
CA SER A 114 6.67 0.72 -6.87
C SER A 114 7.11 1.02 -5.44
N ASP A 115 8.15 0.34 -4.98
CA ASP A 115 8.83 0.68 -3.72
C ASP A 115 9.86 1.82 -3.94
N CYS A 116 10.29 2.43 -2.84
CA CYS A 116 11.48 3.27 -2.74
C CYS A 116 11.96 3.25 -1.29
N ASN A 117 13.22 2.89 -1.05
CA ASN A 117 13.80 2.74 0.30
C ASN A 117 14.84 3.83 0.54
N VAL A 118 14.88 4.41 1.73
CA VAL A 118 15.85 5.47 2.11
C VAL A 118 17.30 4.96 2.02
N THR A 119 18.24 5.85 1.70
CA THR A 119 19.70 5.58 1.70
C THR A 119 20.50 6.77 2.24
N SER A 120 20.63 6.81 3.57
CA SER A 120 21.45 7.78 4.33
C SER A 120 22.95 7.45 4.25
N ARG A 1 12.33 18.22 -3.35
CA ARG A 1 13.43 17.23 -3.12
C ARG A 1 13.61 17.01 -1.61
N PRO A 2 12.68 16.29 -0.93
CA PRO A 2 12.59 16.32 0.55
C PRO A 2 13.69 15.50 1.24
N CYS A 3 13.86 14.25 0.80
CA CYS A 3 14.88 13.28 1.23
C CYS A 3 15.35 12.48 0.01
N LYS A 4 16.46 11.74 0.14
CA LYS A 4 16.94 10.82 -0.89
C LYS A 4 16.42 9.39 -0.65
N TYR A 5 16.12 8.70 -1.75
CA TYR A 5 15.62 7.32 -1.76
C TYR A 5 16.29 6.49 -2.87
N LYS A 6 16.20 5.16 -2.74
CA LYS A 6 16.74 4.13 -3.64
C LYS A 6 15.65 3.64 -4.60
N LEU A 7 16.07 3.14 -5.76
CA LEU A 7 15.19 2.53 -6.76
C LEU A 7 14.85 1.07 -6.38
N LYS A 8 13.55 0.75 -6.37
CA LYS A 8 13.02 -0.61 -6.17
C LYS A 8 11.69 -0.83 -6.93
N LYS A 9 11.77 -1.43 -8.12
CA LYS A 9 10.60 -1.81 -8.94
C LYS A 9 10.43 -3.33 -9.00
N SER A 10 9.19 -3.80 -8.98
CA SER A 10 8.80 -5.22 -8.96
C SER A 10 7.41 -5.43 -9.59
N THR A 11 6.99 -6.69 -9.77
CA THR A 11 5.67 -7.01 -10.34
C THR A 11 5.10 -8.28 -9.70
N ASN A 12 4.16 -8.11 -8.76
CA ASN A 12 3.55 -9.22 -7.98
C ASN A 12 2.27 -8.79 -7.21
N LYS A 13 1.62 -9.76 -6.57
CA LYS A 13 0.48 -9.63 -5.64
C LYS A 13 0.82 -8.86 -4.35
N PHE A 14 -0.20 -8.55 -3.55
CA PHE A 14 -0.12 -7.82 -2.29
C PHE A 14 -1.08 -8.39 -1.23
N CYS A 15 -0.64 -8.42 0.04
CA CYS A 15 -1.46 -8.85 1.17
C CYS A 15 -2.00 -7.65 1.96
N VAL A 16 -3.23 -7.78 2.42
CA VAL A 16 -4.02 -6.74 3.14
C VAL A 16 -4.96 -7.37 4.18
N THR A 17 -5.75 -6.56 4.90
CA THR A 17 -6.78 -7.03 5.85
C THR A 17 -8.15 -6.43 5.53
N CYS A 18 -9.16 -7.26 5.20
CA CYS A 18 -10.54 -6.80 5.04
C CYS A 18 -11.27 -6.75 6.38
N GLU A 19 -11.99 -5.65 6.61
CA GLU A 19 -12.84 -5.43 7.77
C GLU A 19 -14.13 -4.75 7.29
N ASN A 20 -15.26 -5.45 7.42
CA ASN A 20 -16.56 -5.05 6.86
C ASN A 20 -16.51 -4.87 5.33
N GLN A 21 -16.08 -5.94 4.62
CA GLN A 21 -16.14 -6.14 3.16
C GLN A 21 -15.26 -5.17 2.34
N ALA A 22 -14.21 -4.62 2.94
CA ALA A 22 -13.33 -3.63 2.33
C ALA A 22 -11.97 -3.65 3.05
N PRO A 23 -10.85 -3.67 2.31
CA PRO A 23 -9.50 -3.68 2.87
C PRO A 23 -9.08 -2.32 3.43
N VAL A 24 -9.11 -2.18 4.74
CA VAL A 24 -8.72 -0.97 5.48
C VAL A 24 -7.29 -1.06 6.03
N HIS A 25 -6.47 -2.05 5.66
CA HIS A 25 -5.13 -2.25 6.25
C HIS A 25 -4.16 -2.90 5.27
N PHE A 26 -2.88 -2.52 5.30
CA PHE A 26 -1.81 -3.13 4.51
C PHE A 26 -1.01 -4.16 5.34
N VAL A 27 -0.69 -5.32 4.75
CA VAL A 27 0.09 -6.39 5.41
C VAL A 27 1.48 -6.54 4.77
N GLY A 28 1.58 -6.72 3.45
CA GLY A 28 2.85 -6.98 2.77
C GLY A 28 2.72 -7.18 1.25
N VAL A 29 3.82 -7.60 0.62
CA VAL A 29 3.95 -7.77 -0.84
C VAL A 29 4.43 -9.20 -1.14
N GLY A 30 3.74 -9.90 -2.04
CA GLY A 30 4.05 -11.29 -2.42
C GLY A 30 3.86 -12.37 -1.33
N SER A 31 3.42 -11.97 -0.12
CA SER A 31 3.27 -12.79 1.08
C SER A 31 2.48 -12.02 2.16
N CYS A 32 1.98 -12.73 3.18
CA CYS A 32 1.31 -12.18 4.37
C CYS A 32 2.17 -12.34 5.63
N GLY A 33 2.65 -11.23 6.20
CA GLY A 33 3.40 -11.19 7.46
C GLY A 33 2.50 -11.38 8.69
N SER A 34 2.53 -12.57 9.32
CA SER A 34 1.73 -12.91 10.50
C SER A 34 2.00 -12.01 11.71
N GLY A 35 0.99 -11.79 12.55
CA GLY A 35 1.00 -10.88 13.71
C GLY A 35 1.14 -9.41 13.30
N GLY A 36 2.38 -8.94 13.17
CA GLY A 36 2.76 -7.62 12.65
C GLY A 36 4.28 -7.44 12.61
N SER A 37 4.77 -6.44 11.87
CA SER A 37 6.19 -6.06 11.85
C SER A 37 6.63 -5.32 13.13
N GLY A 38 7.94 -5.17 13.33
CA GLY A 38 8.50 -4.39 14.45
C GLY A 38 8.38 -2.86 14.27
N ILE A 39 8.14 -2.39 13.04
CA ILE A 39 7.95 -0.98 12.70
C ILE A 39 6.50 -0.55 12.98
N PHE A 40 6.35 0.62 13.61
CA PHE A 40 5.06 1.26 13.95
C PHE A 40 5.02 2.76 13.61
N LEU A 41 5.99 3.24 12.81
CA LEU A 41 6.17 4.65 12.41
C LEU A 41 5.02 5.21 11.55
N GLU A 42 4.24 4.34 10.90
CA GLU A 42 2.96 4.66 10.24
C GLU A 42 1.77 4.07 11.00
N THR A 43 0.57 4.64 10.79
CA THR A 43 -0.70 4.12 11.36
C THR A 43 -1.14 2.81 10.70
N SER A 44 -0.75 2.58 9.44
CA SER A 44 -1.11 1.42 8.61
C SER A 44 -2.64 1.22 8.41
N LEU A 45 -3.43 2.26 8.71
CA LEU A 45 -4.90 2.31 8.77
C LEU A 45 -5.47 1.27 9.77
N SER A 46 -5.75 1.71 10.99
CA SER A 46 -6.11 0.83 12.13
C SER A 46 -7.26 1.40 12.96
N ALA A 47 -7.08 2.59 13.56
CA ALA A 47 -8.08 3.29 14.38
C ALA A 47 -8.47 4.62 13.71
N GLY A 48 -9.76 4.82 13.44
CA GLY A 48 -10.30 6.02 12.77
C GLY A 48 -10.01 6.10 11.26
N SER A 49 -9.44 5.07 10.64
CA SER A 49 -9.13 5.00 9.20
C SER A 49 -10.17 4.17 8.44
N ASP A 50 -10.09 4.17 7.11
CA ASP A 50 -11.00 3.45 6.23
C ASP A 50 -10.37 3.10 4.87
N TRP A 51 -11.05 2.23 4.13
CA TRP A 51 -10.74 1.81 2.77
C TRP A 51 -10.73 2.97 1.75
N LEU A 52 -11.58 3.98 1.92
CA LEU A 52 -11.64 5.14 1.03
C LEU A 52 -10.31 5.92 1.05
N THR A 53 -9.75 6.14 2.25
CA THR A 53 -8.42 6.70 2.46
C THR A 53 -7.27 5.72 2.20
N PHE A 54 -7.45 4.40 2.37
CA PHE A 54 -6.45 3.35 2.06
C PHE A 54 -5.88 3.46 0.65
N GLN A 55 -6.77 3.67 -0.32
CA GLN A 55 -6.41 3.94 -1.72
C GLN A 55 -5.51 5.18 -1.81
N LYS A 56 -6.03 6.36 -1.41
CA LYS A 56 -5.31 7.65 -1.48
C LYS A 56 -4.01 7.69 -0.65
N LYS A 57 -3.85 6.80 0.33
CA LYS A 57 -2.64 6.60 1.14
C LYS A 57 -1.46 6.03 0.35
N HIS A 58 -1.61 4.92 -0.39
CA HIS A 58 -0.47 4.26 -1.07
C HIS A 58 -0.82 3.49 -2.37
N ILE A 59 -1.91 3.84 -3.03
CA ILE A 59 -2.38 3.23 -4.29
C ILE A 59 -2.64 4.33 -5.32
N THR A 60 -2.44 4.01 -6.60
CA THR A 60 -2.75 4.93 -7.71
C THR A 60 -3.22 4.22 -8.98
N ASN A 61 -3.95 4.94 -9.83
CA ASN A 61 -4.34 4.56 -11.19
C ASN A 61 -3.34 5.08 -12.24
N THR A 62 -2.24 5.73 -11.83
CA THR A 62 -1.11 6.17 -12.67
C THR A 62 0.15 6.43 -11.82
N ARG A 63 1.21 5.63 -11.98
CA ARG A 63 2.50 5.88 -11.32
C ARG A 63 3.14 7.16 -11.86
N ASP A 64 3.13 8.22 -11.06
CA ASP A 64 3.71 9.54 -11.36
C ASP A 64 4.87 9.93 -10.42
N VAL A 65 5.28 9.02 -9.52
CA VAL A 65 6.34 9.25 -8.53
C VAL A 65 7.75 9.19 -9.15
N ASP A 66 8.66 10.01 -8.61
CA ASP A 66 10.10 10.03 -8.92
C ASP A 66 11.00 10.03 -7.65
N CYS A 67 10.39 9.88 -6.47
CA CYS A 67 11.00 9.86 -5.14
C CYS A 67 11.94 11.06 -4.87
N ASP A 68 11.43 12.26 -5.19
CA ASP A 68 12.06 13.57 -5.04
C ASP A 68 11.04 14.73 -5.14
N ASN A 69 9.94 14.55 -5.87
CA ASN A 69 8.87 15.54 -6.05
C ASN A 69 7.60 15.24 -5.22
N ILE A 70 7.61 14.16 -4.44
CA ILE A 70 6.52 13.75 -3.54
C ILE A 70 6.22 14.76 -2.42
N MET A 71 7.11 15.74 -2.23
CA MET A 71 6.85 16.94 -1.42
C MET A 71 5.59 17.71 -1.86
N SER A 72 5.25 17.67 -3.17
CA SER A 72 4.03 18.26 -3.75
C SER A 72 2.77 17.36 -3.61
N THR A 73 2.87 16.19 -2.99
CA THR A 73 1.79 15.19 -2.83
C THR A 73 1.44 14.96 -1.34
N ASN A 74 0.53 14.03 -1.05
CA ASN A 74 0.22 13.59 0.32
C ASN A 74 1.39 12.89 1.03
N LEU A 75 2.39 12.40 0.28
CA LEU A 75 3.50 11.56 0.75
C LEU A 75 4.73 12.36 1.23
N PHE A 76 4.59 13.67 1.45
CA PHE A 76 5.65 14.64 1.77
C PHE A 76 6.31 14.43 3.14
N HIS A 77 5.74 13.55 3.95
CA HIS A 77 6.09 13.25 5.35
C HIS A 77 7.51 12.71 5.58
N CYS A 78 8.26 12.39 4.51
CA CYS A 78 9.53 11.64 4.51
C CYS A 78 9.56 10.46 5.51
N LYS A 79 8.60 9.53 5.33
CA LYS A 79 8.63 8.17 5.87
C LYS A 79 9.72 7.30 5.24
N ASP A 80 10.10 6.21 5.89
CA ASP A 80 11.26 5.36 5.53
C ASP A 80 11.11 4.61 4.20
N LYS A 81 9.89 4.24 3.82
CA LYS A 81 9.52 3.71 2.50
C LYS A 81 8.03 3.84 2.21
N ASN A 82 7.64 3.87 0.94
CA ASN A 82 6.25 3.87 0.50
C ASN A 82 6.02 2.83 -0.62
N THR A 83 5.24 1.78 -0.33
CA THR A 83 4.87 0.75 -1.30
C THR A 83 3.66 1.22 -2.11
N PHE A 84 3.89 1.77 -3.31
CA PHE A 84 2.82 2.12 -4.24
C PHE A 84 2.34 0.90 -5.02
N ILE A 85 1.01 0.74 -5.09
CA ILE A 85 0.33 -0.26 -5.92
C ILE A 85 -0.28 0.47 -7.13
N TYR A 86 0.21 0.21 -8.34
CA TYR A 86 -0.47 0.63 -9.56
C TYR A 86 -1.52 -0.42 -9.96
N SER A 87 -2.73 -0.27 -9.40
CA SER A 87 -3.91 -1.09 -9.73
C SER A 87 -5.24 -0.32 -9.55
N ARG A 88 -6.33 -0.89 -10.05
CA ARG A 88 -7.71 -0.38 -9.91
C ARG A 88 -8.29 -0.77 -8.54
N PRO A 89 -9.35 -0.11 -8.04
CA PRO A 89 -9.95 -0.46 -6.74
C PRO A 89 -10.70 -1.80 -6.73
N GLU A 90 -11.17 -2.30 -7.88
CA GLU A 90 -11.94 -3.56 -7.98
C GLU A 90 -11.13 -4.79 -7.55
N PRO A 91 -9.95 -5.11 -8.14
CA PRO A 91 -9.13 -6.25 -7.75
C PRO A 91 -8.49 -6.15 -6.35
N VAL A 92 -8.72 -5.05 -5.64
CA VAL A 92 -8.29 -4.79 -4.26
C VAL A 92 -9.47 -5.01 -3.30
N LYS A 93 -10.60 -4.34 -3.52
CA LYS A 93 -11.80 -4.46 -2.67
C LYS A 93 -12.44 -5.85 -2.74
N ALA A 94 -12.61 -6.38 -3.95
CA ALA A 94 -13.34 -7.62 -4.22
C ALA A 94 -12.58 -8.91 -3.84
N ILE A 95 -11.34 -8.80 -3.36
CA ILE A 95 -10.59 -9.91 -2.76
C ILE A 95 -11.41 -10.56 -1.62
N CYS A 96 -12.18 -9.75 -0.87
CA CYS A 96 -13.10 -10.22 0.15
C CYS A 96 -14.58 -10.03 -0.23
N LYS A 97 -15.47 -10.79 0.42
CA LYS A 97 -16.94 -10.78 0.23
C LYS A 97 -17.62 -11.31 1.49
N GLY A 98 -18.19 -10.40 2.29
CA GLY A 98 -18.87 -10.71 3.56
C GLY A 98 -17.95 -10.81 4.79
N ILE A 99 -16.66 -10.52 4.64
CA ILE A 99 -15.66 -10.59 5.72
C ILE A 99 -15.81 -9.43 6.69
N ILE A 100 -16.18 -9.73 7.94
CA ILE A 100 -16.24 -8.83 9.11
C ILE A 100 -15.12 -9.19 10.13
N ALA A 101 -14.52 -10.38 9.98
CA ALA A 101 -13.57 -11.04 10.88
C ALA A 101 -12.12 -10.50 10.82
N SER A 102 -11.93 -9.25 10.39
CA SER A 102 -10.64 -8.55 10.25
C SER A 102 -9.50 -9.43 9.67
N LYS A 103 -9.67 -9.86 8.42
CA LYS A 103 -8.73 -10.74 7.68
C LYS A 103 -8.84 -10.54 6.17
N ASN A 104 -7.84 -10.91 5.38
CA ASN A 104 -7.98 -11.15 3.94
C ASN A 104 -7.10 -12.33 3.48
N VAL A 105 -6.99 -12.53 2.16
CA VAL A 105 -6.09 -13.48 1.51
C VAL A 105 -5.21 -12.72 0.51
N LEU A 106 -3.92 -13.07 0.43
CA LEU A 106 -3.00 -12.58 -0.60
C LEU A 106 -3.57 -12.75 -2.02
N THR A 107 -3.34 -11.76 -2.89
CA THR A 107 -3.72 -11.84 -4.32
C THR A 107 -3.00 -12.95 -5.09
N THR A 108 -3.41 -13.18 -6.35
CA THR A 108 -2.85 -14.21 -7.25
C THR A 108 -2.24 -13.62 -8.53
N SER A 109 -2.76 -12.49 -9.00
CA SER A 109 -2.26 -11.74 -10.17
C SER A 109 -1.00 -10.92 -9.83
N GLU A 110 -0.33 -10.37 -10.84
CA GLU A 110 0.91 -9.61 -10.70
C GLU A 110 0.74 -8.16 -11.17
N PHE A 111 0.70 -7.23 -10.21
CA PHE A 111 0.45 -5.79 -10.41
C PHE A 111 1.77 -5.01 -10.41
N TYR A 112 1.76 -3.77 -10.93
CA TYR A 112 2.95 -2.92 -10.95
C TYR A 112 3.24 -2.40 -9.54
N LEU A 113 4.30 -2.96 -8.92
CA LEU A 113 4.77 -2.62 -7.58
C LEU A 113 5.94 -1.62 -7.65
N SER A 114 5.74 -0.48 -6.99
CA SER A 114 6.65 0.68 -7.01
C SER A 114 7.01 1.06 -5.58
N ASP A 115 8.13 0.53 -5.08
CA ASP A 115 8.69 0.92 -3.79
C ASP A 115 9.75 2.03 -3.97
N CYS A 116 10.07 2.70 -2.87
CA CYS A 116 11.25 3.56 -2.70
C CYS A 116 11.68 3.48 -1.23
N ASN A 117 12.99 3.33 -0.98
CA ASN A 117 13.56 3.15 0.37
C ASN A 117 14.52 4.30 0.69
N VAL A 118 14.36 4.98 1.82
CA VAL A 118 15.21 6.12 2.23
C VAL A 118 16.70 5.75 2.27
N THR A 119 17.56 6.70 1.90
CA THR A 119 19.03 6.58 2.00
C THR A 119 19.64 7.87 2.58
N SER A 120 20.04 7.79 3.86
CA SER A 120 20.66 8.88 4.65
C SER A 120 22.08 9.22 4.14
N ARG A 1 14.07 16.88 -6.69
CA ARG A 1 13.51 15.88 -5.74
C ARG A 1 13.38 16.45 -4.33
N PRO A 2 12.29 16.13 -3.60
CA PRO A 2 12.13 16.57 -2.20
C PRO A 2 13.13 15.88 -1.27
N CYS A 3 13.31 14.57 -1.44
CA CYS A 3 14.20 13.69 -0.67
C CYS A 3 14.88 12.66 -1.60
N LYS A 4 15.88 11.94 -1.10
CA LYS A 4 16.66 10.94 -1.86
C LYS A 4 16.02 9.56 -1.80
N TYR A 5 15.78 8.91 -2.94
CA TYR A 5 15.18 7.57 -3.04
C TYR A 5 15.86 6.67 -4.09
N LYS A 6 15.74 5.36 -3.90
CA LYS A 6 16.28 4.29 -4.75
C LYS A 6 15.23 3.80 -5.77
N LEU A 7 15.70 3.22 -6.88
CA LEU A 7 14.87 2.63 -7.95
C LEU A 7 14.46 1.19 -7.62
N LYS A 8 13.16 0.95 -7.42
CA LYS A 8 12.55 -0.36 -7.18
C LYS A 8 11.23 -0.52 -7.94
N LYS A 9 11.17 -1.44 -8.91
CA LYS A 9 9.98 -1.79 -9.71
C LYS A 9 9.79 -3.31 -9.78
N SER A 10 8.54 -3.78 -9.84
CA SER A 10 8.13 -5.20 -9.86
C SER A 10 6.73 -5.37 -10.49
N THR A 11 6.31 -6.62 -10.73
CA THR A 11 4.96 -6.93 -11.24
C THR A 11 4.41 -8.21 -10.59
N ASN A 12 3.46 -8.07 -9.65
CA ASN A 12 2.96 -9.15 -8.79
C ASN A 12 1.71 -8.75 -7.97
N LYS A 13 1.11 -9.72 -7.26
CA LYS A 13 0.08 -9.57 -6.22
C LYS A 13 0.51 -8.73 -5.00
N PHE A 14 -0.42 -8.45 -4.10
CA PHE A 14 -0.25 -7.69 -2.84
C PHE A 14 -1.13 -8.26 -1.71
N CYS A 15 -0.64 -8.21 -0.47
CA CYS A 15 -1.42 -8.64 0.71
C CYS A 15 -1.87 -7.47 1.57
N VAL A 16 -3.07 -7.59 2.13
CA VAL A 16 -3.84 -6.55 2.86
C VAL A 16 -4.72 -7.17 3.96
N THR A 17 -5.48 -6.34 4.70
CA THR A 17 -6.47 -6.81 5.71
C THR A 17 -7.85 -6.20 5.45
N CYS A 18 -8.89 -7.03 5.23
CA CYS A 18 -10.28 -6.57 5.09
C CYS A 18 -10.98 -6.52 6.44
N GLU A 19 -11.66 -5.41 6.70
CA GLU A 19 -12.53 -5.20 7.86
C GLU A 19 -13.82 -4.53 7.39
N ASN A 20 -14.97 -5.17 7.65
CA ASN A 20 -16.28 -4.77 7.13
C ASN A 20 -16.29 -4.65 5.58
N GLN A 21 -15.87 -5.73 4.90
CA GLN A 21 -15.97 -5.98 3.46
C GLN A 21 -15.15 -5.02 2.58
N ALA A 22 -14.06 -4.46 3.12
CA ALA A 22 -13.22 -3.48 2.47
C ALA A 22 -11.81 -3.49 3.10
N PRO A 23 -10.75 -3.52 2.28
CA PRO A 23 -9.36 -3.53 2.76
C PRO A 23 -8.91 -2.16 3.26
N VAL A 24 -8.82 -2.02 4.58
CA VAL A 24 -8.41 -0.79 5.30
C VAL A 24 -6.98 -0.88 5.85
N HIS A 25 -6.16 -1.83 5.39
CA HIS A 25 -4.79 -2.03 5.91
C HIS A 25 -3.88 -2.71 4.89
N PHE A 26 -2.60 -2.35 4.88
CA PHE A 26 -1.57 -2.96 4.03
C PHE A 26 -0.70 -3.95 4.82
N VAL A 27 -0.39 -5.11 4.23
CA VAL A 27 0.49 -6.13 4.84
C VAL A 27 1.82 -6.28 4.08
N GLY A 28 1.80 -6.49 2.76
CA GLY A 28 3.01 -6.83 2.00
C GLY A 28 2.80 -7.01 0.50
N VAL A 29 3.86 -7.47 -0.18
CA VAL A 29 3.97 -7.54 -1.65
C VAL A 29 4.39 -8.95 -2.09
N GLY A 30 3.64 -9.55 -3.02
CA GLY A 30 3.93 -10.87 -3.60
C GLY A 30 3.66 -12.09 -2.70
N SER A 31 3.45 -11.83 -1.41
CA SER A 31 3.47 -12.73 -0.24
C SER A 31 2.77 -12.02 0.93
N CYS A 32 2.48 -12.72 2.03
CA CYS A 32 1.83 -12.16 3.22
C CYS A 32 2.63 -12.49 4.49
N GLY A 33 2.93 -11.46 5.30
CA GLY A 33 3.77 -11.55 6.50
C GLY A 33 2.99 -11.37 7.82
N SER A 34 3.69 -11.59 8.94
CA SER A 34 3.17 -11.44 10.31
C SER A 34 4.28 -11.03 11.30
N GLY A 35 3.94 -10.82 12.57
CA GLY A 35 4.85 -10.45 13.66
C GLY A 35 4.19 -10.53 15.05
N GLY A 36 4.97 -10.20 16.09
CA GLY A 36 4.57 -10.32 17.51
C GLY A 36 5.20 -9.27 18.43
N SER A 37 5.16 -7.99 18.02
CA SER A 37 5.74 -6.84 18.73
C SER A 37 4.76 -5.67 18.83
N GLY A 38 5.03 -4.71 19.72
CA GLY A 38 4.20 -3.53 20.01
C GLY A 38 4.40 -2.32 19.06
N ILE A 39 5.06 -2.54 17.92
CA ILE A 39 5.42 -1.52 16.92
C ILE A 39 4.17 -0.85 16.32
N PHE A 40 4.26 0.46 16.09
CA PHE A 40 3.20 1.30 15.52
C PHE A 40 3.72 2.36 14.52
N LEU A 41 4.96 2.20 14.04
CA LEU A 41 5.62 3.15 13.11
C LEU A 41 4.99 3.16 11.70
N GLU A 42 4.23 2.13 11.33
CA GLU A 42 3.38 2.11 10.12
C GLU A 42 2.22 3.13 10.20
N THR A 43 1.56 3.36 9.06
CA THR A 43 0.36 4.25 8.97
C THR A 43 -0.81 3.73 9.81
N SER A 44 -0.95 2.41 9.98
CA SER A 44 -2.03 1.70 10.69
C SER A 44 -3.43 2.23 10.35
N LEU A 45 -3.80 2.18 9.06
CA LEU A 45 -5.11 2.62 8.55
C LEU A 45 -6.31 1.89 9.19
N SER A 46 -6.05 0.73 9.82
CA SER A 46 -7.00 -0.06 10.63
C SER A 46 -7.62 0.74 11.80
N ALA A 47 -6.91 1.75 12.32
CA ALA A 47 -7.35 2.63 13.40
C ALA A 47 -7.12 4.12 13.06
N GLY A 48 -8.21 4.84 12.79
CA GLY A 48 -8.21 6.27 12.43
C GLY A 48 -8.25 6.56 10.92
N SER A 49 -8.38 5.53 10.06
CA SER A 49 -8.58 5.66 8.61
C SER A 49 -9.65 4.69 8.08
N ASP A 50 -9.72 4.54 6.76
CA ASP A 50 -10.67 3.71 6.03
C ASP A 50 -10.08 3.28 4.67
N TRP A 51 -10.77 2.37 4.00
CA TRP A 51 -10.56 1.92 2.62
C TRP A 51 -10.60 3.08 1.60
N LEU A 52 -11.49 4.05 1.82
CA LEU A 52 -11.68 5.21 0.94
C LEU A 52 -10.38 6.02 0.80
N THR A 53 -9.66 6.24 1.91
CA THR A 53 -8.34 6.88 1.94
C THR A 53 -7.17 5.92 1.70
N PHE A 54 -7.29 4.62 2.00
CA PHE A 54 -6.30 3.57 1.70
C PHE A 54 -5.86 3.58 0.22
N GLN A 55 -6.83 3.76 -0.68
CA GLN A 55 -6.58 3.96 -2.11
C GLN A 55 -5.68 5.17 -2.33
N LYS A 56 -6.15 6.37 -1.98
CA LYS A 56 -5.40 7.63 -2.21
C LYS A 56 -4.02 7.69 -1.50
N LYS A 57 -3.81 6.88 -0.45
CA LYS A 57 -2.53 6.73 0.28
C LYS A 57 -1.43 6.11 -0.59
N HIS A 58 -1.66 4.97 -1.25
CA HIS A 58 -0.62 4.25 -2.00
C HIS A 58 -1.10 3.44 -3.24
N ILE A 59 -2.25 3.77 -3.80
CA ILE A 59 -2.83 3.11 -4.99
C ILE A 59 -3.20 4.17 -6.04
N THR A 60 -3.03 3.83 -7.32
CA THR A 60 -3.37 4.73 -8.44
C THR A 60 -3.94 3.99 -9.65
N ASN A 61 -4.75 4.71 -10.44
CA ASN A 61 -5.24 4.30 -11.76
C ASN A 61 -4.24 4.62 -12.90
N THR A 62 -3.08 5.23 -12.57
CA THR A 62 -1.99 5.55 -13.50
C THR A 62 -0.68 5.87 -12.75
N ARG A 63 0.35 5.02 -12.87
CA ARG A 63 1.69 5.30 -12.32
C ARG A 63 2.35 6.47 -13.08
N ASP A 64 2.38 7.64 -12.47
CA ASP A 64 3.02 8.86 -12.99
C ASP A 64 4.19 9.36 -12.11
N VAL A 65 4.52 8.61 -11.05
CA VAL A 65 5.59 8.94 -10.09
C VAL A 65 6.99 8.71 -10.68
N ASP A 66 7.95 9.53 -10.24
CA ASP A 66 9.40 9.44 -10.57
C ASP A 66 10.30 9.62 -9.33
N CYS A 67 9.69 9.64 -8.13
CA CYS A 67 10.32 9.89 -6.81
C CYS A 67 11.17 11.19 -6.79
N ASP A 68 10.65 12.22 -7.46
CA ASP A 68 11.26 13.53 -7.73
C ASP A 68 10.22 14.67 -7.75
N ASN A 69 9.01 14.41 -8.28
CA ASN A 69 7.91 15.38 -8.39
C ASN A 69 6.84 15.22 -7.28
N ILE A 70 6.97 14.20 -6.41
CA ILE A 70 6.02 13.92 -5.32
C ILE A 70 5.87 15.06 -4.32
N MET A 71 6.79 16.03 -4.35
CA MET A 71 6.70 17.32 -3.64
C MET A 71 5.41 18.12 -3.96
N SER A 72 4.81 17.89 -5.13
CA SER A 72 3.56 18.53 -5.60
C SER A 72 2.32 17.60 -5.51
N THR A 73 2.47 16.38 -4.99
CA THR A 73 1.38 15.38 -4.82
C THR A 73 0.93 15.29 -3.35
N ASN A 74 0.05 14.34 -3.03
CA ASN A 74 -0.30 13.99 -1.64
C ASN A 74 0.88 13.42 -0.84
N LEU A 75 1.93 12.91 -1.51
CA LEU A 75 3.00 12.09 -0.96
C LEU A 75 4.25 12.89 -0.54
N PHE A 76 4.15 14.23 -0.48
CA PHE A 76 5.20 15.21 -0.19
C PHE A 76 5.76 15.15 1.25
N HIS A 77 5.19 14.30 2.10
CA HIS A 77 5.50 14.12 3.53
C HIS A 77 6.95 13.68 3.84
N CYS A 78 7.76 13.40 2.81
CA CYS A 78 9.15 12.91 2.91
C CYS A 78 9.30 11.60 3.73
N LYS A 79 8.28 10.73 3.65
CA LYS A 79 8.24 9.41 4.28
C LYS A 79 9.33 8.47 3.74
N ASP A 80 9.66 7.42 4.49
CA ASP A 80 10.78 6.51 4.21
C ASP A 80 10.59 5.67 2.94
N LYS A 81 9.36 5.24 2.64
CA LYS A 81 8.98 4.51 1.42
C LYS A 81 7.48 4.59 1.16
N ASN A 82 7.07 4.35 -0.09
CA ASN A 82 5.67 4.13 -0.45
C ASN A 82 5.56 3.02 -1.50
N THR A 83 4.73 2.01 -1.26
CA THR A 83 4.44 0.93 -2.19
C THR A 83 3.22 1.27 -3.05
N PHE A 84 3.45 1.88 -4.22
CA PHE A 84 2.40 2.22 -5.18
C PHE A 84 1.93 0.98 -5.93
N ILE A 85 0.61 0.75 -5.88
CA ILE A 85 -0.09 -0.30 -6.62
C ILE A 85 -0.80 0.36 -7.80
N TYR A 86 -0.42 0.03 -9.04
CA TYR A 86 -1.17 0.42 -10.23
C TYR A 86 -2.21 -0.67 -10.55
N SER A 87 -3.39 -0.56 -9.93
CA SER A 87 -4.59 -1.37 -10.18
C SER A 87 -5.88 -0.55 -9.98
N ARG A 88 -7.01 -1.10 -10.45
CA ARG A 88 -8.37 -0.55 -10.21
C ARG A 88 -8.87 -0.95 -8.81
N PRO A 89 -9.88 -0.27 -8.24
CA PRO A 89 -10.39 -0.59 -6.91
C PRO A 89 -11.15 -1.93 -6.83
N GLU A 90 -11.67 -2.45 -7.95
CA GLU A 90 -12.44 -3.70 -7.99
C GLU A 90 -11.61 -4.92 -7.55
N PRO A 91 -10.45 -5.25 -8.18
CA PRO A 91 -9.59 -6.37 -7.77
C PRO A 91 -8.89 -6.20 -6.42
N VAL A 92 -9.10 -5.07 -5.74
CA VAL A 92 -8.60 -4.77 -4.38
C VAL A 92 -9.72 -4.98 -3.36
N LYS A 93 -10.88 -4.32 -3.53
CA LYS A 93 -12.01 -4.42 -2.60
C LYS A 93 -12.66 -5.82 -2.61
N ALA A 94 -12.87 -6.39 -3.80
CA ALA A 94 -13.61 -7.65 -4.00
C ALA A 94 -12.81 -8.92 -3.61
N ILE A 95 -11.54 -8.77 -3.20
CA ILE A 95 -10.75 -9.86 -2.60
C ILE A 95 -11.51 -10.49 -1.42
N CYS A 96 -12.25 -9.67 -0.64
CA CYS A 96 -13.12 -10.12 0.44
C CYS A 96 -14.62 -9.97 0.13
N LYS A 97 -15.46 -10.74 0.84
CA LYS A 97 -16.93 -10.75 0.75
C LYS A 97 -17.53 -11.21 2.09
N GLY A 98 -18.12 -10.28 2.83
CA GLY A 98 -18.77 -10.54 4.12
C GLY A 98 -17.81 -10.59 5.32
N ILE A 99 -16.52 -10.30 5.11
CA ILE A 99 -15.47 -10.35 6.15
C ILE A 99 -15.57 -9.14 7.09
N ILE A 100 -15.89 -9.42 8.36
CA ILE A 100 -15.89 -8.48 9.50
C ILE A 100 -14.73 -8.79 10.48
N ALA A 101 -14.08 -9.95 10.31
CA ALA A 101 -13.08 -10.55 11.20
C ALA A 101 -11.68 -9.87 11.20
N SER A 102 -11.49 -8.75 10.50
CA SER A 102 -10.20 -8.10 10.26
C SER A 102 -9.12 -9.07 9.71
N LYS A 103 -9.33 -9.58 8.49
CA LYS A 103 -8.41 -10.48 7.75
C LYS A 103 -8.63 -10.37 6.24
N ASN A 104 -7.65 -10.73 5.41
CA ASN A 104 -7.84 -10.99 3.99
C ASN A 104 -6.99 -12.18 3.49
N VAL A 105 -6.92 -12.37 2.17
CA VAL A 105 -6.02 -13.30 1.49
C VAL A 105 -5.20 -12.52 0.45
N LEU A 106 -3.93 -12.86 0.28
CA LEU A 106 -3.07 -12.39 -0.80
C LEU A 106 -3.73 -12.59 -2.18
N THR A 107 -3.54 -11.64 -3.10
CA THR A 107 -4.02 -11.75 -4.51
C THR A 107 -3.36 -12.90 -5.29
N THR A 108 -3.85 -13.16 -6.51
CA THR A 108 -3.36 -14.22 -7.42
C THR A 108 -2.85 -13.69 -8.77
N SER A 109 -3.36 -12.52 -9.20
CA SER A 109 -2.95 -11.82 -10.43
C SER A 109 -1.67 -11.01 -10.22
N GLU A 110 -1.09 -10.48 -11.30
CA GLU A 110 0.14 -9.69 -11.29
C GLU A 110 -0.10 -8.25 -11.75
N PHE A 111 -0.01 -7.29 -10.83
CA PHE A 111 -0.26 -5.86 -11.03
C PHE A 111 1.07 -5.09 -11.04
N TYR A 112 1.10 -3.89 -11.65
CA TYR A 112 2.31 -3.07 -11.67
C TYR A 112 2.62 -2.51 -10.27
N LEU A 113 3.71 -3.01 -9.67
CA LEU A 113 4.19 -2.63 -8.35
C LEU A 113 5.38 -1.65 -8.43
N SER A 114 5.23 -0.51 -7.76
CA SER A 114 6.15 0.63 -7.81
C SER A 114 6.53 1.09 -6.40
N ASP A 115 7.62 0.55 -5.86
CA ASP A 115 8.20 1.03 -4.61
C ASP A 115 9.17 2.21 -4.85
N CYS A 116 9.50 2.93 -3.78
CA CYS A 116 10.68 3.77 -3.66
C CYS A 116 11.14 3.72 -2.20
N ASN A 117 12.45 3.65 -1.95
CA ASN A 117 13.02 3.49 -0.62
C ASN A 117 14.09 4.56 -0.35
N VAL A 118 13.99 5.28 0.77
CA VAL A 118 14.87 6.41 1.10
C VAL A 118 16.36 6.03 1.13
N THR A 119 17.24 6.96 0.74
CA THR A 119 18.70 6.80 0.80
C THR A 119 19.38 8.06 1.34
N SER A 120 19.31 8.21 2.67
CA SER A 120 19.91 9.28 3.50
C SER A 120 20.96 8.76 4.48
N ARG A 1 12.77 17.78 -5.63
CA ARG A 1 13.75 16.76 -5.15
C ARG A 1 13.87 16.74 -3.62
N PRO A 2 12.90 16.19 -2.86
CA PRO A 2 12.90 16.31 -1.38
C PRO A 2 13.93 15.39 -0.69
N CYS A 3 13.96 14.10 -1.07
CA CYS A 3 14.97 13.10 -0.72
C CYS A 3 15.49 12.42 -2.01
N LYS A 4 16.49 11.54 -1.90
CA LYS A 4 16.99 10.68 -2.98
C LYS A 4 16.51 9.24 -2.72
N TYR A 5 16.22 8.51 -3.79
CA TYR A 5 15.71 7.14 -3.75
C TYR A 5 16.34 6.28 -4.87
N LYS A 6 16.33 4.96 -4.71
CA LYS A 6 16.81 3.98 -5.71
C LYS A 6 15.68 3.33 -6.52
N LEU A 7 16.03 2.79 -7.68
CA LEU A 7 15.11 2.32 -8.73
C LEU A 7 14.69 0.86 -8.47
N LYS A 8 13.46 0.65 -8.01
CA LYS A 8 12.84 -0.66 -7.75
C LYS A 8 11.44 -0.75 -8.37
N LYS A 9 11.29 -1.61 -9.38
CA LYS A 9 10.01 -1.92 -10.06
C LYS A 9 9.80 -3.43 -10.18
N SER A 10 8.56 -3.88 -10.02
CA SER A 10 8.15 -5.29 -10.00
C SER A 10 6.74 -5.47 -10.60
N THR A 11 6.34 -6.72 -10.87
CA THR A 11 5.00 -7.03 -11.41
C THR A 11 4.44 -8.31 -10.79
N ASN A 12 3.50 -8.16 -9.85
CA ASN A 12 2.99 -9.25 -8.99
C ASN A 12 1.75 -8.83 -8.17
N LYS A 13 1.15 -9.79 -7.47
CA LYS A 13 0.13 -9.64 -6.40
C LYS A 13 0.61 -8.81 -5.19
N PHE A 14 -0.32 -8.51 -4.30
CA PHE A 14 -0.12 -7.76 -3.05
C PHE A 14 -0.99 -8.31 -1.92
N CYS A 15 -0.50 -8.24 -0.68
CA CYS A 15 -1.23 -8.67 0.51
C CYS A 15 -1.69 -7.46 1.34
N VAL A 16 -2.91 -7.57 1.89
CA VAL A 16 -3.62 -6.53 2.66
C VAL A 16 -4.50 -7.15 3.76
N THR A 17 -5.23 -6.34 4.55
CA THR A 17 -6.16 -6.83 5.59
C THR A 17 -7.57 -6.22 5.42
N CYS A 18 -8.59 -7.06 5.20
CA CYS A 18 -9.99 -6.63 5.10
C CYS A 18 -10.67 -6.58 6.47
N GLU A 19 -11.36 -5.48 6.75
CA GLU A 19 -12.14 -5.25 7.96
C GLU A 19 -13.43 -4.53 7.60
N ASN A 20 -14.58 -5.20 7.81
CA ASN A 20 -15.90 -4.79 7.33
C ASN A 20 -15.96 -4.66 5.79
N GLN A 21 -15.61 -5.76 5.10
CA GLN A 21 -15.77 -6.00 3.65
C GLN A 21 -14.94 -5.07 2.73
N ALA A 22 -13.85 -4.51 3.26
CA ALA A 22 -13.03 -3.52 2.59
C ALA A 22 -11.62 -3.52 3.20
N PRO A 23 -10.55 -3.52 2.38
CA PRO A 23 -9.17 -3.53 2.84
C PRO A 23 -8.72 -2.15 3.32
N VAL A 24 -8.59 -2.00 4.64
CA VAL A 24 -8.21 -0.75 5.31
C VAL A 24 -6.73 -0.77 5.75
N HIS A 25 -5.90 -1.69 5.24
CA HIS A 25 -4.56 -1.95 5.78
C HIS A 25 -3.63 -2.65 4.79
N PHE A 26 -2.35 -2.28 4.76
CA PHE A 26 -1.33 -2.96 3.95
C PHE A 26 -0.61 -4.07 4.73
N VAL A 27 -0.21 -5.15 4.05
CA VAL A 27 0.62 -6.23 4.61
C VAL A 27 1.95 -6.39 3.86
N GLY A 28 1.93 -6.61 2.54
CA GLY A 28 3.15 -6.98 1.79
C GLY A 28 2.96 -7.13 0.29
N VAL A 29 4.02 -7.60 -0.39
CA VAL A 29 4.14 -7.69 -1.85
C VAL A 29 4.53 -9.12 -2.26
N GLY A 30 3.72 -9.75 -3.12
CA GLY A 30 3.95 -11.14 -3.57
C GLY A 30 3.80 -12.23 -2.48
N SER A 31 3.50 -11.85 -1.24
CA SER A 31 3.42 -12.66 -0.01
C SER A 31 2.79 -11.82 1.13
N CYS A 32 2.38 -12.49 2.21
CA CYS A 32 1.86 -11.88 3.44
C CYS A 32 2.90 -11.98 4.59
N GLY A 33 3.42 -10.83 5.04
CA GLY A 33 4.48 -10.72 6.05
C GLY A 33 3.94 -10.43 7.46
N SER A 34 3.55 -11.48 8.19
CA SER A 34 3.11 -11.40 9.59
C SER A 34 4.26 -11.08 10.57
N GLY A 35 3.93 -10.75 11.82
CA GLY A 35 4.87 -10.44 12.92
C GLY A 35 4.53 -9.16 13.70
N GLY A 36 5.39 -8.84 14.68
CA GLY A 36 5.31 -7.65 15.54
C GLY A 36 4.54 -7.88 16.86
N SER A 37 4.73 -6.96 17.82
CA SER A 37 4.19 -7.03 19.19
C SER A 37 4.04 -5.64 19.83
N GLY A 38 2.83 -5.06 19.75
CA GLY A 38 2.51 -3.73 20.34
C GLY A 38 3.11 -2.52 19.61
N ILE A 39 3.71 -2.73 18.44
CA ILE A 39 4.39 -1.72 17.62
C ILE A 39 3.36 -0.82 16.91
N PHE A 40 3.71 0.46 16.75
CA PHE A 40 2.85 1.51 16.17
C PHE A 40 3.58 2.42 15.16
N LEU A 41 4.76 2.00 14.69
CA LEU A 41 5.57 2.71 13.68
C LEU A 41 4.85 2.87 12.32
N GLU A 42 4.02 1.90 11.95
CA GLU A 42 3.14 1.95 10.78
C GLU A 42 1.99 2.98 10.92
N THR A 43 1.34 3.32 9.80
CA THR A 43 0.19 4.25 9.76
C THR A 43 -1.04 3.71 10.52
N SER A 44 -1.21 2.38 10.59
CA SER A 44 -2.31 1.68 11.27
C SER A 44 -3.71 2.20 10.88
N LEU A 45 -3.99 2.26 9.57
CA LEU A 45 -5.27 2.73 9.00
C LEU A 45 -6.52 2.00 9.54
N SER A 46 -6.35 0.81 10.12
CA SER A 46 -7.36 0.03 10.85
C SER A 46 -8.01 0.77 12.03
N ALA A 47 -7.37 1.81 12.57
CA ALA A 47 -7.89 2.67 13.64
C ALA A 47 -7.64 4.15 13.32
N GLY A 48 -8.71 4.89 13.04
CA GLY A 48 -8.67 6.32 12.68
C GLY A 48 -8.67 6.61 11.17
N SER A 49 -8.72 5.57 10.32
CA SER A 49 -8.82 5.66 8.85
C SER A 49 -9.80 4.62 8.30
N ASP A 50 -9.84 4.46 6.98
CA ASP A 50 -10.73 3.56 6.25
C ASP A 50 -10.09 3.13 4.92
N TRP A 51 -10.73 2.20 4.23
CA TRP A 51 -10.48 1.79 2.85
C TRP A 51 -10.52 2.98 1.87
N LEU A 52 -11.41 3.94 2.11
CA LEU A 52 -11.55 5.14 1.29
C LEU A 52 -10.24 5.96 1.30
N THR A 53 -9.62 6.16 2.47
CA THR A 53 -8.28 6.75 2.59
C THR A 53 -7.15 5.84 2.12
N PHE A 54 -7.24 4.52 2.34
CA PHE A 54 -6.22 3.52 1.98
C PHE A 54 -5.80 3.58 0.51
N GLN A 55 -6.78 3.70 -0.39
CA GLN A 55 -6.57 3.90 -1.83
C GLN A 55 -5.67 5.11 -2.07
N LYS A 56 -6.11 6.31 -1.67
CA LYS A 56 -5.33 7.56 -1.86
C LYS A 56 -3.96 7.56 -1.15
N LYS A 57 -3.77 6.70 -0.14
CA LYS A 57 -2.49 6.51 0.59
C LYS A 57 -1.40 5.85 -0.26
N HIS A 58 -1.66 4.68 -0.86
CA HIS A 58 -0.66 3.85 -1.58
C HIS A 58 -1.07 3.31 -2.95
N ILE A 59 -2.21 3.69 -3.51
CA ILE A 59 -2.76 3.15 -4.76
C ILE A 59 -3.06 4.27 -5.76
N THR A 60 -2.91 3.99 -7.05
CA THR A 60 -3.22 4.95 -8.13
C THR A 60 -3.85 4.31 -9.36
N ASN A 61 -4.64 5.11 -10.10
CA ASN A 61 -5.20 4.78 -11.41
C ASN A 61 -4.20 5.01 -12.56
N THR A 62 -3.02 5.57 -12.28
CA THR A 62 -1.92 5.85 -13.22
C THR A 62 -0.62 6.14 -12.46
N ARG A 63 0.46 5.37 -12.68
CA ARG A 63 1.77 5.67 -12.08
C ARG A 63 2.34 6.98 -12.65
N ASP A 64 2.28 8.04 -11.85
CA ASP A 64 2.80 9.39 -12.18
C ASP A 64 3.99 9.82 -11.31
N VAL A 65 4.46 8.95 -10.41
CA VAL A 65 5.60 9.20 -9.53
C VAL A 65 6.94 9.12 -10.27
N ASP A 66 7.91 9.97 -9.85
CA ASP A 66 9.31 9.96 -10.30
C ASP A 66 10.31 9.99 -9.12
N CYS A 67 9.81 9.85 -7.87
CA CYS A 67 10.53 9.88 -6.60
C CYS A 67 11.43 11.14 -6.44
N ASP A 68 10.88 12.29 -6.84
CA ASP A 68 11.50 13.63 -6.84
C ASP A 68 10.48 14.79 -6.78
N ASN A 69 9.23 14.59 -7.22
CA ASN A 69 8.15 15.60 -7.23
C ASN A 69 7.06 15.37 -6.16
N ILE A 70 7.15 14.25 -5.42
CA ILE A 70 6.18 13.86 -4.38
C ILE A 70 6.06 14.87 -3.23
N MET A 71 6.99 15.84 -3.15
CA MET A 71 6.87 17.03 -2.29
C MET A 71 5.58 17.85 -2.52
N SER A 72 4.97 17.77 -3.70
CA SER A 72 3.68 18.40 -4.05
C SER A 72 2.45 17.51 -3.80
N THR A 73 2.64 16.24 -3.41
CA THR A 73 1.57 15.23 -3.19
C THR A 73 1.28 15.01 -1.70
N ASN A 74 0.38 14.08 -1.36
CA ASN A 74 0.14 13.64 0.02
C ASN A 74 1.35 12.92 0.65
N LEU A 75 2.29 12.43 -0.16
CA LEU A 75 3.46 11.63 0.22
C LEU A 75 4.74 12.49 0.45
N PHE A 76 4.59 13.80 0.68
CA PHE A 76 5.66 14.79 0.84
C PHE A 76 6.57 14.57 2.06
N HIS A 77 6.17 13.63 2.93
CA HIS A 77 6.79 13.29 4.21
C HIS A 77 8.24 12.74 4.13
N CYS A 78 8.80 12.56 2.92
CA CYS A 78 10.18 12.09 2.66
C CYS A 78 10.51 10.69 3.26
N LYS A 79 9.47 9.89 3.54
CA LYS A 79 9.52 8.60 4.24
C LYS A 79 10.39 7.53 3.54
N ASP A 80 10.84 6.54 4.30
CA ASP A 80 11.86 5.54 3.93
C ASP A 80 11.54 4.73 2.67
N LYS A 81 10.27 4.32 2.51
CA LYS A 81 9.72 3.77 1.26
C LYS A 81 8.19 3.87 1.20
N ASN A 82 7.65 3.83 -0.02
CA ASN A 82 6.22 3.66 -0.27
C ASN A 82 5.99 2.63 -1.40
N THR A 83 5.15 1.64 -1.15
CA THR A 83 4.75 0.63 -2.14
C THR A 83 3.54 1.12 -2.92
N PHE A 84 3.72 1.67 -4.12
CA PHE A 84 2.58 2.04 -4.98
C PHE A 84 2.01 0.84 -5.75
N ILE A 85 0.68 0.71 -5.77
CA ILE A 85 -0.07 -0.28 -6.53
C ILE A 85 -0.76 0.46 -7.69
N TYR A 86 -0.34 0.20 -8.92
CA TYR A 86 -1.06 0.65 -10.11
C TYR A 86 -2.15 -0.37 -10.49
N SER A 87 -3.33 -0.23 -9.88
CA SER A 87 -4.55 -0.95 -10.27
C SER A 87 -5.85 -0.19 -9.94
N ARG A 88 -6.98 -0.75 -10.36
CA ARG A 88 -8.37 -0.31 -10.10
C ARG A 88 -8.79 -0.66 -8.66
N PRO A 89 -9.85 -0.05 -8.11
CA PRO A 89 -10.34 -0.38 -6.77
C PRO A 89 -11.04 -1.75 -6.68
N GLU A 90 -11.59 -2.27 -7.78
CA GLU A 90 -12.35 -3.53 -7.82
C GLU A 90 -11.51 -4.75 -7.43
N PRO A 91 -10.35 -5.04 -8.09
CA PRO A 91 -9.51 -6.19 -7.74
C PRO A 91 -8.78 -6.07 -6.40
N VAL A 92 -8.96 -4.95 -5.68
CA VAL A 92 -8.43 -4.70 -4.33
C VAL A 92 -9.54 -4.93 -3.30
N LYS A 93 -10.69 -4.27 -3.45
CA LYS A 93 -11.82 -4.38 -2.51
C LYS A 93 -12.47 -5.77 -2.53
N ALA A 94 -12.72 -6.32 -3.72
CA ALA A 94 -13.48 -7.56 -3.92
C ALA A 94 -12.71 -8.84 -3.58
N ILE A 95 -11.42 -8.73 -3.19
CA ILE A 95 -10.64 -9.84 -2.62
C ILE A 95 -11.39 -10.47 -1.42
N CYS A 96 -12.09 -9.65 -0.63
CA CYS A 96 -12.94 -10.09 0.47
C CYS A 96 -14.45 -9.88 0.21
N LYS A 97 -15.28 -10.63 0.94
CA LYS A 97 -16.76 -10.63 0.84
C LYS A 97 -17.36 -11.12 2.17
N GLY A 98 -17.89 -10.21 2.98
CA GLY A 98 -18.50 -10.50 4.28
C GLY A 98 -17.51 -10.57 5.47
N ILE A 99 -16.22 -10.29 5.24
CA ILE A 99 -15.17 -10.37 6.26
C ILE A 99 -15.24 -9.17 7.22
N ILE A 100 -15.52 -9.47 8.50
CA ILE A 100 -15.48 -8.53 9.64
C ILE A 100 -14.28 -8.84 10.57
N ALA A 101 -13.65 -10.00 10.39
CA ALA A 101 -12.61 -10.60 11.26
C ALA A 101 -11.22 -9.92 11.22
N SER A 102 -11.05 -8.81 10.50
CA SER A 102 -9.76 -8.13 10.26
C SER A 102 -8.69 -9.07 9.68
N LYS A 103 -8.92 -9.59 8.47
CA LYS A 103 -8.03 -10.49 7.70
C LYS A 103 -8.31 -10.39 6.20
N ASN A 104 -7.36 -10.76 5.33
CA ASN A 104 -7.60 -11.01 3.91
C ASN A 104 -6.77 -12.22 3.41
N VAL A 105 -6.71 -12.40 2.09
CA VAL A 105 -5.80 -13.30 1.38
C VAL A 105 -5.01 -12.52 0.32
N LEU A 106 -3.76 -12.90 0.09
CA LEU A 106 -2.94 -12.45 -1.04
C LEU A 106 -3.66 -12.60 -2.39
N THR A 107 -3.48 -11.64 -3.31
CA THR A 107 -3.97 -11.74 -4.69
C THR A 107 -3.33 -12.88 -5.50
N THR A 108 -3.83 -13.12 -6.72
CA THR A 108 -3.36 -14.16 -7.65
C THR A 108 -2.91 -13.62 -9.04
N SER A 109 -3.42 -12.45 -9.44
CA SER A 109 -2.99 -11.72 -10.65
C SER A 109 -1.71 -10.91 -10.41
N GLU A 110 -1.12 -10.36 -11.48
CA GLU A 110 0.15 -9.62 -11.45
C GLU A 110 -0.04 -8.15 -11.89
N PHE A 111 0.02 -7.23 -10.92
CA PHE A 111 -0.22 -5.79 -11.09
C PHE A 111 1.10 -5.02 -11.15
N TYR A 112 1.08 -3.78 -11.63
CA TYR A 112 2.28 -2.92 -11.68
C TYR A 112 2.64 -2.43 -10.29
N LEU A 113 3.71 -3.01 -9.72
CA LEU A 113 4.24 -2.67 -8.40
C LEU A 113 5.41 -1.66 -8.51
N SER A 114 5.27 -0.52 -7.84
CA SER A 114 6.18 0.62 -7.92
C SER A 114 6.68 1.01 -6.52
N ASP A 115 7.81 0.43 -6.12
CA ASP A 115 8.52 0.80 -4.89
C ASP A 115 9.44 2.02 -5.12
N CYS A 116 9.85 2.68 -4.04
CA CYS A 116 10.98 3.61 -4.02
C CYS A 116 11.62 3.67 -2.63
N ASN A 117 12.84 3.13 -2.48
CA ASN A 117 13.58 3.08 -1.20
C ASN A 117 14.57 4.26 -1.12
N VAL A 118 14.57 4.99 0.01
CA VAL A 118 15.48 6.13 0.28
C VAL A 118 16.96 5.73 0.20
N THR A 119 17.81 6.68 -0.17
CA THR A 119 19.27 6.52 -0.31
C THR A 119 20.03 7.54 0.55
N SER A 120 20.52 7.07 1.71
CA SER A 120 21.32 7.81 2.72
C SER A 120 20.80 9.22 3.04
N ARG A 1 11.52 18.42 -5.06
CA ARG A 1 12.58 17.39 -4.81
C ARG A 1 12.75 17.18 -3.29
N PRO A 2 11.86 16.41 -2.63
CA PRO A 2 11.78 16.37 -1.17
C PRO A 2 12.89 15.53 -0.51
N CYS A 3 13.17 14.37 -1.10
CA CYS A 3 14.12 13.35 -0.65
C CYS A 3 14.77 12.68 -1.88
N LYS A 4 15.73 11.76 -1.65
CA LYS A 4 16.38 10.95 -2.70
C LYS A 4 16.05 9.47 -2.52
N TYR A 5 15.65 8.82 -3.62
CA TYR A 5 15.22 7.42 -3.67
C TYR A 5 15.83 6.66 -4.87
N LYS A 6 15.82 5.32 -4.76
CA LYS A 6 16.32 4.37 -5.78
C LYS A 6 15.22 3.92 -6.74
N LEU A 7 15.62 3.49 -7.93
CA LEU A 7 14.75 3.00 -9.01
C LEU A 7 14.44 1.50 -8.85
N LYS A 8 13.21 1.18 -8.46
CA LYS A 8 12.69 -0.19 -8.28
C LYS A 8 11.28 -0.33 -8.87
N LYS A 9 11.15 -1.16 -9.91
CA LYS A 9 9.88 -1.46 -10.62
C LYS A 9 9.74 -2.97 -10.84
N SER A 10 8.57 -3.52 -10.51
CA SER A 10 8.24 -4.95 -10.48
C SER A 10 6.79 -5.21 -10.92
N THR A 11 6.35 -6.49 -10.98
CA THR A 11 4.98 -6.85 -11.36
C THR A 11 4.53 -8.11 -10.61
N ASN A 12 3.71 -7.94 -9.56
CA ASN A 12 3.18 -9.04 -8.73
C ASN A 12 1.97 -8.64 -7.86
N LYS A 13 1.37 -9.63 -7.18
CA LYS A 13 0.30 -9.52 -6.18
C LYS A 13 0.71 -8.77 -4.92
N PHE A 14 -0.26 -8.42 -4.08
CA PHE A 14 -0.10 -7.64 -2.85
C PHE A 14 -0.96 -8.18 -1.70
N CYS A 15 -0.42 -8.20 -0.48
CA CYS A 15 -1.16 -8.59 0.72
C CYS A 15 -1.64 -7.37 1.49
N VAL A 16 -2.84 -7.50 2.06
CA VAL A 16 -3.59 -6.47 2.80
C VAL A 16 -4.43 -7.08 3.93
N THR A 17 -5.20 -6.28 4.68
CA THR A 17 -6.13 -6.77 5.72
C THR A 17 -7.54 -6.20 5.52
N CYS A 18 -8.55 -7.07 5.31
CA CYS A 18 -9.95 -6.66 5.22
C CYS A 18 -10.60 -6.59 6.60
N GLU A 19 -11.32 -5.51 6.86
CA GLU A 19 -12.10 -5.28 8.07
C GLU A 19 -13.44 -4.64 7.67
N ASN A 20 -14.54 -5.37 7.89
CA ASN A 20 -15.88 -5.02 7.41
C ASN A 20 -15.95 -4.90 5.86
N GLN A 21 -15.54 -5.97 5.18
CA GLN A 21 -15.68 -6.22 3.73
C GLN A 21 -14.90 -5.25 2.81
N ALA A 22 -13.82 -4.66 3.32
CA ALA A 22 -13.02 -3.66 2.64
C ALA A 22 -11.60 -3.62 3.26
N PRO A 23 -10.55 -3.63 2.43
CA PRO A 23 -9.17 -3.59 2.88
C PRO A 23 -8.75 -2.19 3.35
N VAL A 24 -8.64 -2.00 4.66
CA VAL A 24 -8.26 -0.74 5.31
C VAL A 24 -6.78 -0.75 5.75
N HIS A 25 -5.95 -1.66 5.27
CA HIS A 25 -4.59 -1.88 5.79
C HIS A 25 -3.67 -2.56 4.78
N PHE A 26 -2.41 -2.13 4.69
CA PHE A 26 -1.38 -2.78 3.86
C PHE A 26 -0.52 -3.75 4.69
N VAL A 27 -0.18 -4.90 4.11
CA VAL A 27 0.73 -5.90 4.72
C VAL A 27 2.07 -5.96 4.00
N GLY A 28 2.10 -6.25 2.69
CA GLY A 28 3.33 -6.44 1.93
C GLY A 28 3.07 -6.77 0.45
N VAL A 29 4.13 -7.10 -0.28
CA VAL A 29 4.07 -7.48 -1.71
C VAL A 29 4.51 -8.94 -1.91
N GLY A 30 3.82 -9.69 -2.76
CA GLY A 30 4.12 -11.10 -3.08
C GLY A 30 4.07 -12.10 -1.90
N SER A 31 3.66 -11.66 -0.71
CA SER A 31 3.67 -12.41 0.55
C SER A 31 2.85 -11.67 1.63
N CYS A 32 2.39 -12.38 2.66
CA CYS A 32 1.72 -11.86 3.85
C CYS A 32 2.61 -12.01 5.10
N GLY A 33 3.26 -10.92 5.52
CA GLY A 33 3.99 -10.87 6.79
C GLY A 33 3.06 -10.73 8.01
N SER A 34 3.54 -11.09 9.19
CA SER A 34 2.85 -10.94 10.49
C SER A 34 3.84 -10.79 11.66
N GLY A 35 3.33 -10.50 12.85
CA GLY A 35 4.08 -10.39 14.10
C GLY A 35 3.23 -10.61 15.36
N GLY A 36 3.89 -10.66 16.52
CA GLY A 36 3.30 -10.94 17.84
C GLY A 36 3.56 -9.88 18.90
N SER A 37 3.90 -8.65 18.49
CA SER A 37 4.34 -7.53 19.35
C SER A 37 3.54 -6.24 19.10
N GLY A 38 3.59 -5.30 20.04
CA GLY A 38 2.82 -4.04 20.05
C GLY A 38 3.35 -2.92 19.13
N ILE A 39 4.04 -3.28 18.05
CA ILE A 39 4.67 -2.36 17.08
C ILE A 39 3.60 -1.54 16.33
N PHE A 40 3.86 -0.26 16.13
CA PHE A 40 2.92 0.73 15.53
C PHE A 40 3.62 1.80 14.65
N LEU A 41 4.85 1.55 14.19
CA LEU A 41 5.64 2.53 13.41
C LEU A 41 5.06 2.81 12.01
N GLU A 42 4.29 1.87 11.47
CA GLU A 42 3.49 2.00 10.24
C GLU A 42 2.33 3.02 10.37
N THR A 43 1.71 3.38 9.24
CA THR A 43 0.53 4.27 9.19
C THR A 43 -0.67 3.72 9.98
N SER A 44 -0.83 2.39 10.01
CA SER A 44 -1.94 1.64 10.62
C SER A 44 -3.32 2.24 10.32
N LEU A 45 -3.70 2.24 9.04
CA LEU A 45 -5.00 2.74 8.55
C LEU A 45 -6.22 2.02 9.18
N SER A 46 -6.01 0.87 9.83
CA SER A 46 -7.00 0.16 10.66
C SER A 46 -7.57 0.97 11.82
N ALA A 47 -6.86 2.01 12.28
CA ALA A 47 -7.29 2.93 13.35
C ALA A 47 -6.98 4.38 12.99
N GLY A 48 -8.03 5.14 12.67
CA GLY A 48 -7.96 6.56 12.26
C GLY A 48 -8.08 6.81 10.75
N SER A 49 -8.20 5.76 9.93
CA SER A 49 -8.43 5.82 8.48
C SER A 49 -9.47 4.78 8.03
N ASP A 50 -9.61 4.55 6.73
CA ASP A 50 -10.57 3.64 6.11
C ASP A 50 -10.03 3.20 4.74
N TRP A 51 -10.71 2.25 4.10
CA TRP A 51 -10.52 1.80 2.72
C TRP A 51 -10.60 2.97 1.72
N LEU A 52 -11.51 3.92 1.96
CA LEU A 52 -11.74 5.08 1.10
C LEU A 52 -10.48 5.95 0.95
N THR A 53 -9.69 6.09 2.02
CA THR A 53 -8.39 6.80 2.03
C THR A 53 -7.20 5.88 1.77
N PHE A 54 -7.27 4.58 2.07
CA PHE A 54 -6.26 3.56 1.74
C PHE A 54 -5.86 3.56 0.26
N GLN A 55 -6.86 3.70 -0.63
CA GLN A 55 -6.64 3.88 -2.07
C GLN A 55 -5.75 5.10 -2.33
N LYS A 56 -6.21 6.30 -1.92
CA LYS A 56 -5.45 7.56 -2.08
C LYS A 56 -4.06 7.53 -1.43
N LYS A 57 -3.86 6.70 -0.39
CA LYS A 57 -2.59 6.56 0.35
C LYS A 57 -1.47 5.97 -0.51
N HIS A 58 -1.68 4.86 -1.24
CA HIS A 58 -0.61 4.21 -2.04
C HIS A 58 -1.09 3.41 -3.27
N ILE A 59 -2.25 3.73 -3.83
CA ILE A 59 -2.85 3.06 -5.00
C ILE A 59 -3.25 4.10 -6.04
N THR A 60 -3.13 3.76 -7.33
CA THR A 60 -3.50 4.64 -8.44
C THR A 60 -4.08 3.90 -9.65
N ASN A 61 -4.83 4.63 -10.49
CA ASN A 61 -5.27 4.21 -11.83
C ASN A 61 -4.27 4.65 -12.94
N THR A 62 -3.14 5.26 -12.58
CA THR A 62 -2.03 5.64 -13.47
C THR A 62 -0.75 5.96 -12.68
N ARG A 63 0.32 5.15 -12.82
CA ARG A 63 1.63 5.45 -12.23
C ARG A 63 2.25 6.70 -12.88
N ASP A 64 2.21 7.81 -12.16
CA ASP A 64 2.77 9.12 -12.57
C ASP A 64 3.94 9.60 -11.66
N VAL A 65 4.36 8.76 -10.70
CA VAL A 65 5.44 9.05 -9.75
C VAL A 65 6.83 9.00 -10.41
N ASP A 66 7.73 9.87 -9.94
CA ASP A 66 9.15 9.96 -10.35
C ASP A 66 10.12 10.06 -9.14
N CYS A 67 9.59 9.94 -7.91
CA CYS A 67 10.31 9.99 -6.62
C CYS A 67 11.21 11.23 -6.43
N ASP A 68 10.70 12.38 -6.89
CA ASP A 68 11.30 13.73 -6.86
C ASP A 68 10.24 14.85 -6.86
N ASN A 69 9.05 14.60 -7.43
CA ASN A 69 7.93 15.54 -7.52
C ASN A 69 6.74 15.17 -6.62
N ILE A 70 6.86 14.09 -5.83
CA ILE A 70 5.85 13.63 -4.86
C ILE A 70 5.55 14.65 -3.74
N MET A 71 6.38 15.68 -3.62
CA MET A 71 6.11 16.89 -2.81
C MET A 71 4.76 17.53 -3.15
N SER A 72 4.34 17.49 -4.42
CA SER A 72 3.06 18.02 -4.92
C SER A 72 1.85 17.09 -4.67
N THR A 73 2.04 15.94 -4.01
CA THR A 73 1.03 14.89 -3.78
C THR A 73 0.82 14.62 -2.28
N ASN A 74 -0.04 13.66 -1.93
CA ASN A 74 -0.22 13.19 -0.54
C ASN A 74 1.05 12.56 0.07
N LEU A 75 2.00 12.13 -0.77
CA LEU A 75 3.20 11.37 -0.41
C LEU A 75 4.40 12.22 0.06
N PHE A 76 4.21 13.54 0.24
CA PHE A 76 5.23 14.53 0.60
C PHE A 76 5.86 14.34 1.99
N HIS A 77 5.35 13.37 2.77
CA HIS A 77 5.76 13.05 4.15
C HIS A 77 7.23 12.60 4.29
N CYS A 78 7.96 12.42 3.19
CA CYS A 78 9.37 12.03 3.10
C CYS A 78 9.74 10.74 3.87
N LYS A 79 8.81 9.78 3.89
CA LYS A 79 8.98 8.42 4.45
C LYS A 79 10.04 7.59 3.71
N ASP A 80 10.54 6.55 4.37
CA ASP A 80 11.67 5.71 3.94
C ASP A 80 11.41 4.85 2.69
N LYS A 81 10.17 4.47 2.44
CA LYS A 81 9.69 3.89 1.16
C LYS A 81 8.17 3.95 1.03
N ASN A 82 7.67 3.87 -0.21
CA ASN A 82 6.24 3.67 -0.51
C ASN A 82 6.07 2.58 -1.58
N THR A 83 5.03 1.77 -1.44
CA THR A 83 4.69 0.69 -2.37
C THR A 83 3.42 1.07 -3.15
N PHE A 84 3.59 1.65 -4.35
CA PHE A 84 2.46 2.02 -5.21
C PHE A 84 1.92 0.79 -5.97
N ILE A 85 0.59 0.69 -6.01
CA ILE A 85 -0.16 -0.35 -6.72
C ILE A 85 -0.92 0.31 -7.87
N TYR A 86 -0.61 -0.04 -9.12
CA TYR A 86 -1.42 0.34 -10.27
C TYR A 86 -2.57 -0.69 -10.48
N SER A 87 -3.69 -0.46 -9.79
CA SER A 87 -4.91 -1.27 -9.89
C SER A 87 -6.19 -0.42 -9.81
N ARG A 88 -7.29 -0.93 -10.39
CA ARG A 88 -8.66 -0.48 -10.11
C ARG A 88 -9.09 -0.90 -8.69
N PRO A 89 -10.13 -0.29 -8.09
CA PRO A 89 -10.59 -0.68 -6.76
C PRO A 89 -11.24 -2.07 -6.70
N GLU A 90 -11.76 -2.62 -7.80
CA GLU A 90 -12.45 -3.92 -7.84
C GLU A 90 -11.55 -5.10 -7.39
N PRO A 91 -10.40 -5.37 -8.04
CA PRO A 91 -9.50 -6.48 -7.68
C PRO A 91 -8.77 -6.29 -6.33
N VAL A 92 -9.00 -5.18 -5.64
CA VAL A 92 -8.47 -4.86 -4.30
C VAL A 92 -9.56 -5.08 -3.24
N LYS A 93 -10.73 -4.45 -3.39
CA LYS A 93 -11.85 -4.58 -2.45
C LYS A 93 -12.45 -5.99 -2.43
N ALA A 94 -12.69 -6.57 -3.61
CA ALA A 94 -13.38 -7.85 -3.80
C ALA A 94 -12.55 -9.10 -3.43
N ILE A 95 -11.27 -8.92 -3.05
CA ILE A 95 -10.45 -10.00 -2.47
C ILE A 95 -11.16 -10.64 -1.26
N CYS A 96 -11.89 -9.83 -0.47
CA CYS A 96 -12.73 -10.30 0.63
C CYS A 96 -14.24 -10.16 0.34
N LYS A 97 -15.06 -10.93 1.06
CA LYS A 97 -16.53 -10.97 0.99
C LYS A 97 -17.11 -11.47 2.32
N GLY A 98 -17.68 -10.57 3.12
CA GLY A 98 -18.27 -10.88 4.43
C GLY A 98 -17.28 -10.90 5.60
N ILE A 99 -16.00 -10.56 5.36
CA ILE A 99 -14.94 -10.58 6.38
C ILE A 99 -15.05 -9.39 7.33
N ILE A 100 -15.32 -9.69 8.60
CA ILE A 100 -15.31 -8.74 9.74
C ILE A 100 -14.12 -9.02 10.69
N ALA A 101 -13.44 -10.16 10.50
CA ALA A 101 -12.40 -10.75 11.36
C ALA A 101 -11.02 -10.04 11.33
N SER A 102 -10.90 -8.87 10.69
CA SER A 102 -9.63 -8.15 10.44
C SER A 102 -8.52 -9.05 9.83
N LYS A 103 -8.77 -9.56 8.61
CA LYS A 103 -7.92 -10.49 7.85
C LYS A 103 -8.16 -10.37 6.35
N ASN A 104 -7.19 -10.73 5.50
CA ASN A 104 -7.42 -11.01 4.07
C ASN A 104 -6.55 -12.20 3.60
N VAL A 105 -6.46 -12.38 2.27
CA VAL A 105 -5.54 -13.32 1.60
C VAL A 105 -4.76 -12.54 0.53
N LEU A 106 -3.48 -12.86 0.32
CA LEU A 106 -2.67 -12.40 -0.81
C LEU A 106 -3.38 -12.61 -2.16
N THR A 107 -3.25 -11.65 -3.08
CA THR A 107 -3.75 -11.79 -4.47
C THR A 107 -3.07 -12.93 -5.26
N THR A 108 -3.55 -13.20 -6.47
CA THR A 108 -3.03 -14.26 -7.37
C THR A 108 -2.52 -13.73 -8.72
N SER A 109 -3.14 -12.65 -9.22
CA SER A 109 -2.74 -11.93 -10.44
C SER A 109 -1.50 -11.06 -10.21
N GLU A 110 -0.95 -10.48 -11.28
CA GLU A 110 0.27 -9.67 -11.26
C GLU A 110 0.00 -8.25 -11.79
N PHE A 111 0.17 -7.24 -10.92
CA PHE A 111 -0.19 -5.85 -11.15
C PHE A 111 1.07 -4.98 -11.21
N TYR A 112 1.02 -3.81 -11.85
CA TYR A 112 2.17 -2.91 -11.96
C TYR A 112 2.54 -2.37 -10.56
N LEU A 113 3.72 -2.79 -10.08
CA LEU A 113 4.19 -2.57 -8.72
C LEU A 113 5.42 -1.65 -8.71
N SER A 114 5.31 -0.55 -7.99
CA SER A 114 6.24 0.59 -8.04
C SER A 114 6.70 0.95 -6.64
N ASP A 115 7.87 0.46 -6.26
CA ASP A 115 8.55 0.84 -5.02
C ASP A 115 9.44 2.09 -5.25
N CYS A 116 9.77 2.78 -4.17
CA CYS A 116 10.93 3.69 -4.11
C CYS A 116 11.53 3.62 -2.70
N ASN A 117 12.84 3.39 -2.58
CA ASN A 117 13.56 3.20 -1.32
C ASN A 117 14.57 4.32 -1.13
N VAL A 118 14.55 5.01 0.02
CA VAL A 118 15.44 6.17 0.29
C VAL A 118 16.93 5.80 0.19
N THR A 119 17.73 6.74 -0.30
CA THR A 119 19.20 6.65 -0.40
C THR A 119 19.86 7.93 0.13
N SER A 120 20.42 7.84 1.35
CA SER A 120 21.10 8.95 2.06
C SER A 120 22.37 9.48 1.37
N ARG A 1 14.31 18.04 -5.87
CA ARG A 1 13.70 16.86 -5.21
C ARG A 1 13.67 16.99 -3.69
N PRO A 2 12.68 16.43 -2.97
CA PRO A 2 12.59 16.54 -1.52
C PRO A 2 13.73 15.78 -0.81
N CYS A 3 13.87 14.49 -1.11
CA CYS A 3 14.84 13.57 -0.51
C CYS A 3 15.43 12.62 -1.59
N LYS A 4 16.46 11.85 -1.23
CA LYS A 4 17.16 10.92 -2.14
C LYS A 4 16.54 9.52 -2.05
N TYR A 5 16.23 8.89 -3.19
CA TYR A 5 15.67 7.53 -3.26
C TYR A 5 16.30 6.68 -4.39
N LYS A 6 16.15 5.36 -4.27
CA LYS A 6 16.63 4.32 -5.20
C LYS A 6 15.53 3.90 -6.20
N LEU A 7 15.94 3.29 -7.32
CA LEU A 7 15.07 2.82 -8.40
C LEU A 7 14.79 1.31 -8.26
N LYS A 8 13.56 0.97 -7.84
CA LYS A 8 13.06 -0.40 -7.66
C LYS A 8 11.65 -0.57 -8.26
N LYS A 9 11.51 -1.45 -9.24
CA LYS A 9 10.24 -1.84 -9.87
C LYS A 9 10.03 -3.36 -9.83
N SER A 10 8.77 -3.81 -9.82
CA SER A 10 8.36 -5.22 -9.84
C SER A 10 6.96 -5.40 -10.45
N THR A 11 6.52 -6.65 -10.60
CA THR A 11 5.16 -6.98 -11.05
C THR A 11 4.68 -8.26 -10.35
N ASN A 12 3.82 -8.12 -9.33
CA ASN A 12 3.27 -9.22 -8.52
C ASN A 12 2.04 -8.81 -7.68
N LYS A 13 1.48 -9.78 -6.94
CA LYS A 13 0.37 -9.65 -5.96
C LYS A 13 0.75 -8.87 -4.70
N PHE A 14 -0.23 -8.54 -3.85
CA PHE A 14 -0.10 -7.75 -2.62
C PHE A 14 -0.99 -8.28 -1.49
N CYS A 15 -0.48 -8.26 -0.26
CA CYS A 15 -1.22 -8.65 0.94
C CYS A 15 -1.73 -7.43 1.72
N VAL A 16 -2.94 -7.53 2.24
CA VAL A 16 -3.70 -6.48 2.96
C VAL A 16 -4.59 -7.10 4.06
N THR A 17 -5.34 -6.26 4.81
CA THR A 17 -6.28 -6.71 5.86
C THR A 17 -7.69 -6.14 5.62
N CYS A 18 -8.70 -6.98 5.37
CA CYS A 18 -10.09 -6.55 5.26
C CYS A 18 -10.76 -6.50 6.64
N GLU A 19 -11.45 -5.39 6.90
CA GLU A 19 -12.26 -5.17 8.08
C GLU A 19 -13.59 -4.52 7.66
N ASN A 20 -14.71 -5.22 7.87
CA ASN A 20 -16.03 -4.86 7.35
C ASN A 20 -16.05 -4.75 5.80
N GLN A 21 -15.64 -5.83 5.13
CA GLN A 21 -15.76 -6.10 3.68
C GLN A 21 -14.94 -5.15 2.78
N ALA A 22 -13.86 -4.56 3.30
CA ALA A 22 -13.04 -3.56 2.64
C ALA A 22 -11.63 -3.52 3.27
N PRO A 23 -10.56 -3.53 2.46
CA PRO A 23 -9.18 -3.51 2.94
C PRO A 23 -8.71 -2.13 3.42
N VAL A 24 -8.59 -1.96 4.74
CA VAL A 24 -8.18 -0.74 5.44
C VAL A 24 -6.77 -0.85 6.04
N HIS A 25 -5.95 -1.83 5.65
CA HIS A 25 -4.56 -1.99 6.16
C HIS A 25 -3.66 -2.67 5.13
N PHE A 26 -2.39 -2.27 5.06
CA PHE A 26 -1.37 -2.87 4.18
C PHE A 26 -0.47 -3.84 4.95
N VAL A 27 -0.23 -5.03 4.39
CA VAL A 27 0.59 -6.08 5.03
C VAL A 27 1.94 -6.27 4.31
N GLY A 28 1.94 -6.48 2.99
CA GLY A 28 3.17 -6.79 2.23
C GLY A 28 2.96 -7.01 0.74
N VAL A 29 4.02 -7.44 0.05
CA VAL A 29 4.07 -7.65 -1.41
C VAL A 29 4.54 -9.07 -1.72
N GLY A 30 3.79 -9.81 -2.56
CA GLY A 30 4.07 -11.20 -2.92
C GLY A 30 3.99 -12.24 -1.79
N SER A 31 3.61 -11.81 -0.58
CA SER A 31 3.52 -12.58 0.67
C SER A 31 2.77 -11.77 1.75
N CYS A 32 2.32 -12.44 2.81
CA CYS A 32 1.76 -11.84 4.02
C CYS A 32 2.75 -12.02 5.19
N GLY A 33 3.21 -10.92 5.78
CA GLY A 33 4.07 -10.93 6.98
C GLY A 33 3.36 -11.51 8.21
N SER A 34 4.13 -12.15 9.10
CA SER A 34 3.62 -12.75 10.35
C SER A 34 3.21 -11.67 11.39
N GLY A 35 2.32 -12.04 12.30
CA GLY A 35 1.95 -11.24 13.49
C GLY A 35 2.96 -11.38 14.65
N GLY A 36 2.65 -10.74 15.78
CA GLY A 36 3.43 -10.85 17.03
C GLY A 36 4.64 -9.92 17.11
N SER A 37 4.56 -8.74 16.50
CA SER A 37 5.62 -7.70 16.46
C SER A 37 5.26 -6.43 17.26
N GLY A 38 6.27 -5.64 17.62
CA GLY A 38 6.14 -4.38 18.40
C GLY A 38 6.13 -3.09 17.56
N ILE A 39 6.17 -3.20 16.23
CA ILE A 39 6.23 -2.08 15.27
C ILE A 39 4.95 -1.23 15.37
N PHE A 40 5.13 0.10 15.35
CA PHE A 40 4.06 1.10 15.45
C PHE A 40 4.33 2.39 14.63
N LEU A 41 5.25 2.32 13.65
CA LEU A 41 5.70 3.48 12.87
C LEU A 41 4.82 3.74 11.63
N GLU A 42 3.95 2.79 11.29
CA GLU A 42 3.03 2.83 10.17
C GLU A 42 1.86 3.80 10.38
N THR A 43 1.10 4.06 9.30
CA THR A 43 -0.12 4.91 9.33
C THR A 43 -1.26 4.26 10.12
N SER A 44 -1.38 2.93 10.08
CA SER A 44 -2.44 2.10 10.67
C SER A 44 -3.86 2.64 10.44
N LEU A 45 -4.32 2.52 9.19
CA LEU A 45 -5.64 2.99 8.73
C LEU A 45 -6.85 2.22 9.32
N SER A 46 -6.61 1.21 10.16
CA SER A 46 -7.63 0.39 10.84
C SER A 46 -8.57 1.17 11.77
N ALA A 47 -8.07 2.23 12.43
CA ALA A 47 -8.82 3.04 13.40
C ALA A 47 -8.59 4.53 13.16
N GLY A 48 -9.66 5.24 12.75
CA GLY A 48 -9.63 6.66 12.37
C GLY A 48 -9.49 6.92 10.87
N SER A 49 -9.41 5.88 10.04
CA SER A 49 -9.40 5.95 8.57
C SER A 49 -10.30 4.87 7.96
N ASP A 50 -10.23 4.66 6.64
CA ASP A 50 -11.07 3.72 5.89
C ASP A 50 -10.32 3.23 4.63
N TRP A 51 -10.89 2.25 3.95
CA TRP A 51 -10.52 1.82 2.60
C TRP A 51 -10.56 2.98 1.61
N LEU A 52 -11.53 3.89 1.76
CA LEU A 52 -11.74 5.05 0.91
C LEU A 52 -10.52 6.00 0.89
N THR A 53 -9.77 6.09 1.99
CA THR A 53 -8.52 6.88 2.09
C THR A 53 -7.25 6.03 1.93
N PHE A 54 -7.30 4.72 2.22
CA PHE A 54 -6.24 3.74 1.93
C PHE A 54 -5.78 3.75 0.47
N GLN A 55 -6.72 3.89 -0.46
CA GLN A 55 -6.44 4.09 -1.89
C GLN A 55 -5.57 5.34 -2.12
N LYS A 56 -6.08 6.52 -1.74
CA LYS A 56 -5.35 7.80 -1.89
C LYS A 56 -3.95 7.78 -1.23
N LYS A 57 -3.77 6.98 -0.17
CA LYS A 57 -2.52 6.84 0.59
C LYS A 57 -1.36 6.22 -0.20
N HIS A 58 -1.57 5.13 -0.96
CA HIS A 58 -0.48 4.44 -1.71
C HIS A 58 -0.93 3.62 -2.94
N ILE A 59 -2.08 3.90 -3.52
CA ILE A 59 -2.64 3.19 -4.70
C ILE A 59 -3.02 4.22 -5.77
N THR A 60 -2.87 3.84 -7.05
CA THR A 60 -3.24 4.71 -8.18
C THR A 60 -3.80 3.94 -9.38
N ASN A 61 -4.63 4.63 -10.19
CA ASN A 61 -5.09 4.21 -11.50
C ASN A 61 -4.13 4.64 -12.64
N THR A 62 -3.00 5.28 -12.31
CA THR A 62 -1.92 5.66 -13.23
C THR A 62 -0.63 6.00 -12.47
N ARG A 63 0.39 5.11 -12.54
CA ARG A 63 1.74 5.39 -12.01
C ARG A 63 2.41 6.48 -12.84
N ASP A 64 2.67 7.64 -12.22
CA ASP A 64 3.37 8.79 -12.82
C ASP A 64 4.56 9.29 -11.97
N VAL A 65 4.88 8.58 -10.88
CA VAL A 65 5.95 8.92 -9.92
C VAL A 65 7.36 8.72 -10.49
N ASP A 66 8.31 9.53 -10.01
CA ASP A 66 9.76 9.45 -10.29
C ASP A 66 10.63 9.53 -9.01
N CYS A 67 10.00 9.60 -7.83
CA CYS A 67 10.59 9.86 -6.50
C CYS A 67 11.58 11.03 -6.53
N ASP A 68 11.04 12.17 -6.97
CA ASP A 68 11.74 13.37 -7.43
C ASP A 68 10.86 14.64 -7.30
N ASN A 69 9.58 14.54 -7.69
CA ASN A 69 8.58 15.62 -7.72
C ASN A 69 7.43 15.43 -6.70
N ILE A 70 7.45 14.33 -5.92
CA ILE A 70 6.42 13.96 -4.93
C ILE A 70 6.25 15.00 -3.81
N MET A 71 7.17 15.97 -3.71
CA MET A 71 7.02 17.17 -2.88
C MET A 71 5.72 17.97 -3.17
N SER A 72 5.18 17.87 -4.38
CA SER A 72 3.92 18.49 -4.82
C SER A 72 2.67 17.61 -4.57
N THR A 73 2.85 16.39 -4.05
CA THR A 73 1.77 15.42 -3.74
C THR A 73 1.57 15.26 -2.23
N ASN A 74 0.64 14.41 -1.80
CA ASN A 74 0.47 14.06 -0.38
C ASN A 74 1.62 13.21 0.20
N LEU A 75 2.47 12.62 -0.64
CA LEU A 75 3.61 11.78 -0.29
C LEU A 75 4.89 12.55 0.13
N PHE A 76 4.83 13.88 0.25
CA PHE A 76 5.92 14.83 0.52
C PHE A 76 6.60 14.68 1.89
N HIS A 77 6.08 13.79 2.75
CA HIS A 77 6.48 13.59 4.15
C HIS A 77 7.94 13.11 4.36
N CYS A 78 8.70 12.88 3.28
CA CYS A 78 10.06 12.31 3.28
C CYS A 78 10.13 10.92 3.98
N LYS A 79 9.05 10.14 3.89
CA LYS A 79 8.97 8.77 4.43
C LYS A 79 10.01 7.84 3.80
N ASP A 80 10.38 6.78 4.52
CA ASP A 80 11.49 5.88 4.18
C ASP A 80 11.27 5.11 2.87
N LYS A 81 10.02 4.76 2.57
CA LYS A 81 9.57 4.09 1.34
C LYS A 81 8.05 4.19 1.16
N ASN A 82 7.58 4.00 -0.08
CA ASN A 82 6.15 3.89 -0.41
C ASN A 82 5.92 2.78 -1.43
N THR A 83 5.06 1.81 -1.11
CA THR A 83 4.64 0.74 -2.03
C THR A 83 3.44 1.22 -2.84
N PHE A 84 3.67 1.75 -4.04
CA PHE A 84 2.58 2.10 -4.97
C PHE A 84 2.05 0.86 -5.69
N ILE A 85 0.73 0.73 -5.72
CA ILE A 85 -0.01 -0.34 -6.42
C ILE A 85 -0.75 0.28 -7.60
N TYR A 86 -0.37 -0.06 -8.83
CA TYR A 86 -1.12 0.33 -10.03
C TYR A 86 -2.25 -0.68 -10.32
N SER A 87 -3.41 -0.49 -9.65
CA SER A 87 -4.62 -1.32 -9.82
C SER A 87 -5.92 -0.50 -9.78
N ARG A 88 -6.99 -1.07 -10.34
CA ARG A 88 -8.39 -0.65 -10.10
C ARG A 88 -8.85 -1.02 -8.68
N PRO A 89 -9.94 -0.43 -8.16
CA PRO A 89 -10.47 -0.80 -6.85
C PRO A 89 -11.14 -2.19 -6.79
N GLU A 90 -11.61 -2.74 -7.91
CA GLU A 90 -12.29 -4.04 -7.96
C GLU A 90 -11.41 -5.21 -7.47
N PRO A 91 -10.23 -5.49 -8.06
CA PRO A 91 -9.36 -6.60 -7.63
C PRO A 91 -8.69 -6.41 -6.27
N VAL A 92 -8.96 -5.30 -5.58
CA VAL A 92 -8.47 -4.94 -4.24
C VAL A 92 -9.58 -5.14 -3.21
N LYS A 93 -10.73 -4.47 -3.39
CA LYS A 93 -11.85 -4.52 -2.45
C LYS A 93 -12.54 -5.90 -2.44
N ALA A 94 -12.70 -6.52 -3.61
CA ALA A 94 -13.41 -7.79 -3.78
C ALA A 94 -12.59 -9.04 -3.39
N ILE A 95 -11.31 -8.88 -3.00
CA ILE A 95 -10.51 -9.96 -2.40
C ILE A 95 -11.25 -10.59 -1.20
N CYS A 96 -11.97 -9.77 -0.42
CA CYS A 96 -12.83 -10.21 0.68
C CYS A 96 -14.34 -10.08 0.36
N LYS A 97 -15.16 -10.83 1.10
CA LYS A 97 -16.64 -10.85 1.00
C LYS A 97 -17.26 -11.32 2.32
N GLY A 98 -17.83 -10.40 3.10
CA GLY A 98 -18.44 -10.68 4.41
C GLY A 98 -17.47 -10.72 5.59
N ILE A 99 -16.18 -10.40 5.38
CA ILE A 99 -15.14 -10.43 6.41
C ILE A 99 -15.26 -9.22 7.36
N ILE A 100 -15.54 -9.51 8.64
CA ILE A 100 -15.57 -8.55 9.76
C ILE A 100 -14.40 -8.83 10.75
N ALA A 101 -13.73 -9.97 10.61
CA ALA A 101 -12.71 -10.53 11.50
C ALA A 101 -11.33 -9.82 11.49
N SER A 102 -11.17 -8.72 10.74
CA SER A 102 -9.89 -8.04 10.48
C SER A 102 -8.80 -9.00 9.93
N LYS A 103 -8.99 -9.50 8.71
CA LYS A 103 -8.07 -10.37 7.96
C LYS A 103 -8.32 -10.27 6.45
N ASN A 104 -7.39 -10.72 5.62
CA ASN A 104 -7.63 -11.01 4.20
C ASN A 104 -6.82 -12.23 3.73
N VAL A 105 -6.71 -12.41 2.41
CA VAL A 105 -5.75 -13.30 1.76
C VAL A 105 -4.94 -12.51 0.73
N LEU A 106 -3.67 -12.88 0.54
CA LEU A 106 -2.83 -12.43 -0.57
C LEU A 106 -3.54 -12.62 -1.93
N THR A 107 -3.37 -11.67 -2.85
CA THR A 107 -3.84 -11.80 -4.26
C THR A 107 -3.18 -12.97 -5.00
N THR A 108 -3.64 -13.24 -6.23
CA THR A 108 -3.11 -14.32 -7.12
C THR A 108 -2.49 -13.79 -8.42
N SER A 109 -3.01 -12.69 -8.95
CA SER A 109 -2.57 -12.02 -10.19
C SER A 109 -1.32 -11.18 -9.99
N GLU A 110 -0.78 -10.60 -11.05
CA GLU A 110 0.45 -9.79 -11.03
C GLU A 110 0.20 -8.36 -11.55
N PHE A 111 0.28 -7.38 -10.64
CA PHE A 111 -0.04 -5.97 -10.86
C PHE A 111 1.26 -5.15 -10.87
N TYR A 112 1.24 -3.94 -11.45
CA TYR A 112 2.43 -3.09 -11.51
C TYR A 112 2.78 -2.54 -10.12
N LEU A 113 3.90 -3.01 -9.58
CA LEU A 113 4.42 -2.68 -8.25
C LEU A 113 5.60 -1.69 -8.36
N SER A 114 5.48 -0.59 -7.62
CA SER A 114 6.39 0.56 -7.72
C SER A 114 6.83 0.98 -6.31
N ASP A 115 8.00 0.52 -5.89
CA ASP A 115 8.60 0.77 -4.58
C ASP A 115 9.73 1.81 -4.71
N CYS A 116 9.78 2.77 -3.80
CA CYS A 116 10.93 3.67 -3.66
C CYS A 116 11.55 3.46 -2.28
N ASN A 117 12.86 3.58 -2.14
CA ASN A 117 13.58 3.37 -0.88
C ASN A 117 14.60 4.49 -0.68
N VAL A 118 14.53 5.21 0.45
CA VAL A 118 15.43 6.33 0.78
C VAL A 118 16.90 5.90 0.78
N THR A 119 17.80 6.82 0.39
CA THR A 119 19.27 6.60 0.37
C THR A 119 20.06 7.79 0.93
N SER A 120 20.21 7.78 2.26
CA SER A 120 21.04 8.74 3.05
C SER A 120 22.55 8.56 2.79
N ARG A 1 12.90 17.79 -4.33
CA ARG A 1 13.93 16.79 -3.94
C ARG A 1 14.02 16.71 -2.41
N PRO A 2 13.06 16.02 -1.73
CA PRO A 2 12.93 16.08 -0.26
C PRO A 2 14.02 15.25 0.46
N CYS A 3 14.16 13.98 0.07
CA CYS A 3 15.17 13.01 0.53
C CYS A 3 15.65 12.18 -0.65
N LYS A 4 16.74 11.41 -0.48
CA LYS A 4 17.27 10.48 -1.47
C LYS A 4 16.70 9.08 -1.27
N TYR A 5 16.38 8.37 -2.36
CA TYR A 5 15.84 7.01 -2.33
C TYR A 5 16.48 6.10 -3.41
N LYS A 6 16.35 4.79 -3.22
CA LYS A 6 16.88 3.72 -4.08
C LYS A 6 15.85 3.24 -5.11
N LEU A 7 16.33 2.71 -6.23
CA LEU A 7 15.52 2.28 -7.38
C LEU A 7 15.11 0.81 -7.26
N LYS A 8 13.84 0.58 -6.90
CA LYS A 8 13.24 -0.76 -6.72
C LYS A 8 11.87 -0.85 -7.41
N LYS A 9 11.76 -1.75 -8.38
CA LYS A 9 10.52 -2.08 -9.12
C LYS A 9 10.27 -3.60 -9.14
N SER A 10 9.01 -4.02 -9.24
CA SER A 10 8.56 -5.42 -9.29
C SER A 10 7.20 -5.55 -9.98
N THR A 11 6.71 -6.78 -10.19
CA THR A 11 5.38 -7.05 -10.75
C THR A 11 4.76 -8.30 -10.12
N ASN A 12 3.78 -8.11 -9.21
CA ASN A 12 3.19 -9.17 -8.38
C ASN A 12 1.93 -8.72 -7.62
N LYS A 13 1.25 -9.68 -6.97
CA LYS A 13 0.15 -9.52 -5.99
C LYS A 13 0.55 -8.75 -4.72
N PHE A 14 -0.45 -8.46 -3.88
CA PHE A 14 -0.32 -7.74 -2.60
C PHE A 14 -1.24 -8.34 -1.53
N CYS A 15 -0.78 -8.37 -0.27
CA CYS A 15 -1.55 -8.85 0.88
C CYS A 15 -2.05 -7.67 1.72
N VAL A 16 -3.30 -7.78 2.18
CA VAL A 16 -4.05 -6.75 2.92
C VAL A 16 -4.98 -7.37 3.97
N THR A 17 -5.75 -6.55 4.72
CA THR A 17 -6.72 -7.02 5.73
C THR A 17 -8.11 -6.42 5.49
N CYS A 18 -9.11 -7.25 5.22
CA CYS A 18 -10.50 -6.82 5.02
C CYS A 18 -11.22 -6.68 6.36
N GLU A 19 -11.88 -5.54 6.56
CA GLU A 19 -12.68 -5.24 7.73
C GLU A 19 -13.96 -4.51 7.28
N ASN A 20 -15.11 -5.17 7.43
CA ASN A 20 -16.42 -4.74 6.93
C ASN A 20 -16.43 -4.55 5.39
N GLN A 21 -16.11 -5.64 4.67
CA GLN A 21 -16.21 -5.80 3.21
C GLN A 21 -15.31 -4.85 2.38
N ALA A 22 -14.18 -4.42 2.96
CA ALA A 22 -13.26 -3.47 2.37
C ALA A 22 -11.87 -3.62 3.03
N PRO A 23 -10.78 -3.66 2.26
CA PRO A 23 -9.41 -3.73 2.77
C PRO A 23 -8.93 -2.37 3.29
N VAL A 24 -8.94 -2.20 4.62
CA VAL A 24 -8.54 -0.97 5.32
C VAL A 24 -7.10 -1.03 5.81
N HIS A 25 -6.32 -2.10 5.58
CA HIS A 25 -4.97 -2.28 6.16
C HIS A 25 -4.03 -2.97 5.17
N PHE A 26 -2.77 -2.54 5.11
CA PHE A 26 -1.73 -3.22 4.32
C PHE A 26 -1.04 -4.31 5.16
N VAL A 27 -0.65 -5.42 4.54
CA VAL A 27 0.15 -6.48 5.19
C VAL A 27 1.54 -6.61 4.58
N GLY A 28 1.62 -6.84 3.26
CA GLY A 28 2.87 -7.14 2.56
C GLY A 28 2.67 -7.29 1.06
N VAL A 29 3.73 -7.67 0.33
CA VAL A 29 3.74 -7.73 -1.13
C VAL A 29 4.31 -9.05 -1.65
N GLY A 30 3.62 -9.69 -2.60
CA GLY A 30 3.95 -11.03 -3.11
C GLY A 30 3.75 -12.18 -2.11
N SER A 31 3.29 -11.88 -0.89
CA SER A 31 3.14 -12.76 0.29
C SER A 31 2.43 -12.00 1.43
N CYS A 32 2.00 -12.71 2.47
CA CYS A 32 1.44 -12.16 3.71
C CYS A 32 2.47 -12.26 4.85
N GLY A 33 2.94 -11.11 5.33
CA GLY A 33 3.96 -10.99 6.39
C GLY A 33 3.36 -11.10 7.80
N SER A 34 3.01 -12.32 8.21
CA SER A 34 2.50 -12.62 9.56
C SER A 34 3.55 -12.39 10.67
N GLY A 35 3.10 -12.31 11.93
CA GLY A 35 3.90 -12.08 13.13
C GLY A 35 3.59 -10.76 13.84
N GLY A 36 4.13 -10.60 15.05
CA GLY A 36 3.90 -9.44 15.94
C GLY A 36 4.92 -8.33 15.72
N SER A 37 4.81 -7.59 14.61
CA SER A 37 5.67 -6.43 14.31
C SER A 37 5.51 -5.28 15.32
N GLY A 38 6.53 -4.41 15.40
CA GLY A 38 6.65 -3.28 16.34
C GLY A 38 6.67 -1.89 15.69
N ILE A 39 6.15 -1.78 14.46
CA ILE A 39 6.18 -0.57 13.63
C ILE A 39 5.37 0.55 14.30
N PHE A 40 5.97 1.75 14.29
CA PHE A 40 5.43 2.98 14.89
C PHE A 40 5.49 4.19 13.94
N LEU A 41 6.04 4.00 12.73
CA LEU A 41 6.17 5.00 11.66
C LEU A 41 4.81 5.49 11.14
N GLU A 42 3.80 4.60 11.17
CA GLU A 42 2.42 4.82 10.75
C GLU A 42 1.42 4.05 11.62
N THR A 43 0.15 4.47 11.57
CA THR A 43 -1.02 3.76 12.09
C THR A 43 -1.37 2.51 11.26
N SER A 44 -0.95 2.48 9.99
CA SER A 44 -1.30 1.47 8.97
C SER A 44 -2.82 1.24 8.83
N LEU A 45 -3.62 2.28 9.10
CA LEU A 45 -5.09 2.33 9.11
C LEU A 45 -5.71 1.22 9.99
N SER A 46 -5.84 1.53 11.30
CA SER A 46 -6.34 0.62 12.34
C SER A 46 -7.57 1.17 13.08
N ALA A 47 -7.49 2.38 13.65
CA ALA A 47 -8.55 3.00 14.45
C ALA A 47 -9.05 4.32 13.80
N GLY A 48 -10.35 4.36 13.46
CA GLY A 48 -11.01 5.53 12.85
C GLY A 48 -10.66 5.77 11.37
N SER A 49 -9.92 4.86 10.73
CA SER A 49 -9.50 4.89 9.33
C SER A 49 -10.52 4.23 8.41
N ASP A 50 -10.28 4.28 7.10
CA ASP A 50 -11.12 3.65 6.09
C ASP A 50 -10.35 3.27 4.80
N TRP A 51 -10.91 2.32 4.07
CA TRP A 51 -10.50 1.90 2.72
C TRP A 51 -10.47 3.07 1.72
N LEU A 52 -11.38 4.04 1.85
CA LEU A 52 -11.47 5.19 0.95
C LEU A 52 -10.15 5.99 0.94
N THR A 53 -9.57 6.24 2.11
CA THR A 53 -8.25 6.87 2.29
C THR A 53 -7.06 5.91 2.13
N PHE A 54 -7.22 4.59 2.34
CA PHE A 54 -6.19 3.55 2.11
C PHE A 54 -5.59 3.65 0.71
N GLN A 55 -6.45 3.85 -0.29
CA GLN A 55 -6.06 4.07 -1.69
C GLN A 55 -5.14 5.28 -1.81
N LYS A 56 -5.65 6.48 -1.47
CA LYS A 56 -4.86 7.74 -1.57
C LYS A 56 -3.55 7.72 -0.75
N LYS A 57 -3.45 6.87 0.27
CA LYS A 57 -2.24 6.65 1.08
C LYS A 57 -1.06 6.03 0.31
N HIS A 58 -1.25 4.94 -0.45
CA HIS A 58 -0.15 4.24 -1.15
C HIS A 58 -0.53 3.48 -2.44
N ILE A 59 -1.66 3.82 -3.06
CA ILE A 59 -2.15 3.23 -4.32
C ILE A 59 -2.41 4.37 -5.32
N THR A 60 -2.25 4.08 -6.61
CA THR A 60 -2.56 5.04 -7.68
C THR A 60 -3.14 4.36 -8.92
N ASN A 61 -3.87 5.13 -9.73
CA ASN A 61 -4.34 4.77 -11.06
C ASN A 61 -3.36 5.22 -12.17
N THR A 62 -2.21 5.81 -11.81
CA THR A 62 -1.10 6.18 -12.69
C THR A 62 0.21 6.37 -11.88
N ARG A 63 1.21 5.49 -12.07
CA ARG A 63 2.54 5.67 -11.47
C ARG A 63 3.26 6.87 -12.10
N ASP A 64 3.26 7.99 -11.38
CA ASP A 64 3.93 9.26 -11.75
C ASP A 64 5.10 9.62 -10.81
N VAL A 65 5.44 8.74 -9.86
CA VAL A 65 6.54 8.92 -8.92
C VAL A 65 7.92 8.75 -9.57
N ASP A 66 8.88 9.58 -9.15
CA ASP A 66 10.31 9.54 -9.51
C ASP A 66 11.23 9.56 -8.28
N CYS A 67 10.66 9.46 -7.07
CA CYS A 67 11.30 9.47 -5.74
C CYS A 67 12.27 10.66 -5.54
N ASP A 68 11.81 11.86 -5.91
CA ASP A 68 12.49 13.17 -5.83
C ASP A 68 11.48 14.34 -5.96
N ASN A 69 10.35 14.16 -6.65
CA ASN A 69 9.31 15.17 -6.86
C ASN A 69 8.04 14.94 -6.02
N ILE A 70 8.01 13.88 -5.21
CA ILE A 70 6.89 13.54 -4.30
C ILE A 70 6.60 14.63 -3.25
N MET A 71 7.50 15.61 -3.10
CA MET A 71 7.29 16.82 -2.29
C MET A 71 6.04 17.64 -2.65
N SER A 72 5.52 17.52 -3.89
CA SER A 72 4.29 18.19 -4.34
C SER A 72 3.03 17.30 -4.25
N THR A 73 3.18 16.02 -3.89
CA THR A 73 2.10 15.05 -3.70
C THR A 73 1.69 14.93 -2.23
N ASN A 74 0.77 14.00 -1.91
CA ASN A 74 0.43 13.64 -0.52
C ASN A 74 1.60 12.97 0.25
N LEU A 75 2.61 12.47 -0.46
CA LEU A 75 3.69 11.61 0.06
C LEU A 75 4.95 12.38 0.53
N PHE A 76 4.87 13.71 0.63
CA PHE A 76 5.95 14.65 0.96
C PHE A 76 6.57 14.48 2.35
N HIS A 77 5.96 13.64 3.20
CA HIS A 77 6.30 13.43 4.62
C HIS A 77 7.73 12.87 4.86
N CYS A 78 8.47 12.49 3.81
CA CYS A 78 9.71 11.70 3.84
C CYS A 78 9.71 10.57 4.90
N LYS A 79 8.76 9.65 4.74
CA LYS A 79 8.78 8.29 5.33
C LYS A 79 9.90 7.42 4.71
N ASP A 80 10.27 6.34 5.41
CA ASP A 80 11.42 5.47 5.09
C ASP A 80 11.26 4.67 3.78
N LYS A 81 10.02 4.30 3.43
CA LYS A 81 9.65 3.72 2.13
C LYS A 81 8.14 3.82 1.87
N ASN A 82 7.73 3.72 0.61
CA ASN A 82 6.32 3.61 0.21
C ASN A 82 6.14 2.52 -0.85
N THR A 83 5.35 1.48 -0.54
CA THR A 83 4.96 0.45 -1.52
C THR A 83 3.78 0.97 -2.36
N PHE A 84 4.04 1.53 -3.54
CA PHE A 84 2.99 1.96 -4.47
C PHE A 84 2.44 0.79 -5.29
N ILE A 85 1.11 0.68 -5.34
CA ILE A 85 0.36 -0.28 -6.15
C ILE A 85 -0.28 0.50 -7.31
N TYR A 86 0.12 0.23 -8.55
CA TYR A 86 -0.60 0.70 -9.74
C TYR A 86 -1.68 -0.31 -10.13
N SER A 87 -2.90 -0.09 -9.62
CA SER A 87 -4.09 -0.90 -9.93
C SER A 87 -5.40 -0.08 -9.92
N ARG A 88 -6.53 -0.78 -10.06
CA ARG A 88 -7.92 -0.30 -9.93
C ARG A 88 -8.50 -0.68 -8.56
N PRO A 89 -9.60 -0.05 -8.10
CA PRO A 89 -10.25 -0.41 -6.83
C PRO A 89 -10.97 -1.76 -6.86
N GLU A 90 -11.42 -2.25 -8.03
CA GLU A 90 -12.17 -3.50 -8.18
C GLU A 90 -11.38 -4.74 -7.72
N PRO A 91 -10.19 -5.06 -8.28
CA PRO A 91 -9.39 -6.22 -7.87
C PRO A 91 -8.76 -6.13 -6.47
N VAL A 92 -9.00 -5.02 -5.76
CA VAL A 92 -8.56 -4.76 -4.38
C VAL A 92 -9.73 -4.96 -3.41
N LYS A 93 -10.82 -4.22 -3.59
CA LYS A 93 -11.99 -4.27 -2.71
C LYS A 93 -12.74 -5.60 -2.80
N ALA A 94 -12.87 -6.17 -4.00
CA ALA A 94 -13.62 -7.40 -4.26
C ALA A 94 -12.88 -8.70 -3.86
N ILE A 95 -11.62 -8.60 -3.41
CA ILE A 95 -10.88 -9.74 -2.82
C ILE A 95 -11.69 -10.39 -1.67
N CYS A 96 -12.44 -9.57 -0.91
CA CYS A 96 -13.37 -10.01 0.14
C CYS A 96 -14.84 -9.71 -0.20
N LYS A 97 -15.74 -10.46 0.45
CA LYS A 97 -17.21 -10.38 0.29
C LYS A 97 -17.91 -10.85 1.57
N GLY A 98 -18.44 -9.92 2.36
CA GLY A 98 -19.13 -10.22 3.64
C GLY A 98 -18.20 -10.37 4.85
N ILE A 99 -16.89 -10.15 4.69
CA ILE A 99 -15.87 -10.31 5.75
C ILE A 99 -15.91 -9.15 6.74
N ILE A 100 -16.20 -9.47 8.01
CA ILE A 100 -16.17 -8.58 9.19
C ILE A 100 -15.08 -9.02 10.20
N ALA A 101 -14.44 -10.16 9.95
CA ALA A 101 -13.49 -10.86 10.82
C ALA A 101 -12.06 -10.25 10.88
N SER A 102 -11.83 -9.08 10.29
CA SER A 102 -10.51 -8.41 10.16
C SER A 102 -9.41 -9.34 9.59
N LYS A 103 -9.59 -9.83 8.35
CA LYS A 103 -8.66 -10.73 7.61
C LYS A 103 -8.91 -10.62 6.10
N ASN A 104 -7.91 -10.90 5.26
CA ASN A 104 -8.10 -11.11 3.81
C ASN A 104 -7.25 -12.30 3.30
N VAL A 105 -7.17 -12.46 1.98
CA VAL A 105 -6.26 -13.36 1.28
C VAL A 105 -5.40 -12.57 0.30
N LEU A 106 -4.14 -12.97 0.13
CA LEU A 106 -3.24 -12.48 -0.91
C LEU A 106 -3.87 -12.59 -2.31
N THR A 107 -3.65 -11.59 -3.17
CA THR A 107 -4.07 -11.65 -4.59
C THR A 107 -3.40 -12.78 -5.39
N THR A 108 -3.85 -12.99 -6.63
CA THR A 108 -3.33 -14.03 -7.55
C THR A 108 -2.70 -13.45 -8.83
N SER A 109 -3.18 -12.30 -9.29
CA SER A 109 -2.67 -11.57 -10.47
C SER A 109 -1.40 -10.78 -10.14
N GLU A 110 -0.73 -10.23 -11.16
CA GLU A 110 0.54 -9.50 -11.04
C GLU A 110 0.38 -8.04 -11.51
N PHE A 111 0.41 -7.11 -10.55
CA PHE A 111 0.16 -5.68 -10.76
C PHE A 111 1.48 -4.90 -10.80
N TYR A 112 1.48 -3.68 -11.34
CA TYR A 112 2.69 -2.85 -11.42
C TYR A 112 3.09 -2.36 -10.02
N LEU A 113 4.18 -2.93 -9.49
CA LEU A 113 4.68 -2.67 -8.15
C LEU A 113 5.86 -1.68 -8.15
N SER A 114 5.78 -0.67 -7.30
CA SER A 114 6.73 0.44 -7.26
C SER A 114 7.12 0.79 -5.83
N ASP A 115 8.24 0.24 -5.37
CA ASP A 115 8.86 0.60 -4.09
C ASP A 115 9.80 1.80 -4.27
N CYS A 116 10.14 2.45 -3.16
CA CYS A 116 11.33 3.29 -3.01
C CYS A 116 11.78 3.28 -1.55
N ASN A 117 13.07 3.12 -1.29
CA ASN A 117 13.66 3.02 0.07
C ASN A 117 14.67 4.13 0.30
N VAL A 118 14.57 4.84 1.43
CA VAL A 118 15.45 5.98 1.77
C VAL A 118 16.94 5.56 1.81
N THR A 119 17.83 6.48 1.40
CA THR A 119 19.30 6.28 1.43
C THR A 119 20.03 7.52 1.98
N SER A 120 20.00 7.66 3.31
CA SER A 120 20.74 8.66 4.10
C SER A 120 22.27 8.50 3.98
N ARG A 1 12.36 18.04 -5.92
CA ARG A 1 13.34 17.13 -5.26
C ARG A 1 13.29 17.25 -3.72
N PRO A 2 12.32 16.60 -3.03
CA PRO A 2 12.17 16.74 -1.58
C PRO A 2 13.22 15.96 -0.77
N CYS A 3 13.55 14.75 -1.24
CA CYS A 3 14.46 13.78 -0.63
C CYS A 3 15.29 13.06 -1.72
N LYS A 4 16.18 12.15 -1.33
CA LYS A 4 16.98 11.30 -2.23
C LYS A 4 16.51 9.84 -2.15
N TYR A 5 16.22 9.22 -3.29
CA TYR A 5 15.71 7.84 -3.38
C TYR A 5 16.35 7.02 -4.52
N LYS A 6 16.18 5.70 -4.44
CA LYS A 6 16.60 4.68 -5.42
C LYS A 6 15.41 4.15 -6.23
N LEU A 7 15.70 3.60 -7.41
CA LEU A 7 14.74 3.07 -8.38
C LEU A 7 14.48 1.57 -8.13
N LYS A 8 13.26 1.18 -7.72
CA LYS A 8 12.86 -0.21 -7.44
C LYS A 8 11.47 -0.57 -8.02
N LYS A 9 11.46 -1.30 -9.14
CA LYS A 9 10.24 -1.85 -9.78
C LYS A 9 10.10 -3.36 -9.50
N SER A 10 8.86 -3.83 -9.37
CA SER A 10 8.47 -5.25 -9.21
C SER A 10 7.13 -5.54 -9.91
N THR A 11 6.75 -6.81 -10.04
CA THR A 11 5.44 -7.21 -10.58
C THR A 11 4.92 -8.46 -9.87
N ASN A 12 3.93 -8.29 -8.97
CA ASN A 12 3.44 -9.32 -8.05
C ASN A 12 2.15 -8.92 -7.31
N LYS A 13 1.56 -9.85 -6.56
CA LYS A 13 0.45 -9.65 -5.59
C LYS A 13 0.82 -8.77 -4.39
N PHE A 14 -0.18 -8.49 -3.53
CA PHE A 14 -0.06 -7.70 -2.31
C PHE A 14 -0.97 -8.26 -1.19
N CYS A 15 -0.50 -8.18 0.05
CA CYS A 15 -1.24 -8.61 1.24
C CYS A 15 -1.77 -7.40 2.02
N VAL A 16 -2.99 -7.53 2.54
CA VAL A 16 -3.78 -6.47 3.22
C VAL A 16 -4.67 -7.05 4.33
N THR A 17 -5.47 -6.21 5.01
CA THR A 17 -6.43 -6.62 6.06
C THR A 17 -7.84 -6.05 5.78
N CYS A 18 -8.84 -6.92 5.54
CA CYS A 18 -10.24 -6.51 5.39
C CYS A 18 -10.95 -6.41 6.74
N GLU A 19 -11.67 -5.32 6.95
CA GLU A 19 -12.53 -5.07 8.10
C GLU A 19 -13.85 -4.47 7.61
N ASN A 20 -14.96 -5.17 7.83
CA ASN A 20 -16.28 -4.86 7.27
C ASN A 20 -16.27 -4.77 5.72
N GLN A 21 -15.82 -5.86 5.08
CA GLN A 21 -15.89 -6.14 3.63
C GLN A 21 -15.06 -5.20 2.74
N ALA A 22 -14.01 -4.59 3.29
CA ALA A 22 -13.19 -3.59 2.62
C ALA A 22 -11.80 -3.52 3.30
N PRO A 23 -10.70 -3.53 2.53
CA PRO A 23 -9.34 -3.50 3.06
C PRO A 23 -8.92 -2.12 3.57
N VAL A 24 -8.79 -1.98 4.89
CA VAL A 24 -8.38 -0.76 5.62
C VAL A 24 -6.97 -0.87 6.21
N HIS A 25 -6.12 -1.82 5.77
CA HIS A 25 -4.71 -1.91 6.22
C HIS A 25 -3.84 -2.60 5.16
N PHE A 26 -2.58 -2.16 5.04
CA PHE A 26 -1.56 -2.85 4.26
C PHE A 26 -0.84 -3.88 5.15
N VAL A 27 -0.37 -4.99 4.56
CA VAL A 27 0.42 -6.03 5.27
C VAL A 27 1.77 -6.30 4.61
N GLY A 28 1.82 -6.45 3.28
CA GLY A 28 3.05 -6.81 2.57
C GLY A 28 2.90 -6.89 1.06
N VAL A 29 3.99 -7.23 0.37
CA VAL A 29 4.11 -7.24 -1.09
C VAL A 29 4.74 -8.54 -1.58
N GLY A 30 4.00 -9.30 -2.40
CA GLY A 30 4.38 -10.66 -2.83
C GLY A 30 4.26 -11.74 -1.75
N SER A 31 3.78 -11.37 -0.55
CA SER A 31 3.70 -12.18 0.68
C SER A 31 2.94 -11.39 1.76
N CYS A 32 2.57 -12.05 2.86
CA CYS A 32 2.14 -11.43 4.10
C CYS A 32 3.27 -11.51 5.14
N GLY A 33 3.41 -10.46 5.95
CA GLY A 33 4.32 -10.45 7.11
C GLY A 33 3.85 -11.39 8.23
N SER A 34 4.77 -11.83 9.09
CA SER A 34 4.46 -12.69 10.24
C SER A 34 3.69 -11.92 11.34
N GLY A 35 2.95 -12.63 12.19
CA GLY A 35 2.15 -12.08 13.29
C GLY A 35 2.90 -11.95 14.62
N GLY A 36 2.26 -11.35 15.61
CA GLY A 36 2.74 -11.23 17.00
C GLY A 36 3.74 -10.08 17.26
N SER A 37 4.08 -9.30 16.22
CA SER A 37 5.02 -8.16 16.30
C SER A 37 4.35 -6.88 16.85
N GLY A 38 5.18 -5.92 17.28
CA GLY A 38 4.77 -4.65 17.92
C GLY A 38 4.98 -3.39 17.07
N ILE A 39 5.18 -3.54 15.75
CA ILE A 39 5.52 -2.47 14.80
C ILE A 39 4.40 -1.41 14.73
N PHE A 40 4.79 -0.14 14.70
CA PHE A 40 3.90 1.04 14.66
C PHE A 40 4.47 2.19 13.78
N LEU A 41 5.42 1.89 12.89
CA LEU A 41 6.12 2.89 12.07
C LEU A 41 5.32 3.32 10.83
N GLU A 42 4.28 2.56 10.49
CA GLU A 42 3.40 2.76 9.34
C GLU A 42 2.23 3.73 9.64
N THR A 43 1.46 4.08 8.60
CA THR A 43 0.22 4.89 8.73
C THR A 43 -0.84 4.21 9.63
N SER A 44 -0.91 2.88 9.60
CA SER A 44 -1.86 2.01 10.31
C SER A 44 -3.32 2.51 10.27
N LEU A 45 -3.94 2.35 9.11
CA LEU A 45 -5.30 2.83 8.76
C LEU A 45 -6.47 2.15 9.52
N SER A 46 -6.21 1.21 10.43
CA SER A 46 -7.23 0.48 11.20
C SER A 46 -8.12 1.37 12.10
N ALA A 47 -7.56 2.46 12.63
CA ALA A 47 -8.22 3.38 13.56
C ALA A 47 -7.94 4.83 13.17
N GLY A 48 -8.99 5.56 12.79
CA GLY A 48 -8.92 6.94 12.29
C GLY A 48 -8.85 7.07 10.76
N SER A 49 -8.85 5.95 10.01
CA SER A 49 -8.93 5.90 8.56
C SER A 49 -9.88 4.77 8.09
N ASP A 50 -9.96 4.56 6.79
CA ASP A 50 -10.85 3.61 6.13
C ASP A 50 -10.31 3.23 4.73
N TRP A 51 -11.00 2.30 4.08
CA TRP A 51 -10.72 1.81 2.72
C TRP A 51 -10.77 2.92 1.65
N LEU A 52 -11.67 3.90 1.82
CA LEU A 52 -11.82 5.01 0.88
C LEU A 52 -10.52 5.85 0.82
N THR A 53 -9.91 6.16 1.96
CA THR A 53 -8.60 6.85 2.03
C THR A 53 -7.40 5.92 1.79
N PHE A 54 -7.49 4.62 2.08
CA PHE A 54 -6.45 3.60 1.83
C PHE A 54 -5.95 3.60 0.38
N GLN A 55 -6.89 3.71 -0.57
CA GLN A 55 -6.61 3.85 -2.00
C GLN A 55 -5.72 5.08 -2.26
N LYS A 56 -6.22 6.27 -1.92
CA LYS A 56 -5.47 7.54 -2.13
C LYS A 56 -4.09 7.54 -1.45
N LYS A 57 -3.91 6.78 -0.36
CA LYS A 57 -2.66 6.69 0.41
C LYS A 57 -1.47 6.07 -0.35
N HIS A 58 -1.66 4.90 -1.00
CA HIS A 58 -0.55 4.18 -1.68
C HIS A 58 -0.96 3.36 -2.91
N ILE A 59 -2.11 3.67 -3.51
CA ILE A 59 -2.64 2.99 -4.71
C ILE A 59 -2.98 4.03 -5.78
N THR A 60 -2.83 3.66 -7.05
CA THR A 60 -3.20 4.51 -8.19
C THR A 60 -3.77 3.73 -9.38
N ASN A 61 -4.59 4.39 -10.20
CA ASN A 61 -5.05 3.95 -11.52
C ASN A 61 -4.07 4.36 -12.65
N THR A 62 -2.96 5.03 -12.33
CA THR A 62 -1.89 5.44 -13.26
C THR A 62 -0.61 5.83 -12.50
N ARG A 63 0.42 4.97 -12.51
CA ARG A 63 1.74 5.29 -11.95
C ARG A 63 2.44 6.39 -12.76
N ASP A 64 2.48 7.60 -12.21
CA ASP A 64 3.20 8.77 -12.75
C ASP A 64 4.31 9.28 -11.82
N VAL A 65 4.54 8.58 -10.69
CA VAL A 65 5.50 8.97 -9.64
C VAL A 65 6.95 8.63 -10.03
N ASP A 66 7.89 9.51 -9.65
CA ASP A 66 9.34 9.41 -9.97
C ASP A 66 10.25 9.62 -8.74
N CYS A 67 9.66 9.74 -7.54
CA CYS A 67 10.32 10.01 -6.25
C CYS A 67 11.26 11.24 -6.29
N ASP A 68 10.76 12.33 -6.88
CA ASP A 68 11.40 13.66 -7.01
C ASP A 68 10.40 14.82 -7.09
N ASN A 69 9.19 14.59 -7.61
CA ASN A 69 8.11 15.60 -7.75
C ASN A 69 6.97 15.43 -6.72
N ILE A 70 7.03 14.39 -5.88
CA ILE A 70 6.04 14.08 -4.81
C ILE A 70 5.89 15.19 -3.76
N MET A 71 6.80 16.16 -3.74
CA MET A 71 6.66 17.42 -2.99
C MET A 71 5.34 18.15 -3.34
N SER A 72 4.87 18.01 -4.59
CA SER A 72 3.63 18.61 -5.12
C SER A 72 2.38 17.72 -4.94
N THR A 73 2.52 16.47 -4.46
CA THR A 73 1.43 15.49 -4.32
C THR A 73 1.08 15.22 -2.84
N ASN A 74 0.18 14.26 -2.56
CA ASN A 74 -0.17 13.84 -1.20
C ASN A 74 1.02 13.25 -0.40
N LEU A 75 2.06 12.80 -1.09
CA LEU A 75 3.17 12.00 -0.55
C LEU A 75 4.39 12.85 -0.15
N PHE A 76 4.22 14.17 0.01
CA PHE A 76 5.26 15.19 0.23
C PHE A 76 5.97 15.09 1.59
N HIS A 77 5.46 14.22 2.47
CA HIS A 77 5.87 14.00 3.86
C HIS A 77 7.33 13.50 4.05
N CYS A 78 8.06 13.25 2.96
CA CYS A 78 9.48 12.84 2.90
C CYS A 78 9.84 11.61 3.77
N LYS A 79 8.90 10.67 3.88
CA LYS A 79 9.05 9.33 4.50
C LYS A 79 10.11 8.46 3.80
N ASP A 80 10.54 7.39 4.46
CA ASP A 80 11.65 6.51 4.03
C ASP A 80 11.38 5.78 2.69
N LYS A 81 10.13 5.31 2.49
CA LYS A 81 9.63 4.75 1.23
C LYS A 81 8.11 4.73 1.16
N ASN A 82 7.57 4.53 -0.04
CA ASN A 82 6.16 4.16 -0.26
C ASN A 82 6.08 2.97 -1.24
N THR A 83 5.09 2.10 -1.07
CA THR A 83 4.80 0.95 -1.93
C THR A 83 3.55 1.23 -2.76
N PHE A 84 3.73 1.78 -3.97
CA PHE A 84 2.62 2.10 -4.88
C PHE A 84 2.13 0.87 -5.64
N ILE A 85 0.82 0.61 -5.53
CA ILE A 85 0.10 -0.44 -6.26
C ILE A 85 -0.62 0.19 -7.46
N TYR A 86 -0.26 -0.19 -8.69
CA TYR A 86 -1.02 0.17 -9.89
C TYR A 86 -2.14 -0.85 -10.14
N SER A 87 -3.31 -0.63 -9.51
CA SER A 87 -4.53 -1.45 -9.64
C SER A 87 -5.82 -0.62 -9.62
N ARG A 88 -6.90 -1.17 -10.20
CA ARG A 88 -8.28 -0.73 -9.98
C ARG A 88 -8.77 -1.10 -8.57
N PRO A 89 -9.85 -0.50 -8.05
CA PRO A 89 -10.38 -0.85 -6.72
C PRO A 89 -11.03 -2.25 -6.65
N GLU A 90 -11.50 -2.80 -7.77
CA GLU A 90 -12.20 -4.11 -7.81
C GLU A 90 -11.32 -5.28 -7.31
N PRO A 91 -10.14 -5.55 -7.91
CA PRO A 91 -9.26 -6.65 -7.47
C PRO A 91 -8.59 -6.44 -6.10
N VAL A 92 -8.85 -5.31 -5.43
CA VAL A 92 -8.37 -4.97 -4.09
C VAL A 92 -9.49 -5.16 -3.07
N LYS A 93 -10.66 -4.54 -3.28
CA LYS A 93 -11.81 -4.65 -2.38
C LYS A 93 -12.42 -6.06 -2.35
N ALA A 94 -12.60 -6.66 -3.52
CA ALA A 94 -13.31 -7.94 -3.70
C ALA A 94 -12.50 -9.18 -3.28
N ILE A 95 -11.24 -9.01 -2.87
CA ILE A 95 -10.44 -10.07 -2.22
C ILE A 95 -11.21 -10.67 -1.03
N CYS A 96 -11.94 -9.84 -0.28
CA CYS A 96 -12.86 -10.27 0.78
C CYS A 96 -14.34 -10.13 0.42
N LYS A 97 -15.20 -10.90 1.11
CA LYS A 97 -16.66 -10.95 0.93
C LYS A 97 -17.32 -11.44 2.24
N GLY A 98 -17.87 -10.50 3.01
CA GLY A 98 -18.54 -10.78 4.30
C GLY A 98 -17.61 -10.77 5.53
N ILE A 99 -16.32 -10.46 5.34
CA ILE A 99 -15.30 -10.45 6.41
C ILE A 99 -15.49 -9.22 7.33
N ILE A 100 -15.80 -9.48 8.59
CA ILE A 100 -15.85 -8.51 9.70
C ILE A 100 -14.68 -8.73 10.69
N ALA A 101 -13.98 -9.86 10.57
CA ALA A 101 -12.99 -10.40 11.51
C ALA A 101 -11.61 -9.67 11.53
N SER A 102 -11.44 -8.55 10.82
CA SER A 102 -10.17 -7.85 10.61
C SER A 102 -9.05 -8.78 10.10
N LYS A 103 -9.22 -9.33 8.88
CA LYS A 103 -8.30 -10.25 8.20
C LYS A 103 -8.48 -10.19 6.67
N ASN A 104 -7.49 -10.63 5.89
CA ASN A 104 -7.66 -10.94 4.46
C ASN A 104 -6.79 -12.14 4.05
N VAL A 105 -6.64 -12.35 2.74
CA VAL A 105 -5.66 -13.25 2.12
C VAL A 105 -4.83 -12.48 1.08
N LEU A 106 -3.56 -12.86 0.89
CA LEU A 106 -2.71 -12.40 -0.21
C LEU A 106 -3.39 -12.65 -1.58
N THR A 107 -3.22 -11.72 -2.52
CA THR A 107 -3.65 -11.90 -3.92
C THR A 107 -2.90 -13.03 -4.65
N THR A 108 -3.35 -13.34 -5.87
CA THR A 108 -2.86 -14.42 -6.74
C THR A 108 -2.23 -13.90 -8.04
N SER A 109 -2.79 -12.84 -8.60
CA SER A 109 -2.32 -12.15 -9.83
C SER A 109 -1.07 -11.30 -9.59
N GLU A 110 -0.48 -10.78 -10.66
CA GLU A 110 0.76 -9.97 -10.62
C GLU A 110 0.51 -8.56 -11.17
N PHE A 111 0.45 -7.57 -10.29
CA PHE A 111 0.13 -6.17 -10.57
C PHE A 111 1.42 -5.35 -10.67
N TYR A 112 1.36 -4.15 -11.27
CA TYR A 112 2.52 -3.26 -11.36
C TYR A 112 2.85 -2.67 -9.98
N LEU A 113 3.94 -3.14 -9.38
CA LEU A 113 4.43 -2.69 -8.07
C LEU A 113 5.59 -1.70 -8.22
N SER A 114 5.48 -0.57 -7.53
CA SER A 114 6.38 0.59 -7.64
C SER A 114 6.82 1.01 -6.23
N ASP A 115 7.97 0.51 -5.80
CA ASP A 115 8.64 0.96 -4.58
C ASP A 115 9.56 2.15 -4.87
N CYS A 116 9.97 2.84 -3.81
CA CYS A 116 11.20 3.61 -3.72
C CYS A 116 11.96 3.22 -2.44
N ASN A 117 13.23 3.63 -2.29
CA ASN A 117 13.99 3.45 -1.04
C ASN A 117 14.92 4.66 -0.84
N VAL A 118 14.81 5.34 0.31
CA VAL A 118 15.67 6.49 0.66
C VAL A 118 17.17 6.14 0.59
N THR A 119 18.00 7.12 0.20
CA THR A 119 19.47 7.02 0.18
C THR A 119 20.12 8.26 0.84
N SER A 120 20.15 8.20 2.18
CA SER A 120 20.73 9.21 3.10
C SER A 120 22.22 9.48 2.85
#